data_2WMC
#
_entry.id   2WMC
#
_cell.length_a   73.612
_cell.length_b   136.320
_cell.length_c   74.415
_cell.angle_alpha   90.00
_cell.angle_beta   92.65
_cell.angle_gamma   90.00
#
_symmetry.space_group_name_H-M   'P 1 21 1'
#
loop_
_entity.id
_entity.type
_entity.pdbx_description
1 polymer 'EUKARYOTIC TRANSLATION INITIATION FACTOR 4E'
2 non-polymer "7-METHYL-GUANOSINE-5'-TRIPHOSPHATE"
3 water water
#
_entity_poly.entity_id   1
_entity_poly.type   'polypeptide(L)'
_entity_poly.pdbx_seq_one_letter_code
;MPHLLENSWTFWFDTPAAKSKQAAWGSSMRPIYTFSTVEEFWSIYNNIHHPGKLAVGADFYCFKHKIEPKWEDPICANGG
KWTANYPKGKSDTSWLYTLLAMIGEQFDHGDEICGAVVNVRGRAEKISIWTKNASNEAAQVSIGKQWKEFLDYNETMGFI
FHDDARKLDRNAKNKYVV
;
_entity_poly.pdbx_strand_id   A,B,C,D,E,F,G,H
#
# COMPACT_ATOMS: atom_id res chain seq x y z
N PRO A 2 -15.34 35.74 -0.58
CA PRO A 2 -14.39 35.03 0.26
C PRO A 2 -13.29 35.91 0.74
N HIS A 3 -12.28 35.30 1.32
CA HIS A 3 -11.15 36.03 1.86
C HIS A 3 -9.87 35.68 1.12
N LEU A 4 -9.61 36.52 0.14
CA LEU A 4 -8.42 36.44 -0.73
C LEU A 4 -7.14 36.63 0.05
N LEU A 5 -6.21 35.72 -0.17
CA LEU A 5 -4.88 35.83 0.43
C LEU A 5 -3.98 36.74 -0.40
N GLU A 6 -3.03 37.36 0.26
CA GLU A 6 -2.09 38.28 -0.40
C GLU A 6 -1.34 37.53 -1.49
N ASN A 7 -1.16 36.26 -1.24
CA ASN A 7 -0.45 35.37 -2.16
C ASN A 7 -1.21 34.09 -2.40
N SER A 8 -0.94 33.51 -3.54
CA SER A 8 -1.33 32.13 -3.84
C SER A 8 -0.24 31.17 -3.36
N TRP A 9 -0.67 30.07 -2.76
CA TRP A 9 0.24 29.02 -2.27
C TRP A 9 -0.04 27.65 -2.86
N THR A 10 1.04 26.90 -3.00
CA THR A 10 0.98 25.58 -3.55
C THR A 10 1.45 24.53 -2.58
N PHE A 11 0.59 23.54 -2.40
CA PHE A 11 0.92 22.31 -1.69
C PHE A 11 1.58 21.29 -2.60
N TRP A 12 2.75 20.84 -2.16
CA TRP A 12 3.51 19.73 -2.78
C TRP A 12 3.71 18.54 -1.82
N PHE A 13 3.56 17.34 -2.35
CA PHE A 13 4.00 16.12 -1.68
C PHE A 13 5.16 15.52 -2.42
N ASP A 14 6.15 15.11 -1.65
CA ASP A 14 7.20 14.20 -2.09
C ASP A 14 7.04 12.92 -1.25
N THR A 15 6.42 11.90 -1.87
CA THR A 15 6.06 10.65 -1.15
C THR A 15 7.17 9.61 -1.26
N PRO A 16 7.25 8.75 -0.26
CA PRO A 16 8.14 7.61 -0.28
C PRO A 16 7.99 6.84 -1.57
N ALA A 17 6.75 6.62 -2.01
CA ALA A 17 6.50 5.83 -3.21
C ALA A 17 7.14 6.50 -4.42
N ALA A 18 7.03 7.82 -4.45
CA ALA A 18 7.50 8.61 -5.59
C ALA A 18 9.01 8.71 -5.51
N LYS A 19 9.52 8.64 -4.31
CA LYS A 19 10.95 8.79 -4.09
C LYS A 19 11.58 7.49 -4.52
N SER A 20 10.78 6.45 -4.51
CA SER A 20 11.31 5.10 -4.74
C SER A 20 11.66 4.98 -6.22
N LYS A 21 11.01 5.83 -6.99
CA LYS A 21 11.06 5.78 -8.47
C LYS A 21 11.95 6.88 -9.04
N GLN A 22 12.38 7.73 -8.12
CA GLN A 22 13.19 8.95 -8.35
C GLN A 22 14.38 8.83 -9.28
N ALA A 23 14.56 9.85 -10.11
CA ALA A 23 15.74 10.01 -11.00
C ALA A 23 16.88 10.77 -10.32
N ALA A 24 16.49 11.79 -9.60
CA ALA A 24 17.38 12.61 -8.78
C ALA A 24 16.60 12.99 -7.54
N TRP A 25 17.28 13.59 -6.57
CA TRP A 25 16.55 14.17 -5.45
C TRP A 25 15.47 15.14 -5.95
N GLY A 26 14.26 14.93 -5.43
CA GLY A 26 13.14 15.86 -5.56
C GLY A 26 12.47 15.89 -6.90
N SER A 27 12.87 14.99 -7.78
CA SER A 27 12.42 15.03 -9.17
C SER A 27 11.05 14.40 -9.12
N SER A 28 10.74 13.97 -7.91
CA SER A 28 9.55 13.15 -7.61
C SER A 28 8.41 13.97 -7.00
N MET A 29 8.81 15.16 -6.59
CA MET A 29 7.96 16.12 -5.90
C MET A 29 6.84 16.52 -6.85
N ARG A 30 5.62 16.57 -6.32
CA ARG A 30 4.45 16.90 -7.13
C ARG A 30 3.65 18.04 -6.52
N PRO A 31 3.31 19.07 -7.31
CA PRO A 31 2.39 20.11 -6.88
C PRO A 31 0.96 19.59 -6.99
N ILE A 32 0.27 19.57 -5.86
CA ILE A 32 -1.00 18.87 -5.74
C ILE A 32 -2.14 19.85 -5.99
N TYR A 33 -1.94 21.06 -5.49
CA TYR A 33 -3.01 22.06 -5.44
C TYR A 33 -2.54 23.42 -5.08
N THR A 34 -3.17 24.41 -5.70
CA THR A 34 -2.82 25.82 -5.49
C THR A 34 -4.07 26.54 -5.06
N PHE A 35 -3.97 27.24 -3.96
CA PHE A 35 -5.12 27.91 -3.34
C PHE A 35 -4.84 29.39 -3.18
N SER A 36 -5.91 30.17 -3.19
CA SER A 36 -5.81 31.64 -3.25
C SER A 36 -6.71 32.38 -2.25
N THR A 37 -7.54 31.61 -1.54
CA THR A 37 -8.40 32.18 -0.50
C THR A 37 -8.29 31.44 0.78
N VAL A 38 -8.90 32.03 1.78
CA VAL A 38 -8.78 31.53 3.14
C VAL A 38 -9.58 30.25 3.18
N GLU A 39 -10.72 30.31 2.51
CA GLU A 39 -11.71 29.23 2.55
C GLU A 39 -11.25 28.05 1.70
N GLU A 40 -10.52 28.35 0.64
CA GLU A 40 -10.01 27.34 -0.29
C GLU A 40 -8.87 26.60 0.38
N PHE A 41 -8.23 27.27 1.30
CA PHE A 41 -7.13 26.69 2.06
C PHE A 41 -7.67 25.57 2.91
N TRP A 42 -8.67 25.92 3.69
CA TRP A 42 -9.35 24.97 4.60
C TRP A 42 -9.95 23.82 3.85
N SER A 43 -10.38 24.12 2.65
CA SER A 43 -11.07 23.15 1.81
C SER A 43 -10.12 22.03 1.45
N ILE A 44 -8.98 22.41 0.92
CA ILE A 44 -7.95 21.44 0.51
C ILE A 44 -7.18 20.91 1.72
N TYR A 45 -6.80 21.79 2.63
CA TYR A 45 -6.02 21.34 3.79
C TYR A 45 -6.72 20.20 4.55
N ASN A 46 -8.02 20.32 4.78
CA ASN A 46 -8.72 19.33 5.61
C ASN A 46 -9.11 18.11 4.83
N ASN A 47 -8.67 18.09 3.59
CA ASN A 47 -8.92 16.93 2.73
C ASN A 47 -7.67 16.19 2.37
N ILE A 48 -6.55 16.68 2.86
CA ILE A 48 -5.26 16.01 2.65
C ILE A 48 -4.62 15.53 3.91
N HIS A 49 -3.66 14.65 3.69
CA HIS A 49 -2.92 13.97 4.78
C HIS A 49 -2.14 14.99 5.59
N HIS A 50 -2.33 14.90 6.90
CA HIS A 50 -1.58 15.70 7.87
C HIS A 50 -0.39 14.90 8.41
N PRO A 51 0.63 15.59 8.94
CA PRO A 51 1.85 14.81 9.12
C PRO A 51 1.69 13.55 9.98
N GLY A 52 0.77 13.61 10.92
CA GLY A 52 0.58 12.51 11.87
C GLY A 52 0.09 11.24 11.21
N LYS A 53 -0.29 11.37 9.94
CA LYS A 53 -0.87 10.26 9.16
C LYS A 53 -0.13 10.04 7.85
N LEU A 54 1.09 10.56 7.81
CA LEU A 54 1.98 10.41 6.66
C LEU A 54 3.06 9.38 6.99
N ALA A 55 3.44 8.59 6.00
CA ALA A 55 4.50 7.59 6.20
C ALA A 55 5.86 8.23 6.39
N VAL A 56 6.72 7.49 7.05
CA VAL A 56 8.08 7.92 7.30
C VAL A 56 8.72 8.11 5.92
N GLY A 57 9.30 9.28 5.73
CA GLY A 57 9.98 9.62 4.47
C GLY A 57 9.22 10.67 3.65
N ALA A 58 7.96 10.87 4.01
CA ALA A 58 7.14 11.90 3.38
C ALA A 58 7.63 13.28 3.70
N ASP A 59 7.66 14.10 2.66
CA ASP A 59 7.84 15.54 2.80
C ASP A 59 6.63 16.19 2.21
N PHE A 60 6.14 17.19 2.94
CA PHE A 60 4.92 17.91 2.63
C PHE A 60 5.24 19.39 2.63
N TYR A 61 5.02 20.03 1.49
CA TYR A 61 5.37 21.45 1.31
C TYR A 61 4.20 22.36 1.08
N CYS A 62 4.35 23.57 1.58
CA CYS A 62 3.47 24.68 1.25
C CYS A 62 4.28 25.93 0.95
N PHE A 63 4.35 26.26 -0.33
CA PHE A 63 5.23 27.32 -0.85
C PHE A 63 4.44 28.28 -1.71
N LYS A 64 4.86 29.54 -1.71
CA LYS A 64 4.28 30.52 -2.61
C LYS A 64 4.28 29.99 -4.03
N HIS A 65 3.19 30.29 -4.72
CA HIS A 65 3.00 29.84 -6.09
C HIS A 65 4.17 30.21 -6.96
N LYS A 66 4.64 29.21 -7.70
CA LYS A 66 5.73 29.34 -8.67
C LYS A 66 7.15 29.22 -8.10
N ILE A 67 7.25 29.26 -6.78
CA ILE A 67 8.48 28.83 -6.09
C ILE A 67 8.55 27.31 -5.91
N GLU A 68 9.61 26.72 -6.45
CA GLU A 68 9.91 25.29 -6.22
C GLU A 68 10.70 25.13 -4.90
N PRO A 69 10.27 24.18 -4.07
CA PRO A 69 10.99 23.94 -2.84
C PRO A 69 12.31 23.26 -3.05
N LYS A 70 13.26 24.08 -3.47
CA LYS A 70 14.59 23.62 -3.85
C LYS A 70 15.71 24.65 -3.65
N TRP A 71 16.81 24.13 -3.14
CA TRP A 71 18.03 24.93 -2.93
C TRP A 71 18.30 25.67 -4.19
N GLU A 72 18.20 24.91 -5.28
CA GLU A 72 18.55 25.39 -6.64
C GLU A 72 17.43 26.16 -7.36
N ASP A 73 16.31 26.39 -6.67
CA ASP A 73 15.29 27.28 -7.22
C ASP A 73 15.88 28.66 -7.11
N PRO A 74 15.72 29.50 -8.13
CA PRO A 74 16.49 30.75 -8.09
C PRO A 74 16.04 31.72 -7.02
N ILE A 75 14.83 31.55 -6.53
CA ILE A 75 14.27 32.49 -5.56
C ILE A 75 14.75 32.04 -4.18
N CYS A 76 15.08 30.75 -4.13
CA CYS A 76 15.42 30.09 -2.88
C CYS A 76 16.93 30.13 -2.67
N ALA A 77 17.64 30.38 -3.76
CA ALA A 77 19.07 30.08 -3.86
C ALA A 77 19.92 30.76 -2.81
N ASN A 78 19.51 31.95 -2.43
CA ASN A 78 20.33 32.82 -1.57
C ASN A 78 19.73 32.91 -0.20
N GLY A 79 18.85 31.96 0.07
CA GLY A 79 18.17 31.88 1.34
C GLY A 79 18.62 30.75 2.24
N GLY A 80 17.71 30.38 3.12
CA GLY A 80 17.96 29.41 4.16
C GLY A 80 16.71 28.85 4.79
N LYS A 81 16.89 28.23 5.94
CA LYS A 81 15.76 27.63 6.66
C LYS A 81 15.97 27.59 8.16
N TRP A 82 14.89 27.98 8.85
CA TRP A 82 14.72 27.76 10.28
C TRP A 82 14.05 26.43 10.47
N THR A 83 14.49 25.70 11.49
CA THR A 83 13.98 24.35 11.77
C THR A 83 13.59 24.10 13.23
N ALA A 84 12.36 23.60 13.35
CA ALA A 84 11.79 23.10 14.60
C ALA A 84 11.61 21.59 14.56
N ASN A 85 11.83 20.99 15.72
CA ASN A 85 11.73 19.54 15.91
C ASN A 85 10.59 19.16 16.81
N TYR A 86 9.89 18.10 16.42
CA TYR A 86 8.72 17.56 17.14
C TYR A 86 8.80 16.05 17.29
N PRO A 87 8.20 15.53 18.37
CA PRO A 87 8.05 14.10 18.44
C PRO A 87 7.08 13.58 17.40
N LYS A 88 7.36 12.36 17.01
CA LYS A 88 6.48 11.60 16.15
C LYS A 88 5.04 11.83 16.56
N GLY A 89 4.25 12.23 15.58
CA GLY A 89 2.79 12.31 15.74
C GLY A 89 2.37 13.54 16.51
N LYS A 90 3.33 14.39 16.83
CA LYS A 90 3.09 15.59 17.68
C LYS A 90 3.29 16.94 16.98
N SER A 91 3.21 16.97 15.66
CA SER A 91 3.51 18.19 14.94
C SER A 91 2.30 18.77 14.21
N ASP A 92 1.18 18.05 14.24
CA ASP A 92 0.09 18.46 13.35
C ASP A 92 -0.30 19.91 13.60
N THR A 93 -0.44 20.26 14.86
CA THR A 93 -1.08 21.53 15.24
C THR A 93 -0.09 22.67 14.95
N SER A 94 1.18 22.35 15.11
CA SER A 94 2.28 23.30 14.87
C SER A 94 2.47 23.49 13.37
N TRP A 95 2.23 22.42 12.62
CA TRP A 95 2.23 22.50 11.14
C TRP A 95 1.19 23.49 10.63
N LEU A 96 -0.02 23.32 11.16
CA LEU A 96 -1.15 24.21 10.87
C LEU A 96 -0.91 25.70 11.20
N TYR A 97 -0.35 25.95 12.37
CA TYR A 97 -0.15 27.34 12.79
C TYR A 97 0.93 27.99 11.95
N THR A 98 1.84 27.18 11.48
CA THR A 98 2.94 27.64 10.62
C THR A 98 2.35 28.11 9.31
N LEU A 99 1.49 27.24 8.80
CA LEU A 99 0.74 27.54 7.58
C LEU A 99 -0.13 28.77 7.74
N LEU A 100 -0.92 28.84 8.81
CA LEU A 100 -1.85 29.97 8.97
C LEU A 100 -1.07 31.28 9.16
N ALA A 101 0.13 31.17 9.70
CA ALA A 101 1.00 32.34 9.98
C ALA A 101 1.57 32.83 8.66
N MET A 102 1.97 31.89 7.82
CA MET A 102 2.44 32.19 6.47
C MET A 102 1.33 32.79 5.59
N ILE A 103 0.24 32.07 5.39
CA ILE A 103 -0.78 32.53 4.42
C ILE A 103 -1.48 33.79 4.91
N GLY A 104 -1.47 34.01 6.22
CA GLY A 104 -2.08 35.21 6.82
C GLY A 104 -1.15 36.40 6.77
N GLU A 105 0.04 36.13 6.25
CA GLU A 105 1.10 37.14 6.13
C GLU A 105 1.38 37.76 7.47
N GLN A 106 1.53 36.92 8.49
CA GLN A 106 1.69 37.42 9.87
C GLN A 106 3.11 37.84 10.26
N PHE A 107 4.08 37.45 9.45
CA PHE A 107 5.48 37.75 9.79
C PHE A 107 5.85 39.17 9.39
N ASP A 108 6.46 39.86 10.34
CA ASP A 108 6.90 41.25 10.17
C ASP A 108 7.73 41.40 8.91
N HIS A 109 8.59 40.41 8.70
CA HIS A 109 9.52 40.41 7.57
C HIS A 109 9.11 39.35 6.54
N GLY A 110 7.80 39.25 6.36
CA GLY A 110 7.16 38.17 5.59
C GLY A 110 7.52 38.07 4.12
N ASP A 111 8.15 39.12 3.59
CA ASP A 111 8.52 39.13 2.17
C ASP A 111 9.60 38.11 1.89
N GLU A 112 10.36 37.76 2.92
CA GLU A 112 11.50 36.83 2.78
C GLU A 112 11.02 35.39 2.69
N ILE A 113 9.80 35.19 3.14
CA ILE A 113 9.24 33.84 3.27
C ILE A 113 8.91 33.22 1.93
N CYS A 114 9.49 32.04 1.75
CA CYS A 114 9.32 31.25 0.53
C CYS A 114 8.24 30.20 0.72
N GLY A 115 8.26 29.61 1.90
CA GLY A 115 7.44 28.43 2.18
C GLY A 115 7.93 27.62 3.34
N ALA A 116 7.14 26.61 3.67
CA ALA A 116 7.49 25.66 4.71
C ALA A 116 7.23 24.23 4.29
N VAL A 117 7.88 23.37 5.05
CA VAL A 117 7.84 21.92 4.82
C VAL A 117 7.83 21.20 6.15
N VAL A 118 7.13 20.07 6.16
CA VAL A 118 7.19 19.15 7.26
C VAL A 118 7.71 17.84 6.75
N ASN A 119 8.71 17.36 7.46
CA ASN A 119 9.44 16.16 7.15
C ASN A 119 9.10 15.09 8.14
N VAL A 120 8.52 14.01 7.66
CA VAL A 120 8.14 12.94 8.54
C VAL A 120 9.24 11.91 8.48
N ARG A 121 9.86 11.67 9.63
CA ARG A 121 10.95 10.72 9.73
C ARG A 121 10.72 9.67 10.81
N GLY A 122 11.76 8.86 10.99
CA GLY A 122 11.68 7.65 11.80
C GLY A 122 11.56 7.88 13.30
N ARG A 123 12.38 8.79 13.80
CA ARG A 123 12.47 9.11 15.23
C ARG A 123 11.71 10.39 15.61
N ALA A 124 11.48 11.24 14.63
CA ALA A 124 10.88 12.55 14.88
C ALA A 124 10.28 13.13 13.64
N GLU A 125 9.69 14.30 13.80
CA GLU A 125 9.20 15.11 12.67
C GLU A 125 9.79 16.51 12.74
N LYS A 126 10.10 17.07 11.58
CA LYS A 126 10.68 18.43 11.47
C LYS A 126 9.77 19.34 10.70
N ILE A 127 9.74 20.58 11.16
CA ILE A 127 9.20 21.67 10.35
C ILE A 127 10.22 22.74 10.13
N SER A 128 10.38 23.13 8.87
CA SER A 128 11.25 24.23 8.47
C SER A 128 10.51 25.26 7.66
N ILE A 129 10.84 26.51 7.96
CA ILE A 129 10.45 27.62 7.14
C ILE A 129 11.64 28.00 6.30
N TRP A 130 11.37 28.11 5.01
CA TRP A 130 12.34 28.48 4.00
C TRP A 130 12.15 29.93 3.67
N THR A 131 13.26 30.66 3.78
CA THR A 131 13.31 32.11 3.53
C THR A 131 14.26 32.47 2.40
N LYS A 132 14.18 33.74 2.05
CA LYS A 132 14.81 34.24 0.84
C LYS A 132 16.15 34.93 1.01
N ASN A 133 16.27 35.87 1.94
CA ASN A 133 17.49 36.70 1.88
C ASN A 133 18.39 36.45 3.08
N ALA A 134 19.14 35.35 2.98
CA ALA A 134 19.77 34.73 4.12
C ALA A 134 20.74 35.67 4.83
N SER A 135 21.25 36.62 4.07
CA SER A 135 22.39 37.45 4.55
C SER A 135 21.81 38.57 5.38
N ASN A 136 20.50 38.70 5.27
CA ASN A 136 19.78 39.67 6.06
C ASN A 136 19.46 39.08 7.42
N GLU A 137 20.49 39.05 8.24
CA GLU A 137 20.43 38.41 9.54
C GLU A 137 19.28 38.95 10.34
N ALA A 138 19.07 40.24 10.23
CA ALA A 138 18.09 40.93 11.07
C ALA A 138 16.70 40.45 10.71
N ALA A 139 16.52 40.14 9.44
CA ALA A 139 15.22 39.69 8.93
C ALA A 139 14.94 38.30 9.43
N GLN A 140 15.97 37.49 9.29
CA GLN A 140 15.91 36.04 9.54
C GLN A 140 15.71 35.76 11.00
N VAL A 141 16.42 36.54 11.79
CA VAL A 141 16.33 36.50 13.26
C VAL A 141 14.94 36.94 13.75
N SER A 142 14.39 37.97 13.12
CA SER A 142 13.01 38.41 13.40
C SER A 142 12.00 37.30 13.15
N ILE A 143 12.10 36.75 11.95
CA ILE A 143 11.23 35.68 11.47
C ILE A 143 11.29 34.48 12.41
N GLY A 144 12.48 34.03 12.73
CA GLY A 144 12.67 32.86 13.59
C GLY A 144 12.13 33.11 14.99
N LYS A 145 12.33 34.31 15.50
CA LYS A 145 11.86 34.67 16.83
C LYS A 145 10.35 34.71 16.83
N GLN A 146 9.81 35.13 15.71
CA GLN A 146 8.39 35.36 15.66
C GLN A 146 7.73 34.01 15.44
N TRP A 147 8.51 33.10 14.88
CA TRP A 147 7.97 31.75 14.57
C TRP A 147 7.87 30.92 15.84
N LYS A 148 8.89 31.05 16.69
CA LYS A 148 8.89 30.47 18.03
C LYS A 148 7.66 30.93 18.81
N GLU A 149 7.45 32.22 18.76
CA GLU A 149 6.31 32.85 19.44
C GLU A 149 4.98 32.27 18.92
N PHE A 150 4.88 32.10 17.60
CA PHE A 150 3.64 31.59 17.02
C PHE A 150 3.41 30.13 17.35
N LEU A 151 4.49 29.43 17.68
CA LEU A 151 4.49 27.97 17.88
C LEU A 151 4.51 27.62 19.35
N ASP A 152 4.99 28.56 20.14
CA ASP A 152 5.27 28.35 21.54
C ASP A 152 6.31 27.27 21.61
N TYR A 153 7.21 27.33 20.64
CA TYR A 153 8.44 26.51 20.63
C TYR A 153 9.42 27.11 21.60
N ASN A 154 9.86 26.31 22.55
CA ASN A 154 10.63 26.78 23.68
C ASN A 154 11.96 26.03 23.74
N GLU A 155 12.51 25.89 22.55
CA GLU A 155 13.83 25.37 22.36
C GLU A 155 14.60 26.24 21.37
N THR A 156 15.91 26.10 21.37
CA THR A 156 16.74 26.84 20.42
C THR A 156 16.43 26.29 19.06
N MET A 157 16.44 27.18 18.08
CA MET A 157 16.35 26.78 16.69
C MET A 157 17.40 27.48 15.86
N GLY A 158 17.88 26.77 14.85
CA GLY A 158 18.95 27.26 13.97
C GLY A 158 18.51 27.53 12.55
N PHE A 159 19.23 28.46 11.95
CA PHE A 159 19.08 28.87 10.55
C PHE A 159 20.29 28.43 9.76
N ILE A 160 20.03 27.55 8.80
CA ILE A 160 21.05 27.00 7.89
C ILE A 160 20.87 27.55 6.49
N PHE A 161 21.95 28.15 6.01
CA PHE A 161 22.03 28.69 4.64
C PHE A 161 21.95 27.55 3.61
N HIS A 162 21.16 27.73 2.57
CA HIS A 162 21.02 26.66 1.56
C HIS A 162 22.37 26.38 0.90
N ASP A 163 23.12 27.46 0.71
CA ASP A 163 24.47 27.38 0.15
C ASP A 163 25.25 26.32 0.85
N ASP A 164 25.29 26.49 2.16
CA ASP A 164 26.05 25.60 3.01
C ASP A 164 25.47 24.21 2.84
N ALA A 165 24.16 24.16 2.61
CA ALA A 165 23.46 22.86 2.58
C ALA A 165 23.90 22.22 1.28
N ARG A 166 24.02 23.09 0.30
CA ARG A 166 24.33 22.71 -1.09
C ARG A 166 25.76 22.19 -1.20
N ARG A 170 24.83 17.58 5.56
CA ARG A 170 24.71 17.07 6.91
C ARG A 170 25.84 17.64 7.75
N ASN A 171 26.76 18.27 7.05
CA ASN A 171 27.89 18.95 7.67
C ASN A 171 27.65 20.44 7.59
N ALA A 172 26.39 20.76 7.35
CA ALA A 172 25.94 22.16 7.35
C ALA A 172 25.76 22.60 8.78
N LYS A 173 26.24 23.79 9.10
CA LYS A 173 26.10 24.28 10.47
C LYS A 173 25.16 25.49 10.52
N ASN A 174 24.49 25.64 11.65
CA ASN A 174 23.66 26.80 11.94
C ASN A 174 24.45 28.11 11.87
N LYS A 175 23.98 29.05 11.06
CA LYS A 175 24.63 30.37 10.99
C LYS A 175 24.02 31.29 12.04
N TYR A 176 22.73 31.16 12.24
CA TYR A 176 22.03 31.88 13.30
C TYR A 176 21.27 30.92 14.17
N VAL A 177 21.03 31.39 15.38
CA VAL A 177 20.32 30.65 16.43
C VAL A 177 19.45 31.57 17.28
N VAL A 178 18.19 31.19 17.46
CA VAL A 178 17.25 31.94 18.32
C VAL A 178 16.56 31.02 19.32
N PRO B 2 -25.66 39.71 1.81
CA PRO B 2 -25.84 38.33 2.21
C PRO B 2 -26.88 38.15 3.31
N HIS B 3 -26.58 37.19 4.18
CA HIS B 3 -27.47 36.87 5.31
C HIS B 3 -26.81 37.22 6.63
N LEU B 4 -27.45 38.19 7.25
CA LEU B 4 -26.95 38.98 8.38
C LEU B 4 -27.19 38.28 9.69
N LEU B 5 -26.10 38.01 10.40
CA LEU B 5 -26.15 37.46 11.78
C LEU B 5 -26.07 38.60 12.79
N GLU B 6 -26.86 38.53 13.86
CA GLU B 6 -26.89 39.62 14.85
C GLU B 6 -25.53 39.90 15.42
N ASN B 7 -24.78 38.82 15.61
CA ASN B 7 -23.41 38.85 16.15
C ASN B 7 -22.42 38.21 15.18
N SER B 8 -21.16 38.58 15.34
CA SER B 8 -20.04 37.85 14.72
C SER B 8 -19.45 36.86 15.72
N TRP B 9 -19.02 35.73 15.19
CA TRP B 9 -18.52 34.62 15.99
C TRP B 9 -17.21 34.16 15.44
N THR B 10 -16.39 33.60 16.33
CA THR B 10 -15.08 33.13 15.97
C THR B 10 -14.89 31.70 16.41
N PHE B 11 -14.41 30.89 15.47
CA PHE B 11 -13.99 29.50 15.72
C PHE B 11 -12.57 29.51 16.23
N TRP B 12 -12.40 28.78 17.32
CA TRP B 12 -11.11 28.55 17.96
C TRP B 12 -10.80 27.08 17.91
N PHE B 13 -9.52 26.80 17.91
CA PHE B 13 -9.03 25.46 17.83
C PHE B 13 -8.00 25.24 18.87
N ASP B 14 -8.02 24.05 19.42
CA ASP B 14 -7.00 23.67 20.40
C ASP B 14 -6.73 22.20 20.44
N THR B 15 -5.48 21.90 20.74
CA THR B 15 -4.98 20.52 20.76
C THR B 15 -3.59 20.46 21.36
N ALA B 24 1.41 25.76 29.93
CA ALA B 24 0.36 26.76 30.02
C ALA B 24 -0.82 26.36 29.19
N TRP B 25 -1.92 27.04 29.50
CA TRP B 25 -3.20 26.67 28.93
C TRP B 25 -3.73 27.72 27.97
N GLY B 26 -4.53 27.22 27.04
CA GLY B 26 -5.15 28.07 26.05
C GLY B 26 -4.11 29.01 25.49
N SER B 27 -2.94 28.44 25.24
CA SER B 27 -1.83 29.15 24.61
C SER B 27 -1.45 28.40 23.34
N SER B 28 -2.01 27.20 23.26
CA SER B 28 -1.90 26.30 22.11
C SER B 28 -3.19 26.41 21.31
N MET B 29 -3.96 27.40 21.73
CA MET B 29 -5.29 27.65 21.20
C MET B 29 -5.27 28.94 20.41
N ARG B 30 -5.89 28.87 19.23
CA ARG B 30 -5.84 29.93 18.22
C ARG B 30 -7.21 30.22 17.61
N PRO B 31 -7.48 31.49 17.32
CA PRO B 31 -8.67 31.70 16.51
C PRO B 31 -8.36 31.38 15.05
N ILE B 32 -9.29 30.70 14.38
CA ILE B 32 -9.01 30.26 13.02
C ILE B 32 -9.92 30.90 11.98
N TYR B 33 -11.03 31.43 12.44
CA TYR B 33 -11.98 32.04 11.53
C TYR B 33 -13.10 32.74 12.25
N THR B 34 -13.34 33.97 11.81
CA THR B 34 -14.45 34.80 12.31
C THR B 34 -15.47 35.02 11.20
N PHE B 35 -16.73 34.75 11.51
CA PHE B 35 -17.84 34.89 10.55
C PHE B 35 -18.98 35.75 11.06
N SER B 36 -19.60 36.46 10.12
CA SER B 36 -20.62 37.45 10.46
C SER B 36 -21.89 37.26 9.64
N THR B 37 -21.86 36.23 8.82
CA THR B 37 -23.01 35.83 8.01
C THR B 37 -23.16 34.33 7.90
N VAL B 38 -24.36 33.99 7.48
CA VAL B 38 -24.83 32.61 7.34
C VAL B 38 -23.89 31.90 6.40
N GLU B 39 -23.73 32.56 5.27
CA GLU B 39 -22.82 32.13 4.19
C GLU B 39 -21.40 31.94 4.69
N GLU B 40 -20.93 32.93 5.42
CA GLU B 40 -19.59 32.89 6.02
C GLU B 40 -19.50 31.71 6.95
N PHE B 41 -20.57 31.48 7.69
CA PHE B 41 -20.63 30.35 8.60
C PHE B 41 -20.39 29.04 7.85
N TRP B 42 -21.10 28.82 6.75
CA TRP B 42 -20.98 27.54 6.05
C TRP B 42 -19.64 27.48 5.34
N SER B 43 -19.14 28.65 4.99
CA SER B 43 -17.83 28.78 4.30
C SER B 43 -16.69 28.15 5.09
N ILE B 44 -16.77 28.24 6.40
CA ILE B 44 -15.81 27.57 7.29
C ILE B 44 -16.38 26.25 7.76
N TYR B 45 -17.65 26.25 8.17
CA TYR B 45 -18.18 25.06 8.82
C TYR B 45 -18.04 23.86 7.90
N ASN B 46 -18.27 24.10 6.62
CA ASN B 46 -18.27 23.02 5.64
C ASN B 46 -16.90 22.44 5.42
N ASN B 47 -15.94 23.05 6.10
CA ASN B 47 -14.52 22.68 5.99
C ASN B 47 -13.90 22.15 7.28
N ILE B 48 -14.61 22.29 8.37
CA ILE B 48 -14.19 21.75 9.66
C ILE B 48 -15.30 20.97 10.34
N HIS B 49 -16.28 20.56 9.55
CA HIS B 49 -17.50 19.93 10.09
C HIS B 49 -17.29 18.56 10.64
N HIS B 50 -18.37 18.13 11.26
CA HIS B 50 -18.44 16.88 11.98
C HIS B 50 -17.29 16.80 13.01
N ALA B 58 -8.41 17.20 20.26
CA ALA B 58 -9.03 18.35 19.58
C ALA B 58 -10.23 18.98 20.30
N ASP B 59 -10.08 20.27 20.56
CA ASP B 59 -11.20 21.13 21.02
C ASP B 59 -11.56 22.22 20.02
N PHE B 60 -12.87 22.33 19.82
CA PHE B 60 -13.47 23.30 18.91
C PHE B 60 -14.43 24.22 19.66
N TYR B 61 -14.10 25.51 19.62
CA TYR B 61 -14.90 26.54 20.26
C TYR B 61 -15.52 27.45 19.22
N CYS B 62 -16.69 27.94 19.56
CA CYS B 62 -17.34 28.99 18.78
C CYS B 62 -17.97 30.03 19.71
N PHE B 63 -17.21 31.11 19.82
CA PHE B 63 -17.50 32.22 20.73
C PHE B 63 -17.69 33.56 20.03
N LYS B 64 -18.53 34.36 20.65
CA LYS B 64 -18.81 35.69 20.18
C LYS B 64 -17.51 36.42 19.93
N HIS B 65 -17.46 37.11 18.81
CA HIS B 65 -16.25 37.82 18.43
C HIS B 65 -15.67 38.63 19.58
N LYS B 66 -14.37 38.47 19.76
CA LYS B 66 -13.56 39.11 20.82
C LYS B 66 -13.66 38.56 22.26
N ILE B 67 -14.52 37.59 22.49
CA ILE B 67 -14.53 36.91 23.78
C ILE B 67 -13.59 35.72 23.66
N GLU B 68 -12.54 35.71 24.47
CA GLU B 68 -11.60 34.58 24.45
C GLU B 68 -12.18 33.47 25.31
N PRO B 69 -12.22 32.25 24.76
CA PRO B 69 -12.84 31.10 25.41
C PRO B 69 -11.96 30.56 26.50
N LYS B 70 -11.85 31.41 27.51
CA LYS B 70 -11.01 31.18 28.70
C LYS B 70 -11.61 31.73 29.99
N TRP B 71 -11.26 31.13 31.11
CA TRP B 71 -11.70 31.64 32.44
C TRP B 71 -11.02 32.98 32.71
N GLU B 72 -9.82 33.11 32.15
CA GLU B 72 -8.96 34.25 32.43
C GLU B 72 -9.48 35.46 31.66
N ASP B 73 -10.56 35.21 30.94
CA ASP B 73 -11.24 36.24 30.16
C ASP B 73 -12.28 36.96 31.02
N PRO B 74 -12.16 38.29 31.12
CA PRO B 74 -12.97 39.11 32.01
C PRO B 74 -14.45 38.88 31.80
N ILE B 75 -14.81 38.49 30.59
CA ILE B 75 -16.23 38.42 30.26
C ILE B 75 -16.72 37.07 30.69
N CYS B 76 -15.76 36.17 30.76
CA CYS B 76 -16.00 34.74 31.01
C CYS B 76 -15.79 34.42 32.47
N ALA B 77 -14.98 35.24 33.10
CA ALA B 77 -14.45 34.95 34.45
C ALA B 77 -15.55 34.69 35.45
N ASN B 78 -16.67 35.38 35.28
CA ASN B 78 -17.74 35.32 36.27
C ASN B 78 -19.01 34.73 35.71
N GLY B 79 -18.77 33.94 34.68
CA GLY B 79 -19.80 33.10 34.07
C GLY B 79 -19.64 31.65 34.50
N GLY B 80 -20.14 30.77 33.64
CA GLY B 80 -20.07 29.31 33.85
C GLY B 80 -20.49 28.52 32.64
N LYS B 81 -20.83 27.26 32.86
CA LYS B 81 -21.24 26.39 31.76
C LYS B 81 -22.11 25.21 32.10
N TRP B 82 -22.94 24.92 31.11
CA TRP B 82 -23.73 23.72 31.04
C TRP B 82 -23.03 22.76 30.12
N THR B 83 -23.09 21.49 30.47
CA THR B 83 -22.41 20.46 29.71
C THR B 83 -23.31 19.30 29.40
N ALA B 84 -23.18 18.85 28.16
CA ALA B 84 -23.90 17.69 27.66
C ALA B 84 -22.89 16.63 27.25
N ASN B 85 -23.12 15.40 27.68
CA ASN B 85 -22.18 14.31 27.38
C ASN B 85 -22.69 13.31 26.38
N TYR B 86 -21.77 12.88 25.51
CA TYR B 86 -22.05 11.93 24.43
C TYR B 86 -21.06 10.80 24.29
N PRO B 87 -21.55 9.64 23.86
CA PRO B 87 -20.71 8.55 23.36
C PRO B 87 -19.85 9.00 22.21
N LYS B 88 -18.71 8.34 22.08
CA LYS B 88 -17.78 8.62 20.99
C LYS B 88 -18.50 8.57 19.63
N GLY B 89 -18.23 9.60 18.85
CA GLY B 89 -18.73 9.76 17.48
C GLY B 89 -20.23 10.04 17.39
N LYS B 90 -20.81 10.56 18.47
CA LYS B 90 -22.26 10.83 18.49
C LYS B 90 -22.75 12.24 18.82
N SER B 91 -21.84 13.20 18.83
CA SER B 91 -22.18 14.56 19.23
C SER B 91 -22.28 15.50 18.04
N ASP B 92 -22.06 14.94 16.85
CA ASP B 92 -21.91 15.76 15.66
C ASP B 92 -23.14 16.65 15.39
N THR B 93 -24.31 16.02 15.40
CA THR B 93 -25.56 16.71 15.05
C THR B 93 -25.92 17.69 16.16
N SER B 94 -25.51 17.32 17.37
CA SER B 94 -25.83 18.13 18.54
C SER B 94 -24.95 19.38 18.55
N TRP B 95 -23.72 19.23 18.06
CA TRP B 95 -22.79 20.34 17.89
C TRP B 95 -23.41 21.32 16.89
N LEU B 96 -23.80 20.80 15.75
CA LEU B 96 -24.50 21.61 14.76
C LEU B 96 -25.70 22.37 15.31
N TYR B 97 -26.57 21.69 16.05
CA TYR B 97 -27.83 22.30 16.48
C TYR B 97 -27.50 23.41 17.47
N THR B 98 -26.31 23.34 18.02
CA THR B 98 -25.89 24.26 19.08
C THR B 98 -25.42 25.53 18.42
N LEU B 99 -24.60 25.33 17.41
CA LEU B 99 -24.06 26.43 16.61
C LEU B 99 -25.19 27.27 16.04
N LEU B 100 -26.22 26.59 15.59
CA LEU B 100 -27.33 27.24 14.84
C LEU B 100 -28.24 27.96 15.80
N ALA B 101 -28.38 27.36 16.97
CA ALA B 101 -29.22 27.93 18.04
C ALA B 101 -28.57 29.21 18.54
N MET B 102 -27.25 29.22 18.53
CA MET B 102 -26.51 30.39 19.04
C MET B 102 -26.50 31.48 18.01
N ILE B 103 -26.04 31.14 16.82
CA ILE B 103 -25.82 32.15 15.78
C ILE B 103 -27.13 32.67 15.31
N GLY B 104 -28.15 31.84 15.47
CA GLY B 104 -29.54 32.18 15.12
C GLY B 104 -30.31 32.91 16.23
N GLU B 105 -29.62 33.14 17.35
CA GLU B 105 -30.15 33.88 18.52
C GLU B 105 -31.47 33.34 19.02
N GLN B 106 -31.46 32.05 19.33
CA GLN B 106 -32.69 31.31 19.57
C GLN B 106 -32.97 31.18 21.06
N PHE B 107 -32.03 31.67 21.86
CA PHE B 107 -32.16 31.70 23.33
C PHE B 107 -32.83 32.98 23.86
N ASP B 108 -33.75 32.78 24.78
CA ASP B 108 -34.48 33.89 25.42
C ASP B 108 -33.56 34.81 26.20
N HIS B 109 -32.48 34.23 26.71
CA HIS B 109 -31.52 34.94 27.56
C HIS B 109 -30.21 34.99 26.83
N GLY B 110 -30.39 35.15 25.52
CA GLY B 110 -29.34 35.33 24.55
C GLY B 110 -28.10 36.15 24.90
N ASP B 111 -28.25 37.27 25.59
CA ASP B 111 -27.08 38.13 25.80
C ASP B 111 -26.05 37.50 26.73
N GLU B 112 -26.47 36.44 27.40
CA GLU B 112 -25.65 35.81 28.44
C GLU B 112 -24.74 34.81 27.79
N ILE B 113 -25.01 34.55 26.53
CA ILE B 113 -24.28 33.50 25.80
C ILE B 113 -22.92 34.00 25.33
N CYS B 114 -21.88 33.24 25.65
CA CYS B 114 -20.50 33.55 25.24
C CYS B 114 -20.07 32.78 24.01
N GLY B 115 -20.55 31.53 23.96
CA GLY B 115 -20.08 30.51 23.02
C GLY B 115 -20.29 29.10 23.51
N ALA B 116 -19.88 28.17 22.65
CA ALA B 116 -19.92 26.74 22.92
C ALA B 116 -18.62 26.11 22.49
N VAL B 117 -18.39 24.95 23.07
CA VAL B 117 -17.22 24.16 22.78
C VAL B 117 -17.56 22.69 22.74
N VAL B 118 -16.85 21.98 21.87
CA VAL B 118 -16.92 20.53 21.79
C VAL B 118 -15.54 19.93 22.10
N ASN B 119 -15.52 19.04 23.08
CA ASN B 119 -14.32 18.33 23.47
C ASN B 119 -14.42 16.92 22.96
N VAL B 120 -13.62 16.64 21.93
CA VAL B 120 -13.51 15.29 21.40
C VAL B 120 -12.28 14.66 21.98
N ARG B 121 -12.53 13.62 22.76
CA ARG B 121 -11.48 12.92 23.45
C ARG B 121 -11.58 11.46 23.19
N GLY B 122 -11.19 10.76 24.24
CA GLY B 122 -10.93 9.32 24.22
C GLY B 122 -12.14 8.47 23.90
N ARG B 123 -12.77 8.00 24.97
CA ARG B 123 -13.94 7.13 24.88
C ARG B 123 -15.14 7.97 25.29
N ALA B 124 -15.04 9.25 24.96
CA ALA B 124 -16.15 10.21 25.17
C ALA B 124 -16.03 11.47 24.35
N GLU B 125 -17.12 12.21 24.40
CA GLU B 125 -17.22 13.56 23.79
C GLU B 125 -18.21 14.42 24.55
N LYS B 126 -17.89 15.70 24.71
CA LYS B 126 -18.86 16.61 25.30
C LYS B 126 -18.92 17.96 24.65
N ILE B 127 -20.08 18.54 24.85
CA ILE B 127 -20.37 19.89 24.40
C ILE B 127 -20.77 20.71 25.62
N SER B 128 -20.25 21.91 25.69
CA SER B 128 -20.62 22.87 26.76
C SER B 128 -21.03 24.20 26.15
N ILE B 129 -22.04 24.80 26.74
CA ILE B 129 -22.33 26.20 26.48
C ILE B 129 -21.83 27.03 27.64
N TRP B 130 -21.12 28.09 27.27
CA TRP B 130 -20.52 29.02 28.23
C TRP B 130 -21.29 30.31 28.24
N THR B 131 -21.60 30.74 29.46
CA THR B 131 -22.38 31.95 29.69
C THR B 131 -21.71 32.95 30.62
N LYS B 132 -22.33 34.11 30.67
CA LYS B 132 -21.74 35.35 31.26
C LYS B 132 -21.92 35.55 32.75
N ASN B 133 -23.14 35.32 33.23
CA ASN B 133 -23.50 35.85 34.57
C ASN B 133 -24.06 34.75 35.47
N ALA B 134 -23.13 33.98 36.02
CA ALA B 134 -23.42 32.69 36.67
C ALA B 134 -24.44 32.84 37.79
N SER B 135 -24.40 34.00 38.43
CA SER B 135 -25.19 34.28 39.65
C SER B 135 -26.64 34.50 39.29
N ASN B 136 -26.92 34.65 38.01
CA ASN B 136 -28.29 34.89 37.55
C ASN B 136 -28.97 33.58 37.29
N GLU B 137 -29.54 33.01 38.35
CA GLU B 137 -30.01 31.64 38.32
C GLU B 137 -31.08 31.46 37.28
N ALA B 138 -31.90 32.49 37.13
CA ALA B 138 -33.11 32.36 36.32
C ALA B 138 -32.70 32.30 34.86
N ALA B 139 -31.64 33.04 34.58
CA ALA B 139 -31.10 33.17 33.23
C ALA B 139 -30.41 31.88 32.81
N GLN B 140 -29.70 31.29 33.76
CA GLN B 140 -28.85 30.14 33.48
C GLN B 140 -29.71 28.89 33.28
N VAL B 141 -30.77 28.86 34.08
CA VAL B 141 -31.72 27.75 34.10
C VAL B 141 -32.56 27.78 32.82
N SER B 142 -32.77 29.00 32.32
CA SER B 142 -33.58 29.22 31.10
C SER B 142 -32.83 28.70 29.89
N ILE B 143 -31.56 29.08 29.84
CA ILE B 143 -30.65 28.70 28.77
C ILE B 143 -30.46 27.17 28.76
N GLY B 144 -30.40 26.61 29.96
CA GLY B 144 -30.16 25.16 30.10
C GLY B 144 -31.32 24.33 29.61
N LYS B 145 -32.52 24.81 29.93
CA LYS B 145 -33.75 24.13 29.53
C LYS B 145 -33.87 24.21 28.03
N GLN B 146 -33.57 25.39 27.50
CA GLN B 146 -33.73 25.66 26.05
C GLN B 146 -32.78 24.81 25.27
N TRP B 147 -31.58 24.69 25.80
CA TRP B 147 -30.50 23.99 25.13
C TRP B 147 -30.79 22.50 25.06
N LYS B 148 -31.36 21.99 26.14
CA LYS B 148 -31.67 20.56 26.25
C LYS B 148 -32.71 20.19 25.23
N GLU B 149 -33.63 21.12 25.01
CA GLU B 149 -34.72 20.89 24.07
C GLU B 149 -34.27 21.08 22.63
N PHE B 150 -33.27 21.93 22.38
CA PHE B 150 -32.67 22.05 21.02
C PHE B 150 -31.89 20.78 20.67
N LEU B 151 -31.36 20.15 21.71
CA LEU B 151 -30.44 19.03 21.54
C LEU B 151 -31.17 17.71 21.72
N ASP B 152 -32.42 17.82 22.13
CA ASP B 152 -33.17 16.64 22.47
C ASP B 152 -32.41 15.82 23.48
N TYR B 153 -31.79 16.52 24.42
CA TYR B 153 -30.96 15.91 25.46
C TYR B 153 -31.79 15.70 26.69
N ASN B 154 -31.82 14.46 27.15
CA ASN B 154 -32.81 14.00 28.09
C ASN B 154 -32.28 13.70 29.47
N GLU B 155 -30.98 13.86 29.66
CA GLU B 155 -30.41 13.74 31.00
C GLU B 155 -30.26 15.08 31.68
N THR B 156 -30.10 15.01 32.99
CA THR B 156 -29.90 16.20 33.82
C THR B 156 -28.51 16.77 33.57
N MET B 157 -28.42 18.07 33.32
CA MET B 157 -27.12 18.77 33.30
C MET B 157 -26.96 19.61 34.54
N GLY B 158 -25.70 19.93 34.79
CA GLY B 158 -25.29 20.75 35.92
C GLY B 158 -24.59 22.00 35.44
N PHE B 159 -24.84 23.09 36.16
CA PHE B 159 -24.19 24.35 35.85
C PHE B 159 -23.00 24.53 36.76
N ILE B 160 -21.88 24.79 36.14
CA ILE B 160 -20.68 24.99 36.87
C ILE B 160 -20.11 26.38 36.67
N PHE B 161 -19.70 26.95 37.79
CA PHE B 161 -19.17 28.31 37.85
C PHE B 161 -17.71 28.25 37.45
N HIS B 162 -17.30 29.15 36.56
CA HIS B 162 -15.90 29.21 36.14
C HIS B 162 -15.04 29.60 37.31
N ASP B 163 -15.62 30.40 38.20
CA ASP B 163 -14.87 30.96 39.31
C ASP B 163 -14.53 29.83 40.24
N ASP B 164 -15.30 28.76 40.12
CA ASP B 164 -15.11 27.55 40.94
C ASP B 164 -14.18 26.61 40.24
N ALA B 165 -14.44 26.46 38.96
CA ALA B 165 -13.61 25.60 38.06
C ALA B 165 -12.14 25.96 38.17
N ARG B 166 -11.86 27.24 38.31
CA ARG B 166 -10.47 27.71 38.15
C ARG B 166 -9.60 27.50 39.38
N LYS B 167 -10.23 27.28 40.53
CA LYS B 167 -9.48 26.87 41.71
C LYS B 167 -8.87 25.49 41.39
N ASN B 171 -12.67 20.72 42.25
CA ASN B 171 -13.63 20.50 43.33
C ASN B 171 -14.88 21.33 43.10
N ALA B 172 -15.01 21.81 41.87
CA ALA B 172 -16.13 22.67 41.44
C ALA B 172 -17.40 21.87 41.38
N LYS B 173 -18.43 22.48 41.91
CA LYS B 173 -19.71 21.79 42.04
C LYS B 173 -20.82 22.33 41.21
N ASN B 174 -21.84 21.50 41.17
CA ASN B 174 -23.13 21.83 40.55
C ASN B 174 -23.81 22.93 41.37
N LYS B 175 -24.06 24.03 40.69
CA LYS B 175 -24.76 25.19 41.27
C LYS B 175 -26.23 25.16 40.94
N TYR B 176 -26.51 24.77 39.71
CA TYR B 176 -27.88 24.59 39.23
C TYR B 176 -27.93 23.28 38.46
N VAL B 177 -29.11 22.68 38.42
CA VAL B 177 -29.36 21.58 37.48
C VAL B 177 -30.64 21.83 36.70
N VAL B 178 -30.63 21.34 35.45
CA VAL B 178 -31.84 21.26 34.59
C VAL B 178 -31.90 19.89 33.91
N PRO C 2 -24.30 31.34 -5.95
CA PRO C 2 -25.28 30.32 -5.60
C PRO C 2 -26.51 30.30 -6.50
N HIS C 3 -27.14 29.14 -6.48
CA HIS C 3 -28.34 28.88 -7.24
C HIS C 3 -29.56 28.97 -6.35
N LEU C 4 -30.27 30.07 -6.55
CA LEU C 4 -31.53 30.36 -5.87
C LEU C 4 -32.56 29.30 -6.24
N LEU C 5 -33.24 28.83 -5.19
CA LEU C 5 -34.39 27.93 -5.31
C LEU C 5 -35.64 28.76 -5.62
N GLU C 6 -36.65 28.15 -6.20
CA GLU C 6 -37.91 28.86 -6.56
C GLU C 6 -38.55 29.26 -5.26
N ASN C 7 -38.36 28.36 -4.29
CA ASN C 7 -38.98 28.46 -2.95
C ASN C 7 -37.96 28.27 -1.85
N SER C 8 -38.27 28.85 -0.70
CA SER C 8 -37.53 28.60 0.56
C SER C 8 -38.20 27.44 1.28
N TRP C 9 -37.37 26.63 1.93
CA TRP C 9 -37.78 25.39 2.62
C TRP C 9 -37.25 25.31 4.04
N THR C 10 -38.03 24.65 4.90
CA THR C 10 -37.75 24.50 6.35
C THR C 10 -37.74 23.02 6.82
N PHE C 11 -36.62 22.64 7.43
CA PHE C 11 -36.48 21.36 8.12
C PHE C 11 -37.13 21.46 9.49
N TRP C 12 -38.01 20.51 9.78
CA TRP C 12 -38.55 20.31 11.11
C TRP C 12 -38.22 18.90 11.58
N PHE C 13 -38.03 18.79 12.88
CA PHE C 13 -37.75 17.54 13.58
C PHE C 13 -38.73 17.32 14.72
N ASP C 14 -39.33 16.13 14.73
CA ASP C 14 -40.16 15.68 15.85
C ASP C 14 -39.52 14.41 16.40
N THR C 15 -39.12 14.45 17.66
CA THR C 15 -38.38 13.34 18.26
C THR C 15 -39.29 12.47 19.13
N PRO C 16 -38.92 11.20 19.35
CA PRO C 16 -39.79 10.34 20.16
C PRO C 16 -39.88 10.82 21.60
N ALA C 17 -38.85 11.53 22.03
CA ALA C 17 -38.77 11.99 23.41
C ALA C 17 -39.73 13.15 23.56
N ALA C 18 -39.73 13.98 22.54
CA ALA C 18 -40.49 15.23 22.54
C ALA C 18 -41.94 14.86 22.54
N LYS C 19 -42.20 13.72 21.92
CA LYS C 19 -43.56 13.25 21.75
C LYS C 19 -44.11 12.95 23.10
N SER C 20 -43.53 11.90 23.65
CA SER C 20 -43.94 11.32 24.95
C SER C 20 -44.03 12.31 26.11
N LYS C 21 -43.70 13.57 25.84
CA LYS C 21 -43.71 14.61 26.89
C LYS C 21 -44.28 15.93 26.40
N ALA C 23 -47.70 17.62 25.16
CA ALA C 23 -48.46 16.39 24.98
C ALA C 23 -49.51 16.54 23.86
N ALA C 24 -49.57 17.73 23.26
CA ALA C 24 -50.37 17.93 22.05
C ALA C 24 -49.50 17.64 20.84
N TRP C 25 -50.11 17.02 19.83
CA TRP C 25 -49.36 16.60 18.65
C TRP C 25 -48.69 17.74 17.90
N GLY C 26 -47.39 17.57 17.70
CA GLY C 26 -46.57 18.50 16.93
C GLY C 26 -46.18 19.79 17.65
N SER C 27 -46.58 19.91 18.91
CA SER C 27 -46.26 21.12 19.72
C SER C 27 -44.80 20.95 20.08
N SER C 28 -44.34 19.77 19.73
CA SER C 28 -42.99 19.30 20.02
C SER C 28 -42.07 19.68 18.88
N MET C 29 -42.70 19.82 17.72
CA MET C 29 -42.01 20.01 16.45
C MET C 29 -41.35 21.39 16.47
N ARG C 30 -40.09 21.44 16.07
CA ARG C 30 -39.45 22.74 15.89
C ARG C 30 -38.73 22.86 14.55
N PRO C 31 -38.73 24.07 13.99
CA PRO C 31 -38.03 24.38 12.75
C PRO C 31 -36.56 24.51 13.01
N ILE C 32 -35.79 23.69 12.31
CA ILE C 32 -34.39 23.53 12.63
C ILE C 32 -33.59 24.50 11.79
N TYR C 33 -34.07 24.71 10.58
CA TYR C 33 -33.35 25.52 9.59
C TYR C 33 -34.15 25.79 8.33
N THR C 34 -33.96 27.00 7.84
CA THR C 34 -34.60 27.44 6.59
C THR C 34 -33.53 27.80 5.57
N PHE C 35 -33.65 27.19 4.40
CA PHE C 35 -32.67 27.34 3.33
C PHE C 35 -33.33 27.78 2.05
N SER C 36 -32.50 28.31 1.17
CA SER C 36 -32.95 29.11 0.01
C SER C 36 -32.15 28.94 -1.27
N THR C 37 -31.04 28.22 -1.16
CA THR C 37 -30.19 27.96 -2.31
C THR C 37 -29.85 26.48 -2.38
N VAL C 38 -29.45 26.03 -3.55
CA VAL C 38 -29.08 24.62 -3.72
C VAL C 38 -27.88 24.28 -2.85
N GLU C 39 -26.92 25.19 -2.82
CA GLU C 39 -25.66 24.94 -2.12
C GLU C 39 -25.88 24.93 -0.62
N GLU C 40 -26.86 25.72 -0.20
CA GLU C 40 -27.20 25.84 1.22
C GLU C 40 -27.88 24.57 1.68
N PHE C 41 -28.53 23.91 0.74
CA PHE C 41 -29.35 22.74 1.09
C PHE C 41 -28.43 21.59 1.41
N TRP C 42 -27.39 21.51 0.58
CA TRP C 42 -26.43 20.40 0.67
C TRP C 42 -25.67 20.48 1.98
N SER C 43 -25.41 21.71 2.38
CA SER C 43 -24.72 22.03 3.66
C SER C 43 -25.50 21.58 4.88
N ILE C 44 -26.72 22.10 4.97
CA ILE C 44 -27.61 21.72 6.07
C ILE C 44 -27.95 20.23 6.08
N TYR C 45 -28.28 19.70 4.91
CA TYR C 45 -28.62 18.28 4.79
C TYR C 45 -27.49 17.35 5.20
N ASN C 46 -26.27 17.82 5.02
CA ASN C 46 -25.07 16.98 5.26
C ASN C 46 -24.81 16.77 6.75
N ASN C 47 -25.29 17.70 7.55
CA ASN C 47 -24.94 17.78 8.98
C ASN C 47 -26.10 17.42 9.87
N ILE C 48 -27.25 17.37 9.23
CA ILE C 48 -28.50 17.10 9.88
C ILE C 48 -28.67 15.60 9.93
N HIS C 49 -29.51 15.17 10.86
CA HIS C 49 -29.92 13.76 10.93
C HIS C 49 -30.43 13.27 9.58
N HIS C 50 -30.06 12.05 9.25
CA HIS C 50 -30.67 11.35 8.13
C HIS C 50 -31.42 10.12 8.61
N PRO C 51 -32.41 9.67 7.82
CA PRO C 51 -33.36 8.58 8.10
C PRO C 51 -32.74 7.40 8.82
N GLY C 52 -31.59 7.01 8.30
CA GLY C 52 -30.86 5.84 8.76
C GLY C 52 -30.28 5.93 10.16
N LYS C 53 -30.08 7.16 10.62
CA LYS C 53 -29.57 7.44 11.96
C LYS C 53 -30.64 8.07 12.85
N LEU C 54 -31.85 8.13 12.32
CA LEU C 54 -33.00 8.63 13.10
C LEU C 54 -33.52 7.53 13.99
N ALA C 55 -33.96 7.90 15.18
CA ALA C 55 -34.48 6.91 16.11
C ALA C 55 -35.90 6.54 15.74
N VAL C 56 -36.29 5.41 16.28
CA VAL C 56 -37.63 4.87 16.10
C VAL C 56 -38.59 5.82 16.77
N GLY C 57 -39.56 6.24 15.98
CA GLY C 57 -40.56 7.19 16.41
C GLY C 57 -40.32 8.59 15.87
N ALA C 58 -39.10 8.84 15.41
CA ALA C 58 -38.72 10.16 14.86
C ALA C 58 -39.36 10.47 13.50
N ASP C 59 -39.75 11.73 13.38
CA ASP C 59 -40.28 12.31 12.14
C ASP C 59 -39.42 13.48 11.69
N PHE C 60 -39.06 13.47 10.42
CA PHE C 60 -38.25 14.53 9.85
C PHE C 60 -38.88 15.13 8.59
N TYR C 61 -39.25 16.40 8.71
CA TYR C 61 -39.99 17.09 7.66
C TYR C 61 -39.18 18.13 6.93
N CYS C 62 -39.47 18.24 5.66
CA CYS C 62 -39.00 19.38 4.87
C CYS C 62 -40.16 20.00 4.12
N PHE C 63 -40.54 21.21 4.55
CA PHE C 63 -41.73 21.91 4.04
C PHE C 63 -41.44 23.31 3.53
N LYS C 64 -42.22 23.72 2.55
CA LYS C 64 -42.10 25.06 2.04
C LYS C 64 -42.19 25.99 3.21
N HIS C 65 -41.40 27.05 3.14
CA HIS C 65 -41.35 28.09 4.18
C HIS C 65 -42.74 28.67 4.44
N LYS C 66 -43.10 28.74 5.71
CA LYS C 66 -44.34 29.39 6.08
C LYS C 66 -45.52 28.41 6.09
N ILE C 67 -45.29 27.22 5.57
CA ILE C 67 -46.27 26.12 5.75
C ILE C 67 -45.87 25.25 6.93
N GLU C 68 -46.76 25.14 7.90
CA GLU C 68 -46.52 24.28 9.07
C GLU C 68 -46.89 22.82 8.76
N PRO C 69 -46.04 21.87 9.15
CA PRO C 69 -46.36 20.54 8.71
C PRO C 69 -47.34 19.87 9.64
N LYS C 70 -48.61 20.17 9.37
CA LYS C 70 -49.75 19.84 10.23
C LYS C 70 -51.04 19.91 9.44
N TRP C 71 -51.91 18.93 9.64
CA TRP C 71 -53.18 18.90 8.89
C TRP C 71 -53.88 20.23 9.07
N GLU C 72 -53.85 20.73 10.30
CA GLU C 72 -54.66 21.89 10.66
C GLU C 72 -54.15 23.18 10.03
N ASP C 73 -52.97 23.10 9.43
CA ASP C 73 -52.43 24.24 8.70
C ASP C 73 -53.41 24.58 7.56
N PRO C 74 -53.76 25.86 7.39
CA PRO C 74 -54.78 26.17 6.40
C PRO C 74 -54.39 25.80 4.98
N ILE C 75 -53.11 25.56 4.75
CA ILE C 75 -52.61 25.31 3.39
C ILE C 75 -52.69 23.82 3.12
N CYS C 76 -52.48 23.02 4.15
CA CYS C 76 -52.50 21.57 4.05
C CYS C 76 -53.90 21.02 4.25
N ALA C 77 -54.78 21.88 4.75
CA ALA C 77 -56.09 21.48 5.26
C ALA C 77 -56.82 20.50 4.35
N ASN C 78 -56.85 20.84 3.08
CA ASN C 78 -57.69 20.10 2.14
C ASN C 78 -56.85 19.24 1.25
N GLY C 79 -55.67 18.90 1.76
CA GLY C 79 -54.70 18.11 1.00
C GLY C 79 -54.70 16.66 1.40
N GLY C 80 -53.58 16.05 1.06
CA GLY C 80 -53.37 14.62 1.31
C GLY C 80 -51.90 14.29 1.21
N LYS C 81 -51.60 13.01 1.09
CA LYS C 81 -50.21 12.57 1.03
C LYS C 81 -50.05 11.24 0.30
N TRP C 82 -49.03 11.22 -0.56
CA TRP C 82 -48.47 9.99 -1.10
C TRP C 82 -47.43 9.42 -0.14
N THR C 83 -47.47 8.11 0.00
CA THR C 83 -46.55 7.35 0.84
C THR C 83 -45.88 6.18 0.14
N ALA C 84 -44.57 6.22 0.26
CA ALA C 84 -43.66 5.13 -0.12
C ALA C 84 -43.14 4.48 1.15
N ASN C 85 -43.10 3.15 1.12
CA ASN C 85 -42.62 2.33 2.24
C ASN C 85 -41.25 1.75 1.94
N TYR C 86 -40.42 1.74 2.98
CA TYR C 86 -39.04 1.23 2.89
C TYR C 86 -38.65 0.32 4.06
N PRO C 87 -37.79 -0.66 3.79
CA PRO C 87 -37.19 -1.39 4.89
C PRO C 87 -36.33 -0.44 5.71
N LYS C 88 -36.16 -0.76 6.97
CA LYS C 88 -35.37 0.10 7.84
C LYS C 88 -33.97 0.25 7.25
N GLY C 89 -33.47 1.46 7.30
CA GLY C 89 -32.10 1.75 6.90
C GLY C 89 -31.89 1.85 5.41
N LYS C 90 -32.96 1.66 4.63
CA LYS C 90 -32.85 1.61 3.15
C LYS C 90 -33.52 2.78 2.40
N SER C 91 -33.91 3.83 3.12
CA SER C 91 -34.75 4.92 2.54
C SER C 91 -33.94 6.16 2.33
N ASP C 92 -32.69 6.06 2.70
CA ASP C 92 -31.85 7.24 2.85
C ASP C 92 -31.63 8.01 1.53
N THR C 93 -31.44 7.26 0.45
CA THR C 93 -31.15 7.88 -0.83
C THR C 93 -32.45 8.34 -1.47
N SER C 94 -33.47 7.52 -1.29
CA SER C 94 -34.81 7.85 -1.75
C SER C 94 -35.30 9.15 -1.13
N TRP C 95 -34.90 9.38 0.12
CA TRP C 95 -35.26 10.59 0.85
C TRP C 95 -34.50 11.76 0.25
N LEU C 96 -33.23 11.54 -0.07
CA LEU C 96 -32.42 12.58 -0.71
C LEU C 96 -33.09 13.00 -2.01
N TYR C 97 -33.54 12.00 -2.75
CA TYR C 97 -34.05 12.20 -4.13
C TYR C 97 -35.38 12.95 -4.10
N THR C 98 -36.13 12.67 -3.05
CA THR C 98 -37.43 13.31 -2.75
C THR C 98 -37.22 14.82 -2.52
N LEU C 99 -36.24 15.14 -1.68
CA LEU C 99 -35.94 16.53 -1.32
C LEU C 99 -35.48 17.27 -2.54
N LEU C 100 -34.66 16.63 -3.34
CA LEU C 100 -34.10 17.26 -4.55
C LEU C 100 -35.16 17.51 -5.62
N ALA C 101 -36.04 16.52 -5.78
CA ALA C 101 -37.10 16.61 -6.77
C ALA C 101 -38.01 17.75 -6.38
N MET C 102 -38.19 17.92 -5.07
CA MET C 102 -39.09 18.96 -4.57
C MET C 102 -38.46 20.32 -4.72
N ILE C 103 -37.23 20.45 -4.24
CA ILE C 103 -36.60 21.78 -4.16
C ILE C 103 -36.16 22.19 -5.55
N GLY C 104 -36.09 21.20 -6.43
CA GLY C 104 -35.65 21.41 -7.80
C GLY C 104 -36.87 21.70 -8.64
N GLU C 105 -38.01 21.67 -7.98
CA GLU C 105 -39.32 21.88 -8.62
C GLU C 105 -39.46 21.00 -9.88
N GLN C 106 -39.21 19.72 -9.73
CA GLN C 106 -39.22 18.82 -10.88
C GLN C 106 -40.60 18.23 -11.17
N PHE C 107 -41.57 18.53 -10.30
CA PHE C 107 -42.91 17.97 -10.50
C PHE C 107 -43.71 18.81 -11.50
N ASP C 108 -44.35 18.11 -12.43
CA ASP C 108 -45.20 18.78 -13.41
C ASP C 108 -46.27 19.57 -12.64
N HIS C 109 -46.68 19.01 -11.51
CA HIS C 109 -47.75 19.59 -10.70
C HIS C 109 -47.25 20.00 -9.34
N GLY C 110 -46.05 20.56 -9.35
CA GLY C 110 -45.33 20.86 -8.14
C GLY C 110 -46.00 21.94 -7.35
N ASP C 111 -46.95 22.60 -7.99
CA ASP C 111 -47.61 23.76 -7.36
C ASP C 111 -48.42 23.34 -6.13
N GLU C 112 -48.78 22.06 -6.10
CA GLU C 112 -49.64 21.47 -5.06
C GLU C 112 -48.84 20.85 -3.93
N ILE C 113 -47.53 20.86 -4.10
CA ILE C 113 -46.62 20.31 -3.09
C ILE C 113 -46.41 21.28 -1.94
N CYS C 114 -46.56 20.68 -0.77
CA CYS C 114 -46.37 21.34 0.51
C CYS C 114 -45.01 21.01 1.09
N GLY C 115 -44.65 19.75 1.00
CA GLY C 115 -43.44 19.26 1.59
C GLY C 115 -43.40 17.76 1.72
N ALA C 116 -42.40 17.31 2.45
CA ALA C 116 -42.21 15.88 2.66
C ALA C 116 -41.73 15.54 4.05
N VAL C 117 -42.02 14.31 4.41
CA VAL C 117 -41.65 13.74 5.72
C VAL C 117 -41.15 12.32 5.61
N VAL C 118 -40.21 12.02 6.49
CA VAL C 118 -39.72 10.66 6.68
C VAL C 118 -40.05 10.24 8.09
N ASN C 119 -40.81 9.17 8.20
CA ASN C 119 -41.19 8.63 9.48
C ASN C 119 -40.42 7.35 9.68
N VAL C 120 -39.65 7.32 10.76
CA VAL C 120 -38.87 6.13 11.12
C VAL C 120 -39.64 5.39 12.19
N ARG C 121 -40.01 4.15 11.89
CA ARG C 121 -40.78 3.30 12.79
C ARG C 121 -40.08 1.98 13.09
N GLY C 122 -40.71 1.15 13.91
CA GLY C 122 -40.05 -0.03 14.45
C GLY C 122 -39.76 -1.10 13.41
N ARG C 123 -40.62 -1.16 12.42
CA ARG C 123 -40.55 -2.22 11.42
C ARG C 123 -40.21 -1.72 10.02
N ALA C 124 -40.30 -0.40 9.86
CA ALA C 124 -40.07 0.20 8.55
C ALA C 124 -39.86 1.69 8.63
N GLU C 125 -39.69 2.25 7.45
CA GLU C 125 -39.55 3.70 7.25
C GLU C 125 -40.46 4.15 6.12
N LYS C 126 -41.26 5.15 6.42
CA LYS C 126 -42.20 5.71 5.46
C LYS C 126 -41.66 7.07 5.02
N ILE C 127 -41.69 7.32 3.71
CA ILE C 127 -41.63 8.70 3.17
C ILE C 127 -42.98 9.10 2.58
N SER C 128 -43.39 10.32 2.89
CA SER C 128 -44.61 10.91 2.31
C SER C 128 -44.41 12.32 1.78
N ILE C 129 -44.98 12.54 0.60
CA ILE C 129 -45.16 13.85 0.05
C ILE C 129 -46.58 14.32 0.30
N TRP C 130 -46.67 15.40 1.07
CA TRP C 130 -47.90 16.15 1.34
C TRP C 130 -48.22 17.20 0.28
N THR C 131 -49.43 17.12 -0.23
CA THR C 131 -49.94 18.01 -1.29
C THR C 131 -51.18 18.76 -0.84
N LYS C 132 -51.50 19.83 -1.57
CA LYS C 132 -52.53 20.81 -1.11
C LYS C 132 -53.95 20.73 -1.71
N ASN C 133 -54.21 19.84 -2.65
CA ASN C 133 -55.59 19.82 -3.22
C ASN C 133 -56.05 18.43 -3.57
N ALA C 134 -56.52 17.71 -2.57
CA ALA C 134 -56.60 16.26 -2.62
C ALA C 134 -57.51 15.81 -3.74
N SER C 135 -58.43 16.69 -4.11
CA SER C 135 -59.57 16.30 -4.95
C SER C 135 -59.22 16.57 -6.40
N ASN C 136 -58.09 17.25 -6.55
CA ASN C 136 -57.53 17.52 -7.86
C ASN C 136 -56.81 16.26 -8.38
N GLU C 137 -57.58 15.35 -8.94
CA GLU C 137 -57.06 14.00 -9.24
C GLU C 137 -55.92 13.99 -10.25
N ALA C 138 -56.01 14.91 -11.21
CA ALA C 138 -55.08 14.93 -12.33
C ALA C 138 -53.72 15.29 -11.78
N ALA C 139 -53.73 16.16 -10.79
CA ALA C 139 -52.49 16.63 -10.20
C ALA C 139 -51.87 15.54 -9.35
N GLN C 140 -52.73 14.89 -8.58
CA GLN C 140 -52.26 14.05 -7.47
C GLN C 140 -51.67 12.80 -8.08
N VAL C 141 -52.36 12.32 -9.10
CA VAL C 141 -52.02 11.07 -9.77
C VAL C 141 -50.74 11.32 -10.57
N SER C 142 -50.66 12.55 -11.07
CA SER C 142 -49.48 13.03 -11.78
C SER C 142 -48.27 13.12 -10.87
N ILE C 143 -48.48 13.66 -9.68
CA ILE C 143 -47.41 13.82 -8.69
C ILE C 143 -46.93 12.45 -8.26
N GLY C 144 -47.86 11.56 -8.04
CA GLY C 144 -47.59 10.21 -7.53
C GLY C 144 -46.82 9.35 -8.53
N LYS C 145 -47.19 9.47 -9.80
CA LYS C 145 -46.50 8.70 -10.85
C LYS C 145 -45.07 9.21 -11.04
N GLN C 146 -44.93 10.52 -11.13
CA GLN C 146 -43.59 11.09 -11.28
C GLN C 146 -42.69 10.72 -10.11
N TRP C 147 -43.27 10.70 -8.92
CA TRP C 147 -42.48 10.47 -7.72
C TRP C 147 -41.88 9.07 -7.82
N LYS C 148 -42.74 8.12 -8.12
CA LYS C 148 -42.32 6.75 -8.44
C LYS C 148 -41.12 6.71 -9.39
N GLU C 149 -41.20 7.52 -10.43
CA GLU C 149 -40.13 7.50 -11.44
C GLU C 149 -38.85 8.04 -10.84
N PHE C 150 -39.00 9.14 -10.15
CA PHE C 150 -37.84 9.78 -9.51
C PHE C 150 -37.13 8.77 -8.58
N LEU C 151 -37.93 7.95 -7.91
CA LEU C 151 -37.45 7.09 -6.83
C LEU C 151 -36.97 5.77 -7.38
N ASP C 152 -37.31 5.53 -8.63
CA ASP C 152 -37.20 4.19 -9.20
C ASP C 152 -37.89 3.22 -8.25
N TYR C 153 -39.04 3.64 -7.76
CA TYR C 153 -39.85 2.87 -6.80
C TYR C 153 -40.84 1.96 -7.50
N ASN C 154 -40.65 0.65 -7.36
CA ASN C 154 -41.39 -0.33 -8.14
C ASN C 154 -42.45 -1.03 -7.30
N GLU C 155 -43.08 -0.27 -6.43
CA GLU C 155 -44.33 -0.73 -5.77
C GLU C 155 -45.41 0.28 -5.75
N THR C 156 -46.53 -0.24 -5.30
CA THR C 156 -47.80 0.50 -5.23
C THR C 156 -47.75 1.47 -4.08
N MET C 157 -48.12 2.70 -4.40
CA MET C 157 -48.24 3.73 -3.39
C MET C 157 -49.60 4.41 -3.51
N GLY C 158 -50.26 4.57 -2.37
CA GLY C 158 -51.53 5.27 -2.31
C GLY C 158 -51.51 6.65 -1.68
N PHE C 159 -52.58 7.37 -2.00
CA PHE C 159 -52.84 8.75 -1.53
C PHE C 159 -54.00 8.78 -0.53
N ILE C 160 -53.73 9.41 0.60
CA ILE C 160 -54.69 9.52 1.68
C ILE C 160 -55.00 10.96 1.98
N PHE C 161 -56.29 11.28 1.87
CA PHE C 161 -56.80 12.60 2.22
C PHE C 161 -56.58 12.81 3.70
N HIS C 162 -56.22 14.04 4.07
CA HIS C 162 -55.91 14.40 5.46
C HIS C 162 -57.22 14.40 6.25
N ASP C 163 -58.30 14.58 5.51
CA ASP C 163 -59.64 14.58 6.09
C ASP C 163 -59.96 13.20 6.61
N ASP C 164 -59.53 12.21 5.84
CA ASP C 164 -59.77 10.82 6.19
C ASP C 164 -58.85 10.48 7.35
N ALA C 165 -57.65 11.04 7.31
CA ALA C 165 -56.59 10.68 8.26
C ALA C 165 -56.96 11.22 9.63
N ARG C 166 -57.68 12.35 9.60
CA ARG C 166 -58.12 13.05 10.83
C ARG C 166 -59.16 12.26 11.63
N ASN C 171 -57.35 3.26 9.66
CA ASN C 171 -58.47 2.58 9.03
C ASN C 171 -58.85 3.27 7.74
N ALA C 172 -58.41 4.52 7.65
CA ALA C 172 -58.67 5.35 6.47
C ALA C 172 -57.92 4.73 5.32
N LYS C 173 -58.38 4.96 4.09
CA LYS C 173 -57.71 4.34 2.96
C LYS C 173 -57.45 5.26 1.80
N ASN C 174 -56.88 4.63 0.78
CA ASN C 174 -56.27 5.33 -0.36
C ASN C 174 -57.31 5.74 -1.40
N LYS C 175 -57.44 7.05 -1.56
CA LYS C 175 -58.41 7.62 -2.50
C LYS C 175 -57.91 7.33 -3.90
N TYR C 176 -56.61 7.50 -4.09
CA TYR C 176 -55.95 7.16 -5.34
C TYR C 176 -54.78 6.23 -5.10
N VAL C 177 -54.38 5.61 -6.19
CA VAL C 177 -53.24 4.67 -6.20
C VAL C 177 -52.44 4.72 -7.49
N VAL C 178 -51.13 4.56 -7.35
CA VAL C 178 -50.21 4.51 -8.50
C VAL C 178 -49.10 3.47 -8.35
N PRO D 2 -15.30 33.97 -8.72
CA PRO D 2 -14.99 32.54 -8.64
C PRO D 2 -13.82 32.17 -9.50
N HIS D 3 -13.24 31.02 -9.17
CA HIS D 3 -12.24 30.39 -10.02
C HIS D 3 -13.06 29.48 -10.92
N LEU D 4 -13.31 29.95 -12.13
CA LEU D 4 -14.02 29.15 -13.13
C LEU D 4 -13.18 27.99 -13.61
N LEU D 5 -13.82 26.82 -13.67
CA LEU D 5 -13.21 25.63 -14.27
C LEU D 5 -13.38 25.72 -15.78
N GLU D 6 -12.55 24.98 -16.50
CA GLU D 6 -12.59 24.96 -17.98
C GLU D 6 -13.89 24.29 -18.41
N ASN D 7 -14.26 23.30 -17.60
CA ASN D 7 -15.44 22.49 -17.85
C ASN D 7 -16.37 22.53 -16.66
N SER D 8 -17.65 22.33 -16.93
CA SER D 8 -18.64 22.02 -15.89
C SER D 8 -18.75 20.48 -15.76
N TRP D 9 -18.90 20.02 -14.52
CA TRP D 9 -18.97 18.57 -14.16
C TRP D 9 -20.16 18.25 -13.29
N THR D 10 -20.69 17.06 -13.49
CA THR D 10 -21.87 16.63 -12.75
C THR D 10 -21.54 15.39 -11.94
N PHE D 11 -21.92 15.46 -10.67
CA PHE D 11 -21.90 14.30 -9.79
C PHE D 11 -23.19 13.52 -9.99
N TRP D 12 -23.03 12.23 -10.15
CA TRP D 12 -24.12 11.25 -10.20
C TRP D 12 -23.99 10.20 -9.12
N PHE D 13 -25.14 9.69 -8.71
CA PHE D 13 -25.19 8.52 -7.84
C PHE D 13 -25.87 7.38 -8.59
N ASP D 14 -25.47 6.17 -8.25
CA ASP D 14 -26.15 4.95 -8.73
C ASP D 14 -26.01 3.86 -7.72
N THR D 15 -27.15 3.30 -7.40
CA THR D 15 -27.29 2.24 -6.43
C THR D 15 -27.76 0.99 -7.18
N PRO D 16 -26.82 0.26 -7.82
CA PRO D 16 -27.29 -0.92 -8.52
C PRO D 16 -27.46 -2.10 -7.58
N ALA D 24 -32.78 -3.37 -14.82
CA ALA D 24 -32.19 -2.61 -15.92
C ALA D 24 -31.19 -1.62 -15.39
N TRP D 25 -30.12 -1.49 -16.15
CA TRP D 25 -28.96 -0.80 -15.65
C TRP D 25 -29.18 0.70 -15.53
N GLY D 26 -28.78 1.22 -14.38
CA GLY D 26 -28.81 2.64 -14.11
C GLY D 26 -30.20 3.21 -13.95
N SER D 27 -31.17 2.35 -13.68
CA SER D 27 -32.55 2.80 -13.45
C SER D 27 -32.57 3.61 -12.17
N SER D 28 -31.44 3.49 -11.50
CA SER D 28 -31.20 4.00 -10.14
C SER D 28 -30.36 5.29 -10.18
N MET D 29 -29.88 5.55 -11.38
CA MET D 29 -28.89 6.58 -11.66
C MET D 29 -29.51 7.94 -11.78
N ARG D 30 -28.93 8.88 -11.04
CA ARG D 30 -29.39 10.27 -11.01
C ARG D 30 -28.26 11.27 -10.93
N PRO D 31 -28.32 12.33 -11.76
CA PRO D 31 -27.39 13.42 -11.62
C PRO D 31 -27.74 14.23 -10.38
N ILE D 32 -26.73 14.67 -9.66
CA ILE D 32 -26.95 15.15 -8.29
C ILE D 32 -26.73 16.66 -8.16
N TYR D 33 -25.68 17.11 -8.81
CA TYR D 33 -25.23 18.52 -8.75
C TYR D 33 -24.20 18.77 -9.84
N THR D 34 -24.34 19.92 -10.52
CA THR D 34 -23.41 20.31 -11.56
C THR D 34 -22.60 21.53 -11.15
N PHE D 35 -21.29 21.37 -11.16
CA PHE D 35 -20.42 22.45 -10.67
C PHE D 35 -19.52 23.00 -11.77
N SER D 36 -19.22 24.28 -11.66
CA SER D 36 -18.56 25.06 -12.72
C SER D 36 -17.41 25.88 -12.20
N THR D 37 -17.35 25.91 -10.88
CA THR D 37 -16.32 26.62 -10.16
C THR D 37 -15.73 25.78 -9.06
N VAL D 38 -14.55 26.21 -8.65
CA VAL D 38 -13.78 25.56 -7.57
C VAL D 38 -14.54 25.64 -6.27
N GLU D 39 -14.96 26.85 -5.95
CA GLU D 39 -15.83 27.13 -4.82
C GLU D 39 -16.94 26.07 -4.73
N GLU D 40 -17.60 25.89 -5.85
CA GLU D 40 -18.75 24.96 -5.98
C GLU D 40 -18.32 23.51 -5.82
N PHE D 41 -17.18 23.19 -6.41
CA PHE D 41 -16.68 21.84 -6.30
C PHE D 41 -16.50 21.45 -4.83
N TRP D 42 -15.85 22.30 -4.04
CA TRP D 42 -15.50 21.95 -2.64
C TRP D 42 -16.74 21.84 -1.76
N SER D 43 -17.75 22.60 -2.14
CA SER D 43 -18.99 22.68 -1.34
C SER D 43 -19.71 21.35 -1.46
N ILE D 44 -19.98 20.96 -2.71
CA ILE D 44 -20.58 19.66 -2.98
C ILE D 44 -19.65 18.52 -2.55
N TYR D 45 -18.37 18.60 -2.91
CA TYR D 45 -17.45 17.49 -2.57
C TYR D 45 -17.53 17.15 -1.07
N ASN D 46 -17.53 18.18 -0.24
CA ASN D 46 -17.42 17.99 1.20
C ASN D 46 -18.72 17.44 1.75
N ASN D 47 -19.79 17.81 1.07
CA ASN D 47 -21.17 17.62 1.57
C ASN D 47 -21.75 16.30 1.13
N ILE D 48 -21.08 15.66 0.20
CA ILE D 48 -21.48 14.31 -0.15
C ILE D 48 -20.44 13.25 0.20
N HIS D 49 -19.26 13.67 0.65
CA HIS D 49 -18.15 12.75 0.93
C HIS D 49 -17.84 12.65 2.42
N HIS D 50 -18.33 13.62 3.18
CA HIS D 50 -17.99 13.77 4.61
C HIS D 50 -19.18 13.54 5.55
N PRO D 51 -18.96 12.80 6.66
CA PRO D 51 -17.71 12.16 7.07
C PRO D 51 -17.43 10.92 6.24
N GLY D 52 -18.49 10.37 5.68
CA GLY D 52 -18.39 9.33 4.63
C GLY D 52 -19.31 9.64 3.47
N LYS D 53 -19.22 8.85 2.40
CA LYS D 53 -20.06 9.02 1.22
C LYS D 53 -21.53 9.10 1.60
N LEU D 54 -22.17 10.16 1.12
CA LEU D 54 -23.56 10.47 1.49
C LEU D 54 -24.53 9.39 1.02
N ALA D 58 -23.95 2.21 -3.58
CA ALA D 58 -23.91 3.48 -4.34
C ALA D 58 -22.57 3.90 -4.95
N ASP D 59 -22.51 3.82 -6.28
CA ASP D 59 -21.38 4.33 -7.07
C ASP D 59 -21.50 5.85 -7.24
N PHE D 60 -20.35 6.50 -7.20
CA PHE D 60 -20.24 7.93 -7.38
C PHE D 60 -19.57 8.17 -8.70
N TYR D 61 -20.24 8.97 -9.52
CA TYR D 61 -19.70 9.38 -10.80
C TYR D 61 -19.40 10.89 -10.77
N CYS D 62 -18.27 11.26 -11.36
CA CYS D 62 -18.02 12.65 -11.73
C CYS D 62 -17.66 12.76 -13.20
N PHE D 63 -18.58 13.40 -13.92
CA PHE D 63 -18.58 13.40 -15.36
C PHE D 63 -18.85 14.79 -15.93
N LYS D 64 -18.14 15.09 -17.00
CA LYS D 64 -18.36 16.32 -17.72
C LYS D 64 -19.84 16.48 -17.99
N HIS D 65 -20.25 17.74 -17.90
CA HIS D 65 -21.64 18.17 -18.08
C HIS D 65 -22.19 17.69 -19.43
N LYS D 66 -23.31 16.99 -19.35
CA LYS D 66 -24.01 16.47 -20.55
C LYS D 66 -23.45 15.15 -21.10
N ILE D 67 -22.45 14.61 -20.44
CA ILE D 67 -22.13 13.22 -20.66
C ILE D 67 -22.86 12.40 -19.60
N GLU D 68 -23.70 11.49 -20.09
CA GLU D 68 -24.36 10.51 -19.25
C GLU D 68 -23.41 9.33 -19.10
N PRO D 69 -23.17 8.88 -17.87
CA PRO D 69 -22.15 7.84 -17.71
C PRO D 69 -22.65 6.42 -17.91
N LYS D 70 -22.86 6.09 -19.18
CA LYS D 70 -23.28 4.76 -19.61
C LYS D 70 -22.54 4.35 -20.86
N TRP D 71 -22.34 3.03 -21.03
CA TRP D 71 -21.57 2.50 -22.17
C TRP D 71 -22.32 2.96 -23.39
N GLU D 72 -23.61 3.19 -23.16
CA GLU D 72 -24.57 3.44 -24.23
C GLU D 72 -24.56 4.90 -24.65
N ASP D 73 -23.97 5.75 -23.81
CA ASP D 73 -23.97 7.19 -24.08
C ASP D 73 -23.21 7.39 -25.40
N PRO D 74 -23.64 8.38 -26.22
CA PRO D 74 -22.99 8.54 -27.54
C PRO D 74 -21.58 9.12 -27.51
N ILE D 75 -21.23 9.78 -26.41
CA ILE D 75 -19.88 10.36 -26.26
C ILE D 75 -18.92 9.30 -25.73
N CYS D 76 -19.47 8.44 -24.86
CA CYS D 76 -18.72 7.38 -24.20
C CYS D 76 -18.61 6.11 -25.08
N ALA D 77 -19.51 5.94 -26.02
CA ALA D 77 -19.65 4.64 -26.71
C ALA D 77 -18.37 4.10 -27.31
N ASN D 78 -17.56 5.02 -27.83
CA ASN D 78 -16.38 4.62 -28.61
C ASN D 78 -15.12 4.77 -27.77
N GLY D 79 -15.34 4.87 -26.46
CA GLY D 79 -14.28 4.93 -25.47
C GLY D 79 -14.09 3.67 -24.66
N GLY D 80 -13.49 3.86 -23.50
CA GLY D 80 -13.22 2.76 -22.54
C GLY D 80 -12.87 3.28 -21.18
N LYS D 81 -12.39 2.39 -20.32
CA LYS D 81 -12.01 2.71 -18.95
C LYS D 81 -10.67 2.16 -18.48
N TRP D 82 -9.88 3.04 -17.89
CA TRP D 82 -8.73 2.65 -17.05
C TRP D 82 -9.27 2.40 -15.67
N THR D 83 -8.85 1.31 -15.05
CA THR D 83 -9.30 0.94 -13.70
C THR D 83 -8.16 0.73 -12.70
N ALA D 84 -8.31 1.37 -11.55
CA ALA D 84 -7.42 1.21 -10.41
C ALA D 84 -8.15 0.50 -9.30
N ASN D 85 -7.47 -0.51 -8.75
CA ASN D 85 -7.98 -1.34 -7.63
C ASN D 85 -7.37 -1.01 -6.28
N TYR D 86 -8.23 -0.97 -5.28
CA TYR D 86 -7.86 -0.64 -3.90
C TYR D 86 -8.47 -1.56 -2.85
N PRO D 87 -7.72 -1.86 -1.78
CA PRO D 87 -8.35 -2.61 -0.71
C PRO D 87 -9.43 -1.80 0.02
N LYS D 88 -10.36 -2.52 0.64
CA LYS D 88 -11.48 -1.86 1.26
C LYS D 88 -10.93 -0.77 2.19
N GLY D 89 -11.45 0.44 2.00
CA GLY D 89 -11.22 1.60 2.89
C GLY D 89 -10.00 2.42 2.53
N LYS D 90 -9.39 2.11 1.40
CA LYS D 90 -8.12 2.72 0.99
C LYS D 90 -8.13 3.56 -0.28
N SER D 91 -9.32 3.95 -0.75
CA SER D 91 -9.44 4.64 -2.04
C SER D 91 -9.74 6.15 -1.97
N ASP D 92 -10.08 6.64 -0.77
CA ASP D 92 -10.64 8.01 -0.61
C ASP D 92 -9.74 9.06 -1.24
N THR D 93 -8.49 8.99 -0.85
CA THR D 93 -7.45 9.95 -1.28
C THR D 93 -7.24 9.86 -2.78
N SER D 94 -7.21 8.64 -3.28
CA SER D 94 -7.04 8.39 -4.71
C SER D 94 -8.24 8.88 -5.49
N TRP D 95 -9.41 8.83 -4.88
CA TRP D 95 -10.64 9.33 -5.51
C TRP D 95 -10.51 10.85 -5.65
N LEU D 96 -10.05 11.49 -4.58
CA LEU D 96 -9.95 12.95 -4.57
C LEU D 96 -8.91 13.45 -5.58
N TYR D 97 -7.79 12.74 -5.66
CA TYR D 97 -6.70 13.12 -6.57
C TYR D 97 -7.16 12.95 -8.02
N THR D 98 -7.97 11.92 -8.23
CA THR D 98 -8.51 11.66 -9.57
C THR D 98 -9.42 12.82 -9.97
N LEU D 99 -10.23 13.25 -9.00
CA LEU D 99 -11.14 14.38 -9.25
C LEU D 99 -10.37 15.64 -9.56
N LEU D 100 -9.33 15.88 -8.78
CA LEU D 100 -8.57 17.14 -8.89
C LEU D 100 -7.82 17.17 -10.22
N ALA D 101 -7.39 16.00 -10.65
CA ALA D 101 -6.63 15.88 -11.92
C ALA D 101 -7.54 16.26 -13.07
N MET D 102 -8.78 15.82 -12.95
CA MET D 102 -9.77 15.96 -14.01
C MET D 102 -10.19 17.40 -14.13
N ILE D 103 -10.62 17.94 -13.00
CA ILE D 103 -11.25 19.27 -12.96
C ILE D 103 -10.23 20.39 -13.14
N GLY D 104 -8.97 20.05 -12.93
CA GLY D 104 -7.87 21.00 -13.09
C GLY D 104 -7.25 20.83 -14.46
N GLU D 105 -7.84 19.94 -15.23
CA GLU D 105 -7.37 19.63 -16.61
C GLU D 105 -5.89 19.30 -16.71
N GLN D 106 -5.43 18.40 -15.83
CA GLN D 106 -3.99 18.11 -15.72
C GLN D 106 -3.49 16.98 -16.62
N PHE D 107 -4.41 16.43 -17.40
CA PHE D 107 -4.06 15.40 -18.38
C PHE D 107 -3.65 15.99 -19.72
N ASP D 108 -2.61 15.39 -20.29
CA ASP D 108 -1.99 15.85 -21.52
C ASP D 108 -2.96 15.71 -22.68
N HIS D 109 -3.70 14.63 -22.63
CA HIS D 109 -4.64 14.25 -23.69
C HIS D 109 -6.02 14.38 -23.09
N GLY D 110 -6.18 15.47 -22.36
CA GLY D 110 -7.37 15.72 -21.55
C GLY D 110 -8.67 15.82 -22.32
N ASP D 111 -8.54 15.84 -23.64
CA ASP D 111 -9.68 16.07 -24.54
C ASP D 111 -10.53 14.84 -24.45
N GLU D 112 -9.86 13.75 -24.13
CA GLU D 112 -10.45 12.41 -24.22
C GLU D 112 -11.15 12.02 -22.94
N ILE D 113 -10.97 12.84 -21.92
CA ILE D 113 -11.58 12.54 -20.62
C ILE D 113 -13.07 12.85 -20.57
N CYS D 114 -13.81 11.84 -20.13
CA CYS D 114 -15.25 11.94 -20.01
C CYS D 114 -15.65 12.15 -18.57
N GLY D 115 -15.09 11.29 -17.73
CA GLY D 115 -15.16 11.41 -16.28
C GLY D 115 -14.63 10.20 -15.54
N ALA D 116 -14.96 10.17 -14.26
CA ALA D 116 -14.57 9.08 -13.36
C ALA D 116 -15.66 8.60 -12.48
N VAL D 117 -15.40 7.45 -11.92
CA VAL D 117 -16.33 6.73 -11.05
C VAL D 117 -15.58 5.90 -9.99
N VAL D 118 -16.10 5.97 -8.77
CA VAL D 118 -15.66 5.10 -7.68
C VAL D 118 -16.78 4.12 -7.31
N ASN D 119 -16.36 2.87 -7.22
CA ASN D 119 -17.21 1.74 -6.85
C ASN D 119 -16.63 1.07 -5.61
N VAL D 120 -17.32 1.26 -4.49
CA VAL D 120 -16.89 0.74 -3.19
C VAL D 120 -17.86 -0.32 -2.72
N ARG D 121 -18.57 -0.84 -3.69
CA ARG D 121 -19.33 -2.06 -3.51
C ARG D 121 -18.28 -3.18 -3.64
N GLY D 122 -18.50 -4.28 -2.93
CA GLY D 122 -17.58 -5.41 -2.98
C GLY D 122 -16.67 -5.58 -1.78
N ARG D 123 -15.63 -6.38 -1.99
CA ARG D 123 -14.64 -6.69 -0.92
C ARG D 123 -13.30 -6.01 -1.26
N ALA D 124 -13.31 -5.32 -2.38
CA ALA D 124 -12.28 -4.31 -2.71
C ALA D 124 -12.95 -3.08 -3.30
N GLU D 125 -12.13 -2.19 -3.82
CA GLU D 125 -12.64 -0.94 -4.37
C GLU D 125 -11.99 -0.64 -5.70
N LYS D 126 -12.72 0.10 -6.52
CA LYS D 126 -12.28 0.47 -7.85
C LYS D 126 -12.50 1.95 -8.10
N ILE D 127 -11.52 2.56 -8.71
CA ILE D 127 -11.73 3.82 -9.39
C ILE D 127 -11.47 3.55 -10.87
N SER D 128 -12.36 4.01 -11.72
CA SER D 128 -12.11 3.97 -13.18
C SER D 128 -12.24 5.38 -13.76
N ILE D 129 -11.37 5.69 -14.70
CA ILE D 129 -11.52 6.88 -15.52
C ILE D 129 -12.05 6.50 -16.88
N TRP D 130 -13.14 7.15 -17.26
CA TRP D 130 -13.79 6.92 -18.56
C TRP D 130 -13.31 7.88 -19.60
N THR D 131 -12.92 7.34 -20.74
CA THR D 131 -12.49 8.14 -21.87
C THR D 131 -13.25 7.87 -23.15
N LYS D 132 -12.98 8.78 -24.08
CA LYS D 132 -13.38 8.70 -25.47
C LYS D 132 -12.27 8.15 -26.30
N ASN D 133 -12.70 7.82 -27.51
CA ASN D 133 -11.83 7.36 -28.61
C ASN D 133 -10.81 6.35 -28.20
N ALA D 134 -11.33 5.18 -27.84
CA ALA D 134 -10.54 4.09 -27.27
C ALA D 134 -9.41 3.63 -28.19
N SER D 135 -9.59 3.88 -29.47
CA SER D 135 -8.74 3.29 -30.51
C SER D 135 -7.51 4.15 -30.67
N ASN D 136 -7.53 5.28 -29.98
CA ASN D 136 -6.36 6.18 -29.94
C ASN D 136 -5.36 5.71 -28.88
N GLU D 137 -4.52 4.78 -29.31
CA GLU D 137 -3.65 4.04 -28.40
C GLU D 137 -2.74 4.96 -27.59
N ALA D 138 -2.32 6.04 -28.23
CA ALA D 138 -1.31 6.97 -27.65
C ALA D 138 -1.97 7.90 -26.62
N ALA D 139 -3.18 8.30 -26.96
CA ALA D 139 -4.03 9.07 -26.06
C ALA D 139 -4.27 8.27 -24.80
N GLN D 140 -4.73 7.04 -25.00
CA GLN D 140 -5.20 6.25 -23.86
C GLN D 140 -4.03 5.93 -22.95
N VAL D 141 -2.92 5.49 -23.52
CA VAL D 141 -1.74 5.05 -22.73
C VAL D 141 -1.14 6.25 -22.00
N SER D 142 -1.24 7.40 -22.66
CA SER D 142 -0.73 8.65 -22.08
C SER D 142 -1.51 8.99 -20.83
N ILE D 143 -2.81 8.67 -20.87
CA ILE D 143 -3.75 8.98 -19.78
C ILE D 143 -3.51 8.04 -18.63
N GLY D 144 -3.38 6.75 -18.95
CA GLY D 144 -3.22 5.73 -17.93
C GLY D 144 -1.96 6.01 -17.16
N LYS D 145 -0.94 6.37 -17.92
CA LYS D 145 0.42 6.64 -17.42
C LYS D 145 0.46 7.80 -16.44
N GLN D 146 -0.13 8.89 -16.88
CA GLN D 146 -0.23 10.10 -16.05
C GLN D 146 -1.05 9.86 -14.81
N TRP D 147 -2.04 8.98 -14.95
CA TRP D 147 -2.98 8.71 -13.86
C TRP D 147 -2.25 7.89 -12.77
N LYS D 148 -1.51 6.89 -13.23
CA LYS D 148 -0.67 6.05 -12.36
C LYS D 148 0.25 6.91 -11.53
N GLU D 149 0.86 7.88 -12.20
CA GLU D 149 1.87 8.71 -11.56
C GLU D 149 1.16 9.55 -10.53
N PHE D 150 -0.04 9.99 -10.89
CA PHE D 150 -0.79 10.93 -10.04
C PHE D 150 -1.18 10.29 -8.75
N LEU D 151 -1.31 8.97 -8.81
CA LEU D 151 -1.87 8.19 -7.72
C LEU D 151 -0.80 7.41 -6.97
N ASP D 152 0.41 7.41 -7.52
CA ASP D 152 1.49 6.60 -6.98
C ASP D 152 1.05 5.17 -7.06
N TYR D 153 0.28 4.87 -8.08
CA TYR D 153 -0.26 3.52 -8.29
C TYR D 153 0.89 2.66 -8.75
N ASN D 154 0.98 1.48 -8.17
CA ASN D 154 2.14 0.61 -8.35
C ASN D 154 1.72 -0.80 -8.70
N GLU D 155 0.56 -0.89 -9.31
CA GLU D 155 0.20 -2.10 -10.02
C GLU D 155 -0.05 -1.78 -11.48
N THR D 156 -0.32 -2.83 -12.22
CA THR D 156 -0.61 -2.68 -13.63
C THR D 156 -2.08 -2.36 -13.68
N MET D 157 -2.43 -1.42 -14.54
CA MET D 157 -3.82 -1.13 -14.82
C MET D 157 -4.12 -1.37 -16.27
N GLY D 158 -5.34 -1.80 -16.52
CA GLY D 158 -5.80 -2.08 -17.87
C GLY D 158 -6.89 -1.14 -18.32
N PHE D 159 -6.94 -1.04 -19.65
CA PHE D 159 -7.97 -0.29 -20.36
C PHE D 159 -8.86 -1.27 -21.08
N ILE D 160 -10.13 -1.22 -20.71
CA ILE D 160 -11.17 -1.99 -21.38
C ILE D 160 -12.09 -1.11 -22.20
N PHE D 161 -12.21 -1.50 -23.46
CA PHE D 161 -13.11 -0.90 -24.45
C PHE D 161 -14.55 -1.12 -24.04
N HIS D 162 -15.32 -0.04 -24.07
CA HIS D 162 -16.72 -0.11 -23.66
C HIS D 162 -17.47 -1.06 -24.57
N ASP D 163 -17.05 -1.08 -25.83
CA ASP D 163 -17.76 -1.83 -26.86
C ASP D 163 -17.57 -3.29 -26.54
N ASP D 164 -16.35 -3.56 -26.09
CA ASP D 164 -15.92 -4.89 -25.63
C ASP D 164 -16.67 -5.27 -24.36
N ALA D 165 -16.82 -4.28 -23.49
CA ALA D 165 -17.53 -4.47 -22.21
C ALA D 165 -19.02 -4.70 -22.50
N ARG D 166 -19.51 -4.12 -23.59
CA ARG D 166 -20.90 -4.33 -24.01
C ARG D 166 -21.04 -5.68 -24.67
N LYS D 167 -20.55 -5.67 -25.90
CA LYS D 167 -20.59 -6.84 -26.82
C LYS D 167 -20.30 -8.19 -26.16
N ALA D 172 -14.20 -10.29 -21.96
CA ALA D 172 -13.90 -8.85 -21.94
C ALA D 172 -12.49 -8.59 -21.44
N LYS D 173 -11.62 -8.23 -22.38
CA LYS D 173 -10.16 -8.13 -22.13
C LYS D 173 -9.61 -6.69 -22.13
N ASN D 174 -8.56 -6.51 -21.32
CA ASN D 174 -7.73 -5.28 -21.32
C ASN D 174 -7.05 -5.15 -22.67
N LYS D 175 -7.25 -4.03 -23.33
CA LYS D 175 -6.69 -3.87 -24.67
C LYS D 175 -5.32 -3.25 -24.52
N TYR D 176 -5.22 -2.44 -23.48
CA TYR D 176 -3.94 -1.82 -23.08
C TYR D 176 -3.69 -2.07 -21.61
N VAL D 177 -2.40 -2.18 -21.30
CA VAL D 177 -1.92 -2.33 -19.93
C VAL D 177 -0.74 -1.41 -19.70
N VAL D 178 -0.77 -0.75 -18.55
CA VAL D 178 0.30 0.18 -18.16
C VAL D 178 0.69 0.01 -16.69
N PRO E 2 8.67 -3.66 -7.50
CA PRO E 2 8.67 -4.08 -6.09
C PRO E 2 7.49 -3.52 -5.33
N HIS E 3 7.29 -4.10 -4.15
CA HIS E 3 6.21 -3.64 -3.26
C HIS E 3 6.78 -2.98 -2.02
N LEU E 4 6.60 -1.67 -1.99
CA LEU E 4 7.00 -0.81 -0.86
C LEU E 4 6.25 -1.13 0.41
N LEU E 5 7.02 -1.27 1.49
CA LEU E 5 6.48 -1.30 2.85
C LEU E 5 6.17 0.13 3.33
N GLU E 6 5.20 0.23 4.24
CA GLU E 6 4.82 1.52 4.89
C GLU E 6 5.95 2.04 5.74
N ASN E 7 6.74 1.09 6.22
CA ASN E 7 7.90 1.39 7.09
C ASN E 7 9.14 0.64 6.65
N SER E 8 10.29 1.23 6.94
CA SER E 8 11.53 0.49 6.82
C SER E 8 11.85 -0.17 8.14
N TRP E 9 12.59 -1.26 8.01
CA TRP E 9 12.91 -2.13 9.14
C TRP E 9 14.36 -2.59 9.07
N THR E 10 14.95 -2.70 10.26
CA THR E 10 16.36 -3.11 10.42
C THR E 10 16.50 -4.38 11.25
N PHE E 11 17.22 -5.33 10.68
CA PHE E 11 17.64 -6.52 11.42
C PHE E 11 18.91 -6.22 12.23
N TRP E 12 18.85 -6.50 13.52
CA TRP E 12 20.03 -6.49 14.37
C TRP E 12 20.25 -7.85 14.96
N PHE E 13 21.48 -8.04 15.39
CA PHE E 13 21.88 -9.28 16.02
C PHE E 13 22.78 -9.05 17.21
N ASP E 14 22.49 -9.82 18.26
CA ASP E 14 23.31 -9.84 19.46
C ASP E 14 23.72 -11.27 19.76
N THR E 15 24.97 -11.44 20.12
CA THR E 15 25.49 -12.78 20.42
C THR E 15 25.86 -12.96 21.88
N PRO E 16 25.97 -14.22 22.30
CA PRO E 16 26.30 -14.64 23.66
C PRO E 16 27.38 -13.76 24.29
N ALA E 17 28.49 -13.64 23.58
CA ALA E 17 29.61 -12.72 23.91
C ALA E 17 29.12 -11.34 24.44
N ALA E 24 28.31 -2.37 29.42
CA ALA E 24 26.98 -1.87 29.11
C ALA E 24 26.24 -2.74 28.11
N TRP E 25 24.94 -2.50 28.11
CA TRP E 25 24.00 -3.27 27.31
C TRP E 25 23.96 -2.84 25.86
N GLY E 26 24.12 -3.82 24.98
CA GLY E 26 23.92 -3.65 23.54
C GLY E 26 25.03 -2.93 22.81
N SER E 27 26.17 -2.84 23.46
CA SER E 27 27.39 -2.29 22.82
C SER E 27 27.75 -3.23 21.69
N SER E 28 27.25 -4.45 21.87
CA SER E 28 27.47 -5.59 20.98
C SER E 28 26.62 -5.47 19.73
N MET E 29 25.35 -5.21 19.96
CA MET E 29 24.33 -5.00 18.90
C MET E 29 24.76 -4.12 17.74
N ARG E 30 24.50 -4.63 16.55
CA ARG E 30 24.86 -3.97 15.30
C ARG E 30 23.76 -4.12 14.26
N PRO E 31 23.54 -3.08 13.46
CA PRO E 31 22.57 -3.25 12.40
C PRO E 31 23.16 -3.90 11.14
N ILE E 32 22.46 -4.93 10.69
CA ILE E 32 22.95 -5.76 9.60
C ILE E 32 22.46 -5.20 8.29
N TYR E 33 21.17 -4.98 8.26
CA TYR E 33 20.47 -4.60 7.05
C TYR E 33 19.14 -3.92 7.35
N THR E 34 18.91 -2.85 6.60
CA THR E 34 17.63 -2.16 6.56
C THR E 34 16.95 -2.39 5.21
N PHE E 35 15.70 -2.83 5.27
CA PHE E 35 14.90 -3.11 4.08
C PHE E 35 13.63 -2.28 4.08
N SER E 36 13.16 -2.00 2.87
CA SER E 36 11.95 -1.19 2.67
C SER E 36 10.92 -1.76 1.72
N THR E 37 11.21 -2.93 1.15
CA THR E 37 10.25 -3.64 0.31
C THR E 37 10.04 -5.07 0.76
N VAL E 38 8.94 -5.62 0.25
CA VAL E 38 8.45 -6.95 0.59
C VAL E 38 9.49 -7.92 0.05
N GLU E 39 9.92 -7.64 -1.17
CA GLU E 39 10.78 -8.56 -1.91
C GLU E 39 12.11 -8.63 -1.19
N GLU E 40 12.47 -7.48 -0.65
CA GLU E 40 13.80 -7.25 -0.10
C GLU E 40 13.86 -7.96 1.25
N PHE E 41 12.68 -7.97 1.89
CA PHE E 41 12.47 -8.69 3.14
C PHE E 41 12.75 -10.17 2.96
N TRP E 42 12.10 -10.73 1.97
CA TRP E 42 12.25 -12.17 1.70
C TRP E 42 13.68 -12.48 1.34
N SER E 43 14.33 -11.49 0.77
CA SER E 43 15.71 -11.63 0.32
C SER E 43 16.67 -11.80 1.50
N ILE E 44 16.58 -10.94 2.50
CA ILE E 44 17.49 -11.06 3.65
C ILE E 44 16.96 -12.08 4.62
N TYR E 45 15.65 -12.25 4.68
CA TYR E 45 15.10 -13.24 5.63
C TYR E 45 15.51 -14.67 5.29
N ASN E 46 15.74 -14.93 4.02
CA ASN E 46 16.00 -16.30 3.59
C ASN E 46 17.47 -16.61 3.73
N ASN E 47 18.25 -15.55 3.87
CA ASN E 47 19.72 -15.62 3.82
C ASN E 47 20.33 -15.48 5.21
N ILE E 48 19.43 -15.27 6.16
CA ILE E 48 19.76 -15.23 7.58
C ILE E 48 19.50 -16.53 8.32
N HIS E 49 20.21 -16.66 9.42
CA HIS E 49 19.93 -17.74 10.36
C HIS E 49 18.54 -17.54 10.91
N HIS E 50 17.78 -18.62 10.90
CA HIS E 50 16.51 -18.67 11.61
C HIS E 50 16.70 -19.27 13.01
N PRO E 51 15.77 -18.97 13.93
CA PRO E 51 16.04 -19.13 15.35
C PRO E 51 16.51 -20.53 15.70
N GLY E 52 16.11 -21.50 14.88
CA GLY E 52 16.39 -22.91 15.15
C GLY E 52 17.84 -23.24 14.84
N LYS E 53 18.52 -22.23 14.32
CA LYS E 53 19.92 -22.35 13.87
C LYS E 53 20.78 -21.31 14.52
N LEU E 54 20.19 -20.63 15.49
CA LEU E 54 20.88 -19.61 16.26
C LEU E 54 21.44 -20.24 17.51
N ALA E 55 22.63 -19.79 17.89
CA ALA E 55 23.26 -20.28 19.13
C ALA E 55 22.40 -19.94 20.32
N VAL E 56 22.62 -20.71 21.38
CA VAL E 56 22.06 -20.41 22.68
C VAL E 56 22.64 -19.09 23.14
N GLY E 57 21.76 -18.13 23.42
CA GLY E 57 22.12 -16.84 24.00
C GLY E 57 22.05 -15.76 22.96
N ALA E 58 21.74 -16.22 21.75
CA ALA E 58 21.54 -15.34 20.61
C ALA E 58 20.21 -14.62 20.68
N ASP E 59 20.27 -13.34 20.33
CA ASP E 59 19.10 -12.49 20.16
C ASP E 59 19.12 -11.92 18.78
N PHE E 60 17.97 -11.99 18.12
CA PHE E 60 17.77 -11.46 16.78
C PHE E 60 16.59 -10.50 16.74
N TYR E 61 16.89 -9.28 16.33
CA TYR E 61 15.92 -8.19 16.28
C TYR E 61 15.48 -7.75 14.86
N CYS E 62 14.23 -7.36 14.82
CA CYS E 62 13.68 -6.60 13.66
C CYS E 62 12.90 -5.40 14.11
N PHE E 63 13.51 -4.23 13.93
CA PHE E 63 13.00 -2.97 14.47
C PHE E 63 12.85 -1.90 13.42
N LYS E 64 11.83 -1.08 13.61
CA LYS E 64 11.63 0.10 12.78
C LYS E 64 12.91 0.87 12.61
N HIS E 65 13.12 1.31 11.38
CA HIS E 65 14.33 2.06 11.05
C HIS E 65 14.58 3.24 12.00
N LYS E 66 15.79 3.22 12.55
CA LYS E 66 16.34 4.27 13.39
C LYS E 66 15.88 4.17 14.84
N ILE E 67 15.16 3.13 15.13
CA ILE E 67 14.85 2.81 16.52
C ILE E 67 15.81 1.75 17.01
N GLU E 68 16.55 2.11 18.05
CA GLU E 68 17.50 1.20 18.68
C GLU E 68 16.74 0.24 19.62
N PRO E 69 16.99 -1.07 19.48
CA PRO E 69 16.25 -1.98 20.34
C PRO E 69 16.92 -2.11 21.67
N LYS E 70 16.75 -1.05 22.43
CA LYS E 70 17.19 -1.00 23.81
C LYS E 70 16.14 -0.25 24.63
N TRP E 71 15.94 -0.67 25.88
CA TRP E 71 14.97 0.01 26.76
C TRP E 71 15.43 1.45 26.88
N GLU E 72 16.70 1.68 26.61
CA GLU E 72 17.29 3.00 26.86
C GLU E 72 17.02 3.97 25.73
N ASP E 73 16.52 3.43 24.62
CA ASP E 73 16.09 4.29 23.53
C ASP E 73 14.88 5.08 24.03
N PRO E 74 14.96 6.41 24.00
CA PRO E 74 13.92 7.26 24.54
C PRO E 74 12.55 6.91 24.01
N ILE E 75 12.52 6.46 22.77
CA ILE E 75 11.28 6.12 22.08
C ILE E 75 10.74 4.83 22.72
N CYS E 76 11.65 4.04 23.23
CA CYS E 76 11.31 2.70 23.74
C CYS E 76 11.04 2.71 25.23
N ALA E 77 11.47 3.79 25.88
CA ALA E 77 11.59 3.80 27.34
C ALA E 77 10.26 3.63 28.08
N ASN E 78 9.26 4.34 27.62
CA ASN E 78 7.96 4.37 28.32
C ASN E 78 7.09 3.21 27.86
N GLY E 79 7.73 2.22 27.23
CA GLY E 79 7.06 1.05 26.62
C GLY E 79 7.21 -0.28 27.34
N GLY E 80 6.94 -1.35 26.60
CA GLY E 80 7.10 -2.72 27.10
C GLY E 80 7.06 -3.76 26.00
N LYS E 81 6.99 -5.04 26.39
CA LYS E 81 6.94 -6.13 25.42
C LYS E 81 5.91 -7.20 25.78
N TRP E 82 5.27 -7.71 24.75
CA TRP E 82 4.51 -8.97 24.82
C TRP E 82 5.44 -10.12 24.51
N THR E 83 5.31 -11.21 25.26
CA THR E 83 6.18 -12.38 25.06
C THR E 83 5.46 -13.71 24.93
N ALA E 84 5.86 -14.41 23.87
CA ALA E 84 5.41 -15.75 23.54
C ALA E 84 6.58 -16.73 23.63
N ASN E 85 6.29 -17.90 24.18
CA ASN E 85 7.29 -18.92 24.47
C ASN E 85 7.14 -20.15 23.63
N TYR E 86 8.30 -20.62 23.18
CA TYR E 86 8.42 -21.80 22.34
C TYR E 86 9.46 -22.76 22.88
N PRO E 87 9.29 -24.05 22.58
CA PRO E 87 10.35 -25.03 22.67
C PRO E 87 11.45 -24.76 21.67
N LYS E 88 12.64 -25.15 22.09
CA LYS E 88 13.82 -25.19 21.24
C LYS E 88 13.49 -25.73 19.87
N GLY E 89 13.76 -24.90 18.87
CA GLY E 89 13.66 -25.30 17.47
C GLY E 89 12.24 -25.30 16.95
N LYS E 90 11.30 -24.87 17.79
CA LYS E 90 9.87 -24.93 17.44
C LYS E 90 9.18 -23.57 17.22
N SER E 91 9.96 -22.53 16.98
CA SER E 91 9.39 -21.18 16.89
C SER E 91 9.56 -20.49 15.53
N ASP E 92 10.27 -21.16 14.62
CA ASP E 92 10.59 -20.58 13.29
C ASP E 92 9.45 -19.87 12.59
N THR E 93 8.47 -20.67 12.23
CA THR E 93 7.27 -20.17 11.56
C THR E 93 6.59 -19.04 12.32
N SER E 94 6.67 -19.10 13.64
CA SER E 94 5.99 -18.10 14.47
C SER E 94 6.72 -16.77 14.35
N TRP E 95 8.02 -16.89 14.14
CA TRP E 95 8.91 -15.75 13.97
C TRP E 95 8.58 -15.11 12.64
N LEU E 96 8.39 -15.95 11.63
CA LEU E 96 8.07 -15.46 10.29
C LEU E 96 6.75 -14.70 10.36
N TYR E 97 5.77 -15.33 10.97
CA TYR E 97 4.40 -14.79 11.04
C TYR E 97 4.35 -13.46 11.82
N THR E 98 5.35 -13.27 12.64
CA THR E 98 5.39 -12.10 13.51
C THR E 98 5.95 -10.95 12.71
N LEU E 99 6.93 -11.32 11.92
CA LEU E 99 7.60 -10.40 11.00
C LEU E 99 6.65 -9.91 9.91
N LEU E 100 5.92 -10.85 9.35
CA LEU E 100 4.97 -10.54 8.27
C LEU E 100 3.89 -9.62 8.81
N ALA E 101 3.34 -10.06 9.93
CA ALA E 101 2.32 -9.27 10.66
C ALA E 101 2.74 -7.82 10.87
N MET E 102 4.02 -7.64 11.19
CA MET E 102 4.53 -6.31 11.57
C MET E 102 4.75 -5.45 10.34
N ILE E 103 5.41 -6.02 9.36
CA ILE E 103 5.90 -5.27 8.19
C ILE E 103 4.73 -4.99 7.24
N GLY E 104 3.71 -5.81 7.41
CA GLY E 104 2.45 -5.69 6.69
C GLY E 104 1.49 -4.76 7.40
N GLU E 105 1.96 -4.19 8.49
CA GLU E 105 1.16 -3.23 9.25
C GLU E 105 -0.23 -3.77 9.53
N GLN E 106 -0.26 -5.02 9.98
CA GLN E 106 -1.51 -5.73 10.25
C GLN E 106 -2.15 -5.43 11.61
N PHE E 107 -1.49 -4.61 12.42
CA PHE E 107 -2.00 -4.32 13.79
C PHE E 107 -2.84 -3.05 13.89
N ASP E 108 -4.01 -3.20 14.50
CA ASP E 108 -4.93 -2.07 14.66
C ASP E 108 -4.23 -0.90 15.33
N HIS E 109 -3.39 -1.22 16.29
CA HIS E 109 -2.68 -0.20 17.08
C HIS E 109 -1.20 -0.22 16.76
N GLY E 110 -0.94 -0.39 15.47
CA GLY E 110 0.41 -0.60 14.95
C GLY E 110 1.42 0.51 15.14
N ASP E 111 0.89 1.72 15.38
CA ASP E 111 1.73 2.89 15.72
C ASP E 111 2.64 2.62 16.92
N GLU E 112 2.17 1.78 17.83
CA GLU E 112 2.82 1.61 19.13
C GLU E 112 3.98 0.66 19.00
N ILE E 113 4.00 -0.03 17.87
CA ILE E 113 5.01 -1.06 17.62
C ILE E 113 6.38 -0.51 17.28
N CYS E 114 7.36 -1.03 18.01
CA CYS E 114 8.75 -0.63 17.81
C CYS E 114 9.48 -1.63 16.97
N GLY E 115 9.24 -2.86 17.34
CA GLY E 115 9.85 -4.00 16.69
C GLY E 115 9.59 -5.27 17.45
N ALA E 116 10.31 -6.30 17.05
CA ALA E 116 10.18 -7.62 17.65
C ALA E 116 11.55 -8.25 17.78
N VAL E 117 11.61 -9.29 18.59
CA VAL E 117 12.86 -10.04 18.78
C VAL E 117 12.59 -11.49 19.06
N VAL E 118 13.58 -12.29 18.66
CA VAL E 118 13.62 -13.72 19.01
C VAL E 118 14.87 -14.00 19.84
N ASN E 119 14.66 -14.51 21.04
CA ASN E 119 15.73 -14.90 21.94
C ASN E 119 15.80 -16.42 22.06
N VAL E 120 16.98 -16.94 21.74
CA VAL E 120 17.26 -18.38 21.78
C VAL E 120 18.05 -18.70 23.03
N ARG E 121 17.46 -19.58 23.83
CA ARG E 121 18.02 -20.04 25.11
C ARG E 121 18.17 -21.54 25.21
N GLY E 122 18.20 -21.95 26.47
CA GLY E 122 18.54 -23.31 26.87
C GLY E 122 17.61 -24.39 26.36
N ARG E 123 16.50 -24.54 27.08
CA ARG E 123 15.51 -25.55 26.76
C ARG E 123 14.32 -24.90 26.09
N ALA E 124 14.46 -23.61 25.78
CA ALA E 124 13.39 -22.83 25.17
C ALA E 124 13.82 -21.66 24.30
N GLU E 125 12.84 -21.15 23.59
CA GLU E 125 12.98 -19.94 22.74
C GLU E 125 11.79 -19.04 22.99
N LYS E 126 12.03 -17.74 22.92
CA LYS E 126 10.93 -16.80 22.96
C LYS E 126 10.95 -15.74 21.90
N ILE E 127 9.78 -15.20 21.69
CA ILE E 127 9.59 -14.11 20.74
C ILE E 127 8.84 -13.04 21.46
N SER E 128 9.28 -11.80 21.27
CA SER E 128 8.66 -10.63 21.89
C SER E 128 8.41 -9.51 20.89
N ILE E 129 7.26 -8.86 21.04
CA ILE E 129 6.99 -7.58 20.38
C ILE E 129 7.12 -6.39 21.32
N TRP E 130 8.14 -5.60 21.05
CA TRP E 130 8.36 -4.30 21.72
C TRP E 130 7.46 -3.21 21.20
N THR E 131 6.74 -2.59 22.13
CA THR E 131 5.86 -1.44 21.86
C THR E 131 6.24 -0.17 22.65
N LYS E 132 5.48 0.89 22.39
CA LYS E 132 5.90 2.28 22.65
C LYS E 132 5.33 2.87 23.94
N ASN E 133 4.03 2.71 24.16
CA ASN E 133 3.33 3.41 25.29
C ASN E 133 2.62 2.46 26.23
N ALA E 134 3.34 1.95 27.21
CA ALA E 134 2.87 0.76 27.94
C ALA E 134 1.54 1.00 28.61
N SER E 135 1.33 2.27 28.96
CA SER E 135 0.19 2.67 29.79
C SER E 135 -1.07 2.87 28.94
N ASN E 136 -0.91 2.84 27.62
CA ASN E 136 -2.07 2.85 26.70
C ASN E 136 -2.64 1.45 26.65
N GLU E 137 -3.18 1.11 27.79
CA GLU E 137 -3.76 -0.21 28.09
C GLU E 137 -4.47 -0.87 26.93
N ALA E 138 -5.46 -0.16 26.42
CA ALA E 138 -6.32 -0.61 25.32
C ALA E 138 -5.51 -1.02 24.12
N ALA E 139 -4.73 -0.04 23.71
CA ALA E 139 -3.71 -0.15 22.66
C ALA E 139 -2.86 -1.43 22.79
N GLN E 140 -2.44 -1.74 24.01
CA GLN E 140 -1.52 -2.85 24.25
C GLN E 140 -2.25 -4.18 24.27
N VAL E 141 -3.44 -4.20 24.83
CA VAL E 141 -4.23 -5.45 24.92
C VAL E 141 -4.70 -5.85 23.53
N SER E 142 -5.08 -4.85 22.74
CA SER E 142 -5.45 -5.11 21.36
C SER E 142 -4.32 -5.85 20.66
N ILE E 143 -3.12 -5.36 20.91
CA ILE E 143 -1.97 -5.78 20.13
C ILE E 143 -1.73 -7.23 20.44
N GLY E 144 -1.95 -7.56 21.70
CA GLY E 144 -1.54 -8.84 22.26
C GLY E 144 -2.47 -9.92 21.79
N LYS E 145 -3.71 -9.52 21.60
CA LYS E 145 -4.77 -10.47 21.30
C LYS E 145 -4.67 -10.82 19.86
N GLN E 146 -4.51 -9.76 19.09
CA GLN E 146 -4.25 -9.87 17.66
C GLN E 146 -3.05 -10.74 17.39
N TRP E 147 -2.04 -10.59 18.22
CA TRP E 147 -0.80 -11.30 17.99
C TRP E 147 -1.00 -12.78 18.30
N LYS E 148 -1.66 -13.07 19.41
CA LYS E 148 -1.93 -14.47 19.80
C LYS E 148 -2.69 -15.13 18.69
N GLU E 149 -3.43 -14.28 17.99
CA GLU E 149 -4.37 -14.72 16.96
C GLU E 149 -3.55 -15.03 15.73
N PHE E 150 -2.72 -14.06 15.37
CA PHE E 150 -1.85 -14.21 14.20
C PHE E 150 -0.99 -15.45 14.42
N LEU E 151 -0.72 -15.73 15.69
CA LEU E 151 0.28 -16.73 16.08
C LEU E 151 -0.38 -18.09 16.29
N ASP E 152 -1.66 -18.03 16.62
CA ASP E 152 -2.42 -19.25 16.90
C ASP E 152 -1.77 -19.82 18.12
N TYR E 153 -1.39 -18.88 18.97
CA TYR E 153 -0.79 -19.12 20.28
C TYR E 153 -1.86 -19.52 21.29
N ASN E 154 -1.58 -20.64 21.95
CA ASN E 154 -2.60 -21.38 22.70
C ASN E 154 -2.36 -21.34 24.19
N GLU E 155 -1.41 -20.52 24.58
CA GLU E 155 -1.14 -20.27 26.00
C GLU E 155 -1.21 -18.79 26.28
N THR E 156 -1.01 -18.43 27.55
CA THR E 156 -1.17 -17.03 27.95
C THR E 156 0.13 -16.32 27.64
N MET E 157 0.00 -15.07 27.22
CA MET E 157 1.16 -14.20 27.11
C MET E 157 0.97 -12.93 27.93
N GLY E 158 2.07 -12.53 28.53
CA GLY E 158 2.15 -11.31 29.32
C GLY E 158 2.85 -10.14 28.69
N PHE E 159 2.39 -8.97 29.08
CA PHE E 159 3.05 -7.70 28.75
C PHE E 159 3.83 -7.26 29.97
N ILE E 160 5.13 -7.12 29.80
CA ILE E 160 6.02 -6.60 30.82
C ILE E 160 6.47 -5.17 30.47
N PHE E 161 6.12 -4.25 31.35
CA PHE E 161 6.58 -2.86 31.23
C PHE E 161 8.10 -2.87 31.30
N HIS E 162 8.73 -2.08 30.42
CA HIS E 162 10.21 -1.96 30.42
C HIS E 162 10.68 -1.39 31.75
N ASP E 163 9.89 -0.45 32.24
CA ASP E 163 10.16 0.19 33.54
C ASP E 163 10.39 -0.86 34.62
N ASP E 164 9.41 -1.74 34.72
CA ASP E 164 9.46 -2.80 35.73
C ASP E 164 10.59 -3.79 35.45
N ALA E 165 10.94 -3.91 34.18
CA ALA E 165 11.98 -4.86 33.77
C ALA E 165 13.35 -4.33 34.22
N ARG E 166 13.57 -3.05 33.96
CA ARG E 166 14.85 -2.43 34.31
C ARG E 166 15.00 -2.36 35.83
N LYS E 167 13.87 -2.17 36.49
CA LYS E 167 13.81 -2.16 37.96
C LYS E 167 13.31 -3.50 38.49
N ALA E 172 9.79 -8.92 38.23
CA ALA E 172 9.06 -8.17 37.20
C ALA E 172 7.87 -8.97 36.70
N LYS E 173 6.70 -8.41 36.90
CA LYS E 173 5.48 -9.12 36.56
C LYS E 173 4.78 -8.59 35.34
N ASN E 174 3.88 -9.45 34.89
CA ASN E 174 3.03 -9.19 33.73
C ASN E 174 1.91 -8.29 34.16
N LYS E 175 1.84 -7.13 33.51
CA LYS E 175 0.87 -6.11 33.89
C LYS E 175 -0.42 -6.49 33.20
N TYR E 176 -0.22 -6.94 31.97
CA TYR E 176 -1.30 -7.39 31.09
C TYR E 176 -1.09 -8.85 30.74
N VAL E 177 -2.18 -9.56 30.54
CA VAL E 177 -2.15 -10.97 30.15
C VAL E 177 -3.28 -11.27 29.15
N VAL E 178 -2.93 -11.93 28.06
CA VAL E 178 -3.92 -12.35 27.05
C VAL E 178 -3.81 -13.84 26.80
N PRO F 2 7.96 -4.66 -16.67
CA PRO F 2 8.63 -5.96 -16.72
C PRO F 2 7.98 -6.96 -17.65
N HIS F 3 8.06 -8.20 -17.22
CA HIS F 3 7.44 -9.34 -17.89
C HIS F 3 6.16 -9.64 -17.17
N LEU F 4 5.05 -9.28 -17.79
CA LEU F 4 3.74 -9.44 -17.16
C LEU F 4 3.13 -10.78 -17.47
N LEU F 5 2.63 -11.41 -16.40
CA LEU F 5 1.82 -12.62 -16.49
C LEU F 5 0.35 -12.23 -16.65
N GLU F 6 -0.39 -13.08 -17.35
CA GLU F 6 -1.83 -12.84 -17.60
C GLU F 6 -2.59 -12.67 -16.29
N ASN F 7 -2.18 -13.45 -15.31
CA ASN F 7 -2.83 -13.45 -13.99
C ASN F 7 -1.87 -13.06 -12.87
N SER F 8 -2.44 -12.53 -11.81
CA SER F 8 -1.75 -12.37 -10.55
C SER F 8 -2.06 -13.58 -9.69
N TRP F 9 -1.04 -14.03 -8.96
CA TRP F 9 -1.15 -15.25 -8.17
C TRP F 9 -0.66 -14.97 -6.76
N THR F 10 -1.17 -15.76 -5.82
CA THR F 10 -0.81 -15.62 -4.41
C THR F 10 -0.36 -16.95 -3.82
N PHE F 11 0.78 -16.90 -3.15
CA PHE F 11 1.29 -18.01 -2.35
C PHE F 11 0.64 -17.93 -0.99
N TRP F 12 0.18 -19.09 -0.55
CA TRP F 12 -0.48 -19.24 0.73
C TRP F 12 0.24 -20.30 1.54
N PHE F 13 0.28 -20.08 2.84
CA PHE F 13 0.92 -21.01 3.75
C PHE F 13 -0.08 -21.47 4.80
N ASP F 14 0.08 -22.71 5.21
CA ASP F 14 -0.78 -23.26 6.24
C ASP F 14 -0.18 -24.44 6.98
N THR F 15 -0.62 -24.58 8.22
CA THR F 15 0.00 -25.50 9.18
C THR F 15 -0.90 -25.77 10.38
N ALA F 24 -10.77 -24.66 13.86
CA ALA F 24 -11.07 -25.61 12.80
C ALA F 24 -9.99 -25.61 11.72
N TRP F 25 -10.33 -26.13 10.56
CA TRP F 25 -9.36 -26.35 9.49
C TRP F 25 -8.97 -25.09 8.75
N GLY F 26 -7.68 -25.01 8.47
CA GLY F 26 -7.15 -24.00 7.55
C GLY F 26 -7.53 -22.70 8.18
N SER F 27 -7.44 -22.71 9.49
CA SER F 27 -7.68 -21.52 10.30
C SER F 27 -6.36 -20.77 10.39
N SER F 28 -5.30 -21.53 10.22
CA SER F 28 -3.92 -21.07 10.41
C SER F 28 -3.33 -20.62 9.08
N MET F 29 -4.24 -20.51 8.10
CA MET F 29 -3.89 -20.26 6.70
C MET F 29 -3.61 -18.78 6.43
N ARG F 30 -2.44 -18.49 5.89
CA ARG F 30 -2.07 -17.11 5.54
C ARG F 30 -1.55 -16.95 4.10
N PRO F 31 -1.92 -15.83 3.46
CA PRO F 31 -1.29 -15.66 2.19
C PRO F 31 -0.01 -14.93 2.44
N ILE F 32 0.98 -15.27 1.63
CA ILE F 32 2.38 -14.91 1.88
C ILE F 32 2.87 -13.82 0.96
N TYR F 33 2.41 -13.88 -0.27
CA TYR F 33 2.92 -13.01 -1.33
C TYR F 33 2.13 -13.14 -2.62
N THR F 34 2.02 -12.03 -3.33
CA THR F 34 1.25 -11.96 -4.56
C THR F 34 2.12 -11.38 -5.66
N PHE F 35 2.27 -12.16 -6.72
CA PHE F 35 3.13 -11.80 -7.86
C PHE F 35 2.30 -11.69 -9.10
N SER F 36 2.67 -10.70 -9.90
CA SER F 36 2.01 -10.39 -11.18
C SER F 36 3.02 -10.36 -12.33
N THR F 37 4.30 -10.56 -11.99
CA THR F 37 5.40 -10.51 -12.97
C THR F 37 6.34 -11.69 -12.81
N VAL F 38 7.01 -12.00 -13.91
CA VAL F 38 7.97 -13.11 -13.96
C VAL F 38 9.09 -12.89 -12.95
N GLU F 39 9.49 -11.64 -12.84
CA GLU F 39 10.63 -11.27 -11.98
C GLU F 39 10.27 -11.50 -10.51
N GLU F 40 9.03 -11.16 -10.19
CA GLU F 40 8.50 -11.25 -8.81
C GLU F 40 8.28 -12.70 -8.44
N PHE F 41 8.06 -13.50 -9.46
CA PHE F 41 7.81 -14.92 -9.24
C PHE F 41 9.08 -15.61 -8.71
N TRP F 42 10.13 -15.49 -9.49
CA TRP F 42 11.42 -16.08 -9.15
C TRP F 42 12.04 -15.59 -7.83
N SER F 43 11.96 -14.31 -7.55
CA SER F 43 12.66 -13.83 -6.37
C SER F 43 12.06 -14.46 -5.13
N ILE F 44 10.74 -14.56 -5.12
CA ILE F 44 10.06 -15.11 -3.96
C ILE F 44 10.19 -16.63 -3.98
N TYR F 45 10.27 -17.18 -5.19
CA TYR F 45 10.20 -18.64 -5.33
C TYR F 45 11.50 -19.22 -4.83
N ASN F 46 12.56 -18.45 -5.03
CA ASN F 46 13.91 -18.91 -4.70
C ASN F 46 14.18 -18.63 -3.23
N ASN F 47 13.32 -17.80 -2.65
CA ASN F 47 13.53 -17.35 -1.28
C ASN F 47 12.58 -18.02 -0.30
N ILE F 48 12.02 -19.13 -0.79
CA ILE F 48 11.03 -19.94 -0.07
C ILE F 48 11.22 -21.45 -0.23
N HIS F 49 10.87 -22.17 0.84
CA HIS F 49 11.09 -23.64 0.95
C HIS F 49 10.40 -24.40 -0.16
N HIS F 50 11.18 -25.29 -0.79
CA HIS F 50 10.58 -26.32 -1.65
C HIS F 50 9.92 -27.32 -0.71
N PRO F 51 8.88 -28.02 -1.20
CA PRO F 51 8.14 -29.04 -0.47
C PRO F 51 9.07 -30.08 0.15
N GLY F 52 10.26 -30.19 -0.43
CA GLY F 52 11.23 -31.18 -0.01
C GLY F 52 11.75 -30.85 1.38
N LYS F 53 11.51 -29.60 1.78
CA LYS F 53 12.08 -29.04 3.01
C LYS F 53 11.03 -28.37 3.91
N LEU F 54 9.76 -28.58 3.60
CA LEU F 54 8.69 -28.08 4.47
C LEU F 54 8.30 -29.07 5.54
N ALA F 55 7.72 -28.52 6.59
CA ALA F 55 7.40 -29.30 7.78
C ALA F 55 6.30 -30.25 7.41
N VAL F 56 6.33 -31.42 8.03
CA VAL F 56 5.35 -32.48 7.75
C VAL F 56 3.96 -32.11 8.21
N GLY F 57 3.07 -32.02 7.22
CA GLY F 57 1.67 -31.63 7.45
C GLY F 57 1.44 -30.18 7.08
N ALA F 58 2.51 -29.56 6.55
CA ALA F 58 2.41 -28.22 5.95
C ALA F 58 1.92 -28.28 4.50
N ASP F 59 1.19 -27.22 4.15
CA ASP F 59 0.63 -27.05 2.82
C ASP F 59 1.05 -25.72 2.22
N PHE F 60 1.50 -25.81 0.98
CA PHE F 60 1.86 -24.64 0.20
C PHE F 60 1.01 -24.53 -1.04
N TYR F 61 0.31 -23.40 -1.10
CA TYR F 61 -0.62 -23.09 -2.17
C TYR F 61 -0.14 -21.96 -3.09
N CYS F 62 -0.51 -22.10 -4.35
CA CYS F 62 -0.45 -20.99 -5.32
C CYS F 62 -1.73 -20.94 -6.15
N PHE F 63 -2.51 -19.92 -5.82
CA PHE F 63 -3.83 -19.72 -6.37
C PHE F 63 -3.90 -18.34 -7.00
N LYS F 64 -4.74 -18.21 -8.01
CA LYS F 64 -4.97 -16.91 -8.63
C LYS F 64 -5.40 -15.93 -7.56
N HIS F 65 -4.95 -14.70 -7.70
CA HIS F 65 -5.33 -13.65 -6.76
C HIS F 65 -6.82 -13.66 -6.46
N LYS F 66 -7.12 -13.45 -5.19
CA LYS F 66 -8.48 -13.18 -4.78
C LYS F 66 -9.24 -14.46 -4.47
N ILE F 67 -8.76 -15.55 -5.05
CA ILE F 67 -9.35 -16.88 -4.82
C ILE F 67 -8.75 -17.52 -3.58
N GLU F 68 -9.57 -17.67 -2.56
CA GLU F 68 -9.18 -18.43 -1.38
C GLU F 68 -9.18 -19.93 -1.69
N PRO F 69 -8.09 -20.62 -1.33
CA PRO F 69 -7.92 -22.05 -1.51
C PRO F 69 -8.74 -22.84 -0.50
N LYS F 70 -10.04 -22.58 -0.54
CA LYS F 70 -11.04 -23.27 0.28
C LYS F 70 -12.19 -23.81 -0.55
N TRP F 71 -12.62 -25.02 -0.22
CA TRP F 71 -13.76 -25.64 -0.90
C TRP F 71 -14.92 -24.66 -0.89
N GLU F 72 -14.88 -23.76 0.08
CA GLU F 72 -16.07 -22.98 0.42
C GLU F 72 -16.04 -21.64 -0.25
N ASP F 73 -14.93 -21.41 -0.95
CA ASP F 73 -14.78 -20.23 -1.80
C ASP F 73 -15.86 -20.34 -2.90
N PRO F 74 -16.55 -19.23 -3.21
CA PRO F 74 -17.54 -19.18 -4.26
C PRO F 74 -17.08 -19.80 -5.57
N ILE F 75 -15.84 -19.51 -5.87
CA ILE F 75 -15.26 -19.84 -7.17
C ILE F 75 -14.88 -21.30 -7.21
N CYS F 76 -14.60 -21.84 -6.03
CA CYS F 76 -14.04 -23.17 -5.89
C CYS F 76 -15.15 -24.15 -5.63
N ALA F 77 -16.27 -23.59 -5.21
CA ALA F 77 -17.36 -24.37 -4.61
C ALA F 77 -17.70 -25.61 -5.41
N ASN F 78 -17.83 -25.39 -6.72
CA ASN F 78 -18.45 -26.38 -7.61
C ASN F 78 -17.39 -27.05 -8.43
N GLY F 79 -16.16 -26.93 -7.96
CA GLY F 79 -14.98 -27.53 -8.61
C GLY F 79 -14.50 -28.81 -7.97
N GLY F 80 -13.29 -29.19 -8.35
CA GLY F 80 -12.59 -30.36 -7.78
C GLY F 80 -11.10 -30.21 -7.89
N LYS F 81 -10.42 -31.35 -7.86
CA LYS F 81 -8.96 -31.37 -7.93
C LYS F 81 -8.37 -32.64 -8.49
N TRP F 82 -7.30 -32.43 -9.25
CA TRP F 82 -6.43 -33.50 -9.73
C TRP F 82 -5.26 -33.59 -8.78
N THR F 83 -4.88 -34.84 -8.49
CA THR F 83 -3.81 -35.11 -7.54
C THR F 83 -2.75 -36.07 -8.07
N ALA F 84 -1.52 -35.61 -7.92
CA ALA F 84 -0.33 -36.39 -8.20
C ALA F 84 0.40 -36.70 -6.90
N ASN F 85 0.77 -37.96 -6.76
CA ASN F 85 1.44 -38.49 -5.56
C ASN F 85 2.91 -38.75 -5.78
N TYR F 86 3.71 -38.40 -4.78
CA TYR F 86 5.16 -38.51 -4.89
C TYR F 86 5.82 -39.19 -3.70
N PRO F 87 6.98 -39.80 -3.94
CA PRO F 87 7.76 -40.15 -2.78
C PRO F 87 8.26 -38.94 -2.02
N LYS F 88 8.55 -39.19 -0.75
CA LYS F 88 9.02 -38.17 0.18
C LYS F 88 10.30 -37.57 -0.33
N GLY F 89 10.17 -36.31 -0.74
CA GLY F 89 11.32 -35.47 -1.07
C GLY F 89 11.65 -35.51 -2.54
N LYS F 90 10.65 -35.87 -3.34
CA LYS F 90 10.82 -36.10 -4.78
C LYS F 90 9.84 -35.32 -5.64
N SER F 91 9.22 -34.32 -5.05
CA SER F 91 8.14 -33.59 -5.70
C SER F 91 8.53 -32.17 -6.04
N ASP F 92 9.72 -31.77 -5.61
CA ASP F 92 10.18 -30.39 -5.77
C ASP F 92 10.08 -29.91 -7.22
N THR F 93 10.61 -30.72 -8.13
CA THR F 93 10.69 -30.35 -9.54
C THR F 93 9.31 -30.34 -10.18
N SER F 94 8.48 -31.24 -9.69
CA SER F 94 7.14 -31.41 -10.26
C SER F 94 6.28 -30.28 -9.80
N TRP F 95 6.60 -29.77 -8.62
CA TRP F 95 5.90 -28.60 -8.06
C TRP F 95 6.22 -27.36 -8.89
N LEU F 96 7.48 -27.18 -9.24
CA LEU F 96 7.86 -26.00 -10.07
C LEU F 96 7.15 -26.02 -11.42
N TYR F 97 7.15 -27.20 -12.02
CA TYR F 97 6.57 -27.43 -13.35
C TYR F 97 5.07 -27.17 -13.36
N THR F 98 4.46 -27.39 -12.22
CA THR F 98 3.04 -27.11 -12.05
C THR F 98 2.87 -25.60 -12.07
N LEU F 99 3.68 -24.97 -11.24
CA LEU F 99 3.64 -23.51 -11.14
C LEU F 99 3.77 -22.92 -12.53
N LEU F 100 4.85 -23.30 -13.21
CA LEU F 100 5.13 -22.81 -14.57
C LEU F 100 3.97 -23.04 -15.53
N ALA F 101 3.35 -24.21 -15.43
CA ALA F 101 2.28 -24.59 -16.37
C ALA F 101 1.12 -23.66 -16.16
N MET F 102 0.82 -23.46 -14.89
CA MET F 102 -0.23 -22.53 -14.47
C MET F 102 0.07 -21.09 -14.89
N ILE F 103 1.18 -20.55 -14.42
CA ILE F 103 1.40 -19.08 -14.50
C ILE F 103 1.78 -18.78 -15.94
N GLY F 104 2.07 -19.86 -16.65
CA GLY F 104 2.44 -19.81 -18.07
C GLY F 104 1.20 -19.85 -18.98
N GLU F 105 0.05 -20.02 -18.35
CA GLU F 105 -1.25 -20.18 -19.05
C GLU F 105 -1.18 -21.22 -20.18
N GLN F 106 -0.49 -22.31 -19.87
CA GLN F 106 -0.25 -23.44 -20.80
C GLN F 106 -1.41 -24.43 -20.91
N PHE F 107 -2.43 -24.22 -20.08
CA PHE F 107 -3.60 -25.12 -20.09
C PHE F 107 -4.64 -24.68 -21.11
N ASP F 108 -5.01 -25.64 -21.95
CA ASP F 108 -6.03 -25.42 -22.97
C ASP F 108 -7.29 -24.85 -22.35
N HIS F 109 -7.75 -25.55 -21.32
CA HIS F 109 -8.95 -25.14 -20.60
C HIS F 109 -8.55 -24.38 -19.37
N GLY F 110 -7.65 -23.44 -19.60
CA GLY F 110 -6.95 -22.72 -18.53
C GLY F 110 -7.82 -21.87 -17.64
N ASP F 111 -9.03 -21.56 -18.09
CA ASP F 111 -9.87 -20.60 -17.39
C ASP F 111 -10.59 -21.29 -16.22
N GLU F 112 -10.46 -22.61 -16.23
CA GLU F 112 -11.11 -23.43 -15.22
C GLU F 112 -10.19 -23.56 -14.01
N ILE F 113 -8.95 -23.10 -14.21
CA ILE F 113 -7.88 -23.26 -13.21
C ILE F 113 -7.91 -22.21 -12.11
N CYS F 114 -7.87 -22.72 -10.87
CA CYS F 114 -7.92 -21.91 -9.64
C CYS F 114 -6.53 -21.72 -9.03
N GLY F 115 -5.87 -22.85 -8.90
CA GLY F 115 -4.48 -22.89 -8.47
C GLY F 115 -4.06 -24.30 -8.15
N ALA F 116 -2.91 -24.42 -7.50
CA ALA F 116 -2.39 -25.71 -7.05
C ALA F 116 -1.84 -25.62 -5.67
N VAL F 117 -1.68 -26.81 -5.13
CA VAL F 117 -1.26 -27.02 -3.74
C VAL F 117 -0.37 -28.23 -3.60
N VAL F 118 0.61 -28.07 -2.72
CA VAL F 118 1.52 -29.16 -2.38
C VAL F 118 1.39 -29.44 -0.90
N ASN F 119 0.96 -30.67 -0.60
CA ASN F 119 0.79 -31.13 0.75
C ASN F 119 1.95 -32.04 1.09
N VAL F 120 2.76 -31.58 2.03
CA VAL F 120 3.90 -32.36 2.49
C VAL F 120 3.44 -33.20 3.67
N ARG F 121 3.46 -34.51 3.46
CA ARG F 121 2.98 -35.45 4.46
C ARG F 121 4.12 -36.32 4.95
N GLY F 122 3.79 -37.28 5.78
CA GLY F 122 4.79 -38.13 6.42
C GLY F 122 5.43 -39.09 5.44
N ARG F 123 4.59 -39.78 4.69
CA ARG F 123 5.03 -40.92 3.89
C ARG F 123 5.01 -40.54 2.41
N ALA F 124 4.66 -39.30 2.17
CA ALA F 124 4.58 -38.85 0.80
C ALA F 124 4.32 -37.37 0.68
N GLU F 125 4.55 -36.93 -0.54
CA GLU F 125 4.21 -35.59 -0.93
C GLU F 125 3.11 -35.67 -1.97
N LYS F 126 2.19 -34.72 -1.88
CA LYS F 126 1.08 -34.58 -2.82
C LYS F 126 1.16 -33.26 -3.52
N ILE F 127 0.87 -33.31 -4.80
CA ILE F 127 0.47 -32.13 -5.55
C ILE F 127 -0.88 -32.32 -6.19
N SER F 128 -1.65 -31.23 -6.11
CA SER F 128 -3.01 -31.14 -6.68
C SER F 128 -3.22 -29.80 -7.35
N ILE F 129 -3.89 -29.90 -8.50
CA ILE F 129 -4.45 -28.74 -9.21
C ILE F 129 -5.96 -28.64 -8.98
N TRP F 130 -6.36 -27.52 -8.37
CA TRP F 130 -7.76 -27.14 -8.18
C TRP F 130 -8.37 -26.41 -9.36
N THR F 131 -9.51 -26.94 -9.77
CA THR F 131 -10.26 -26.38 -10.91
C THR F 131 -11.65 -25.95 -10.52
N LYS F 132 -12.31 -25.35 -11.50
CA LYS F 132 -13.45 -24.48 -11.22
C LYS F 132 -14.76 -25.18 -11.42
N ASN F 133 -14.86 -25.95 -12.49
CA ASN F 133 -16.19 -26.45 -12.92
C ASN F 133 -16.20 -27.93 -13.24
N ALA F 134 -16.58 -28.72 -12.25
CA ALA F 134 -16.20 -30.15 -12.22
C ALA F 134 -17.09 -30.98 -13.09
N SER F 135 -18.28 -30.47 -13.31
CA SER F 135 -19.34 -31.20 -14.02
C SER F 135 -19.10 -31.01 -15.50
N ASN F 136 -18.05 -30.24 -15.77
CA ASN F 136 -17.50 -30.11 -17.14
C ASN F 136 -16.37 -31.09 -17.33
N GLU F 137 -16.74 -32.34 -17.60
CA GLU F 137 -15.77 -33.43 -17.64
C GLU F 137 -14.71 -33.21 -18.72
N ALA F 138 -15.13 -32.66 -19.85
CA ALA F 138 -14.24 -32.54 -21.01
C ALA F 138 -13.11 -31.57 -20.68
N ALA F 139 -13.47 -30.56 -19.90
CA ALA F 139 -12.54 -29.51 -19.49
C ALA F 139 -11.58 -30.03 -18.42
N GLN F 140 -11.97 -31.10 -17.75
CA GLN F 140 -11.20 -31.62 -16.60
C GLN F 140 -10.26 -32.71 -17.09
N VAL F 141 -10.74 -33.52 -18.02
CA VAL F 141 -9.93 -34.60 -18.61
C VAL F 141 -8.81 -34.00 -19.45
N SER F 142 -9.15 -32.87 -20.07
CA SER F 142 -8.19 -32.04 -20.83
C SER F 142 -7.01 -31.67 -19.95
N ILE F 143 -7.38 -30.93 -18.93
CA ILE F 143 -6.47 -30.44 -17.86
C ILE F 143 -5.61 -31.54 -17.24
N GLY F 144 -6.23 -32.68 -16.99
CA GLY F 144 -5.59 -33.78 -16.28
C GLY F 144 -4.61 -34.52 -17.15
N LYS F 145 -4.97 -34.70 -18.41
CA LYS F 145 -4.08 -35.36 -19.38
C LYS F 145 -2.89 -34.46 -19.63
N GLN F 146 -3.18 -33.17 -19.77
CA GLN F 146 -2.17 -32.18 -20.04
C GLN F 146 -1.18 -32.13 -18.90
N TRP F 147 -1.73 -31.99 -17.71
CA TRP F 147 -0.94 -31.89 -16.47
C TRP F 147 0.00 -33.08 -16.35
N LYS F 148 -0.53 -34.26 -16.59
CA LYS F 148 0.28 -35.49 -16.59
C LYS F 148 1.48 -35.34 -17.51
N GLU F 149 1.19 -34.87 -18.71
CA GLU F 149 2.21 -34.59 -19.74
C GLU F 149 3.26 -33.62 -19.22
N PHE F 150 2.77 -32.53 -18.68
CA PHE F 150 3.66 -31.50 -18.13
C PHE F 150 4.63 -32.11 -17.11
N LEU F 151 4.13 -33.08 -16.35
CA LEU F 151 4.84 -33.56 -15.15
C LEU F 151 5.60 -34.84 -15.43
N ASP F 152 5.31 -35.40 -16.60
CA ASP F 152 5.86 -36.70 -16.96
C ASP F 152 5.46 -37.76 -15.93
N TYR F 153 4.22 -37.65 -15.49
CA TYR F 153 3.55 -38.57 -14.54
C TYR F 153 3.09 -39.88 -15.21
N ASN F 154 3.84 -40.94 -14.96
CA ASN F 154 3.71 -42.21 -15.70
C ASN F 154 2.64 -43.08 -15.06
N GLU F 155 1.99 -42.49 -14.07
CA GLU F 155 0.92 -43.15 -13.31
C GLU F 155 -0.47 -42.57 -13.56
N THR F 156 -1.45 -43.23 -12.97
CA THR F 156 -2.85 -42.83 -13.10
C THR F 156 -3.16 -41.75 -12.09
N MET F 157 -4.15 -40.93 -12.41
CA MET F 157 -4.52 -39.86 -11.50
C MET F 157 -6.00 -39.53 -11.55
N GLY F 158 -6.48 -39.08 -10.40
CA GLY F 158 -7.91 -38.87 -10.19
C GLY F 158 -8.35 -37.46 -9.86
N PHE F 159 -9.61 -37.23 -10.20
CA PHE F 159 -10.26 -35.96 -9.95
C PHE F 159 -11.44 -36.06 -9.01
N ILE F 160 -11.24 -35.51 -7.83
CA ILE F 160 -12.21 -35.58 -6.73
C ILE F 160 -12.97 -34.28 -6.59
N PHE F 161 -14.26 -34.37 -6.84
CA PHE F 161 -15.16 -33.20 -6.76
C PHE F 161 -14.99 -32.62 -5.38
N HIS F 162 -15.23 -31.31 -5.24
CA HIS F 162 -15.13 -30.67 -3.94
C HIS F 162 -16.38 -31.00 -3.15
N ASP F 163 -17.51 -31.02 -3.86
CA ASP F 163 -18.80 -31.34 -3.23
C ASP F 163 -18.72 -32.68 -2.49
N ASP F 164 -17.81 -33.54 -2.95
CA ASP F 164 -17.51 -34.82 -2.28
C ASP F 164 -16.33 -34.68 -1.32
N ALA F 172 -15.14 -40.86 -0.71
CA ALA F 172 -14.36 -39.80 -1.37
C ALA F 172 -13.70 -40.33 -2.64
N LYS F 173 -14.44 -40.24 -3.74
CA LYS F 173 -14.09 -40.95 -4.98
C LYS F 173 -13.73 -40.08 -6.18
N ASN F 174 -12.85 -40.66 -6.99
CA ASN F 174 -12.40 -40.08 -8.25
C ASN F 174 -13.51 -40.12 -9.30
N LYS F 175 -14.06 -38.96 -9.61
CA LYS F 175 -15.15 -38.88 -10.58
C LYS F 175 -14.58 -39.01 -11.98
N TYR F 176 -13.29 -38.73 -12.09
CA TYR F 176 -12.55 -38.90 -13.35
C TYR F 176 -11.16 -39.49 -13.10
N VAL F 177 -10.69 -40.22 -14.10
CA VAL F 177 -9.34 -40.81 -14.08
C VAL F 177 -8.69 -40.69 -15.45
N VAL F 178 -7.40 -40.37 -15.45
CA VAL F 178 -6.62 -40.34 -16.70
C VAL F 178 -5.22 -40.91 -16.55
N PRO G 2 16.08 -6.13 -15.48
CA PRO G 2 17.21 -7.05 -15.46
C PRO G 2 18.20 -6.78 -16.57
N HIS G 3 19.14 -7.71 -16.73
CA HIS G 3 20.11 -7.63 -17.80
C HIS G 3 19.60 -8.53 -18.92
N LEU G 4 19.42 -7.92 -20.08
CA LEU G 4 18.76 -8.55 -21.23
C LEU G 4 19.73 -9.30 -22.14
N LEU G 5 19.32 -10.51 -22.51
CA LEU G 5 20.05 -11.34 -23.48
C LEU G 5 19.70 -10.89 -24.91
N GLU G 6 20.60 -11.10 -25.86
CA GLU G 6 20.34 -10.69 -27.25
C GLU G 6 19.20 -11.51 -27.81
N ASN G 7 19.19 -12.76 -27.41
CA ASN G 7 18.17 -13.69 -27.82
C ASN G 7 17.43 -14.29 -26.63
N SER G 8 16.19 -14.64 -26.92
CA SER G 8 15.39 -15.46 -26.03
C SER G 8 15.72 -16.93 -26.32
N TRP G 9 15.75 -17.73 -25.26
CA TRP G 9 16.09 -19.16 -25.36
C TRP G 9 15.07 -20.00 -24.65
N THR G 10 14.97 -21.23 -25.10
CA THR G 10 14.01 -22.20 -24.57
C THR G 10 14.70 -23.50 -24.22
N PHE G 11 14.57 -23.89 -22.96
CA PHE G 11 14.88 -25.25 -22.51
C PHE G 11 13.77 -26.19 -22.92
N TRP G 12 14.21 -27.31 -23.48
CA TRP G 12 13.34 -28.44 -23.83
C TRP G 12 13.85 -29.70 -23.17
N PHE G 13 12.92 -30.56 -22.80
CA PHE G 13 13.25 -31.89 -22.30
C PHE G 13 12.61 -32.98 -23.13
N ASP G 14 13.42 -34.01 -23.34
CA ASP G 14 12.99 -35.30 -23.86
C ASP G 14 13.53 -36.37 -22.91
N THR G 15 12.63 -37.10 -22.27
CA THR G 15 13.02 -38.05 -21.23
C THR G 15 12.81 -39.51 -21.62
N PRO G 16 13.58 -40.41 -20.97
CA PRO G 16 13.73 -41.83 -21.24
C PRO G 16 12.40 -42.51 -21.09
N ALA G 17 11.56 -41.82 -20.34
CA ALA G 17 10.21 -42.31 -19.97
C ALA G 17 9.16 -41.81 -20.96
N ALA G 18 9.29 -40.55 -21.34
CA ALA G 18 8.39 -39.89 -22.30
C ALA G 18 8.74 -40.50 -23.64
N LYS G 19 9.85 -41.21 -23.59
CA LYS G 19 10.44 -41.86 -24.75
C LYS G 19 9.96 -43.29 -24.77
N SER G 20 9.69 -43.80 -23.58
CA SER G 20 9.15 -45.15 -23.40
C SER G 20 7.88 -45.27 -24.20
N LYS G 21 7.03 -44.28 -23.94
CA LYS G 21 5.73 -44.14 -24.62
C LYS G 21 5.95 -43.59 -26.02
N ALA G 23 5.95 -42.56 -30.13
CA ALA G 23 5.81 -42.92 -31.54
C ALA G 23 6.97 -42.38 -32.35
N ALA G 24 6.70 -41.27 -33.02
CA ALA G 24 7.72 -40.54 -33.77
C ALA G 24 8.77 -39.99 -32.80
N TRP G 25 9.97 -39.80 -33.31
CA TRP G 25 11.05 -39.26 -32.50
C TRP G 25 10.77 -37.80 -32.20
N GLY G 26 10.78 -37.48 -30.91
CA GLY G 26 10.75 -36.10 -30.43
C GLY G 26 9.33 -35.57 -30.33
N SER G 27 8.38 -36.50 -30.37
CA SER G 27 6.96 -36.13 -30.36
C SER G 27 6.52 -36.00 -28.93
N SER G 28 7.43 -36.38 -28.05
CA SER G 28 7.24 -36.29 -26.59
C SER G 28 7.78 -34.96 -26.08
N MET G 29 9.03 -34.74 -26.47
CA MET G 29 9.77 -33.46 -26.29
C MET G 29 8.87 -32.23 -26.15
N ARG G 30 9.14 -31.45 -25.10
CA ARG G 30 8.36 -30.24 -24.79
C ARG G 30 9.20 -29.05 -24.30
N PRO G 31 8.72 -27.82 -24.52
CA PRO G 31 9.45 -26.65 -24.07
C PRO G 31 9.15 -26.37 -22.63
N ILE G 32 10.18 -26.29 -21.81
CA ILE G 32 9.97 -26.22 -20.38
C ILE G 32 9.82 -24.79 -19.96
N TYR G 33 10.64 -23.94 -20.57
CA TYR G 33 10.72 -22.56 -20.15
C TYR G 33 11.53 -21.75 -21.13
N THR G 34 11.04 -20.56 -21.41
CA THR G 34 11.75 -19.58 -22.28
C THR G 34 12.20 -18.35 -21.50
N PHE G 35 13.47 -18.01 -21.62
CA PHE G 35 14.06 -16.88 -20.89
C PHE G 35 14.78 -15.88 -21.80
N SER G 36 14.94 -14.69 -21.26
CA SER G 36 15.42 -13.57 -22.08
C SER G 36 16.29 -12.58 -21.34
N THR G 37 16.58 -12.91 -20.08
CA THR G 37 17.46 -12.13 -19.20
C THR G 37 18.53 -13.03 -18.59
N VAL G 38 19.55 -12.40 -18.01
CA VAL G 38 20.65 -13.15 -17.39
C VAL G 38 20.12 -13.80 -16.12
N GLU G 39 19.33 -13.00 -15.40
CA GLU G 39 18.79 -13.37 -14.09
C GLU G 39 17.94 -14.61 -14.23
N GLU G 40 17.13 -14.54 -15.25
CA GLU G 40 16.13 -15.57 -15.60
C GLU G 40 16.81 -16.87 -15.97
N PHE G 41 17.93 -16.75 -16.66
CA PHE G 41 18.70 -17.92 -17.05
C PHE G 41 19.14 -18.68 -15.80
N TRP G 42 19.67 -17.94 -14.84
CA TRP G 42 20.28 -18.57 -13.66
C TRP G 42 19.18 -19.20 -12.83
N SER G 43 18.07 -18.49 -12.78
CA SER G 43 16.92 -18.93 -11.97
C SER G 43 16.43 -20.29 -12.41
N ILE G 44 16.14 -20.36 -13.70
CA ILE G 44 15.65 -21.60 -14.30
C ILE G 44 16.74 -22.68 -14.32
N TYR G 45 17.95 -22.31 -14.72
CA TYR G 45 19.05 -23.28 -14.82
C TYR G 45 19.33 -23.91 -13.46
N ASN G 46 19.25 -23.12 -12.41
CA ASN G 46 19.64 -23.61 -11.08
C ASN G 46 18.52 -24.38 -10.42
N ASN G 47 17.38 -24.38 -11.09
CA ASN G 47 16.15 -24.97 -10.57
C ASN G 47 15.73 -26.20 -11.37
N ILE G 48 16.50 -26.46 -12.42
CA ILE G 48 16.30 -27.62 -13.29
C ILE G 48 17.47 -28.59 -13.17
N HIS G 49 17.17 -29.86 -13.44
CA HIS G 49 18.17 -30.94 -13.33
C HIS G 49 19.33 -30.74 -14.29
N HIS G 50 20.54 -30.84 -13.74
CA HIS G 50 21.76 -30.87 -14.55
C HIS G 50 22.00 -32.32 -15.00
N PRO G 51 22.82 -32.50 -16.07
CA PRO G 51 23.00 -33.80 -16.73
C PRO G 51 23.39 -34.90 -15.77
N GLY G 52 23.82 -34.47 -14.58
CA GLY G 52 24.35 -35.39 -13.57
C GLY G 52 23.27 -36.16 -12.84
N LYS G 53 22.07 -35.58 -12.82
CA LYS G 53 20.96 -36.11 -12.02
C LYS G 53 19.84 -36.56 -12.94
N LEU G 54 20.15 -36.45 -14.23
CA LEU G 54 19.23 -36.85 -15.29
C LEU G 54 19.41 -38.32 -15.59
N ALA G 55 18.29 -39.00 -15.78
CA ALA G 55 18.30 -40.43 -16.07
C ALA G 55 19.14 -40.70 -17.30
N VAL G 56 19.17 -41.95 -17.68
CA VAL G 56 19.84 -42.32 -18.93
C VAL G 56 18.88 -42.01 -20.07
N GLY G 57 19.46 -41.75 -21.23
CA GLY G 57 18.68 -41.50 -22.44
C GLY G 57 17.90 -40.21 -22.36
N ALA G 58 18.18 -39.45 -21.32
CA ALA G 58 17.69 -38.06 -21.21
C ALA G 58 18.37 -37.15 -22.21
N ASP G 59 17.54 -36.31 -22.81
CA ASP G 59 17.98 -35.26 -23.72
C ASP G 59 17.46 -33.94 -23.24
N PHE G 60 18.37 -32.98 -23.18
CA PHE G 60 18.12 -31.65 -22.60
C PHE G 60 18.63 -30.54 -23.53
N TYR G 61 17.68 -29.72 -23.97
CA TYR G 61 17.94 -28.74 -25.04
C TYR G 61 17.87 -27.31 -24.58
N CYS G 62 18.70 -26.48 -25.22
CA CYS G 62 18.60 -25.02 -25.15
C CYS G 62 18.75 -24.39 -26.53
N PHE G 63 17.61 -24.06 -27.10
CA PHE G 63 17.52 -23.56 -28.46
C PHE G 63 16.87 -22.18 -28.48
N LYS G 64 17.37 -21.35 -29.38
CA LYS G 64 16.79 -20.04 -29.57
C LYS G 64 15.30 -20.22 -29.66
N HIS G 65 14.60 -19.24 -29.11
CA HIS G 65 13.16 -19.26 -29.05
C HIS G 65 12.55 -19.37 -30.45
N LYS G 66 11.62 -20.30 -30.58
CA LYS G 66 10.87 -20.52 -31.80
C LYS G 66 11.55 -21.53 -32.72
N ILE G 67 12.75 -21.95 -32.36
CA ILE G 67 13.40 -23.05 -33.09
C ILE G 67 13.20 -24.40 -32.39
N GLU G 68 12.58 -25.32 -33.10
CA GLU G 68 12.43 -26.69 -32.59
C GLU G 68 13.72 -27.46 -32.83
N PRO G 69 14.22 -28.16 -31.80
CA PRO G 69 15.45 -28.88 -31.94
C PRO G 69 15.22 -30.22 -32.63
N LYS G 70 14.84 -30.05 -33.89
CA LYS G 70 14.57 -31.13 -34.85
C LYS G 70 15.17 -30.84 -36.21
N TRP G 71 15.58 -31.90 -36.89
CA TRP G 71 16.14 -31.80 -38.26
C TRP G 71 15.07 -31.39 -39.21
N GLU G 72 13.85 -31.73 -38.82
CA GLU G 72 12.64 -31.48 -39.60
C GLU G 72 12.26 -30.00 -39.59
N ASP G 73 12.87 -29.25 -38.68
CA ASP G 73 12.68 -27.79 -38.61
C ASP G 73 13.43 -27.13 -39.77
N PRO G 74 12.70 -26.42 -40.66
CA PRO G 74 13.35 -25.83 -41.83
C PRO G 74 14.62 -25.04 -41.51
N ILE G 75 14.66 -24.39 -40.37
CA ILE G 75 15.85 -23.61 -40.02
C ILE G 75 17.06 -24.53 -39.83
N CYS G 76 16.82 -25.69 -39.23
CA CYS G 76 17.89 -26.61 -38.83
C CYS G 76 18.24 -27.54 -39.98
N ALA G 77 17.29 -27.66 -40.88
CA ALA G 77 17.29 -28.71 -41.89
C ALA G 77 18.61 -28.84 -42.61
N ASN G 78 19.26 -27.71 -42.85
CA ASN G 78 20.39 -27.64 -43.77
C ASN G 78 21.68 -27.47 -42.99
N GLY G 79 21.56 -27.77 -41.70
CA GLY G 79 22.66 -27.61 -40.76
C GLY G 79 23.32 -28.89 -40.35
N GLY G 80 23.87 -28.84 -39.13
CA GLY G 80 24.63 -29.93 -38.52
C GLY G 80 25.05 -29.65 -37.08
N LYS G 81 25.87 -30.52 -36.53
CA LYS G 81 26.33 -30.37 -35.15
C LYS G 81 27.77 -30.74 -34.91
N TRP G 82 28.37 -29.94 -34.07
CA TRP G 82 29.64 -30.27 -33.40
C TRP G 82 29.27 -31.02 -32.13
N THR G 83 30.06 -32.03 -31.82
CA THR G 83 29.85 -32.83 -30.61
C THR G 83 31.08 -33.02 -29.74
N ALA G 84 30.88 -32.79 -28.45
CA ALA G 84 31.90 -33.03 -27.45
C ALA G 84 31.50 -34.24 -26.61
N ASN G 85 32.47 -35.11 -26.42
CA ASN G 85 32.26 -36.39 -25.71
C ASN G 85 32.93 -36.42 -24.37
N TYR G 86 32.14 -36.90 -23.41
CA TYR G 86 32.50 -36.87 -21.99
C TYR G 86 32.23 -38.21 -21.31
N PRO G 87 32.95 -38.47 -20.19
CA PRO G 87 32.66 -39.60 -19.35
C PRO G 87 31.45 -39.33 -18.50
N LYS G 88 30.87 -40.43 -18.07
CA LYS G 88 29.65 -40.41 -17.27
C LYS G 88 29.82 -39.46 -16.11
N GLY G 89 28.81 -38.62 -15.95
CA GLY G 89 28.55 -37.85 -14.74
C GLY G 89 29.42 -36.63 -14.70
N LYS G 90 30.03 -36.35 -15.84
CA LYS G 90 31.14 -35.39 -15.93
C LYS G 90 30.99 -34.28 -16.95
N SER G 91 29.78 -34.12 -17.48
CA SER G 91 29.50 -33.12 -18.52
C SER G 91 28.80 -31.92 -17.91
N ASP G 92 28.61 -31.96 -16.61
CA ASP G 92 27.81 -30.93 -15.92
C ASP G 92 28.37 -29.52 -16.22
N THR G 93 29.68 -29.36 -16.14
CA THR G 93 30.29 -28.01 -16.14
C THR G 93 30.47 -27.51 -17.54
N SER G 94 30.65 -28.45 -18.45
CA SER G 94 30.84 -28.11 -19.85
C SER G 94 29.51 -27.68 -20.44
N TRP G 95 28.45 -28.31 -19.96
CA TRP G 95 27.08 -27.96 -20.38
C TRP G 95 26.85 -26.49 -20.03
N LEU G 96 27.13 -26.15 -18.78
CA LEU G 96 27.02 -24.76 -18.31
C LEU G 96 27.84 -23.77 -19.16
N TYR G 97 29.10 -24.13 -19.42
CA TYR G 97 30.02 -23.23 -20.16
C TYR G 97 29.53 -23.02 -21.57
N THR G 98 28.92 -24.05 -22.08
CA THR G 98 28.35 -24.02 -23.43
C THR G 98 27.16 -23.07 -23.50
N LEU G 99 26.33 -23.10 -22.48
CA LEU G 99 25.08 -22.34 -22.46
C LEU G 99 25.43 -20.88 -22.28
N LEU G 100 26.50 -20.65 -21.55
CA LEU G 100 26.90 -19.32 -21.13
C LEU G 100 27.50 -18.62 -22.34
N ALA G 101 28.27 -19.38 -23.11
CA ALA G 101 28.94 -18.84 -24.31
C ALA G 101 27.92 -18.57 -25.39
N MET G 102 26.90 -19.42 -25.43
CA MET G 102 25.80 -19.30 -26.40
C MET G 102 24.95 -18.10 -26.07
N ILE G 103 24.45 -18.08 -24.85
CA ILE G 103 23.49 -17.03 -24.42
C ILE G 103 24.19 -15.68 -24.33
N GLY G 104 25.51 -15.76 -24.27
CA GLY G 104 26.37 -14.59 -24.14
C GLY G 104 26.84 -14.13 -25.50
N GLU G 105 26.35 -14.82 -26.52
CA GLU G 105 26.64 -14.47 -27.91
C GLU G 105 28.14 -14.33 -28.10
N GLN G 106 28.88 -15.26 -27.50
CA GLN G 106 30.35 -15.23 -27.50
C GLN G 106 30.99 -15.82 -28.75
N PHE G 107 30.16 -16.32 -29.66
CA PHE G 107 30.65 -16.85 -30.96
C PHE G 107 30.72 -15.84 -32.12
N ASP G 108 31.83 -15.85 -32.84
CA ASP G 108 32.01 -14.87 -33.91
C ASP G 108 30.97 -15.14 -34.96
N HIS G 109 30.69 -16.42 -35.12
CA HIS G 109 29.81 -16.92 -36.17
C HIS G 109 28.54 -17.48 -35.55
N GLY G 110 28.30 -16.95 -34.36
CA GLY G 110 27.17 -17.34 -33.51
C GLY G 110 25.81 -17.16 -34.16
N ASP G 111 25.77 -16.40 -35.25
CA ASP G 111 24.51 -16.21 -35.98
C ASP G 111 24.07 -17.52 -36.64
N GLU G 112 24.98 -18.48 -36.68
CA GLU G 112 24.71 -19.77 -37.32
C GLU G 112 24.17 -20.74 -36.30
N ILE G 113 24.28 -20.36 -35.04
CA ILE G 113 23.93 -21.25 -33.91
C ILE G 113 22.41 -21.30 -33.72
N CYS G 114 21.90 -22.52 -33.63
CA CYS G 114 20.47 -22.77 -33.40
C CYS G 114 20.22 -23.09 -31.95
N GLY G 115 21.21 -23.72 -31.35
CA GLY G 115 21.14 -24.13 -29.96
C GLY G 115 22.06 -25.26 -29.65
N ALA G 116 21.91 -25.77 -28.43
CA ALA G 116 22.69 -26.92 -27.98
C ALA G 116 21.86 -27.90 -27.21
N VAL G 117 22.47 -29.04 -27.03
CA VAL G 117 21.81 -30.19 -26.39
C VAL G 117 22.80 -31.02 -25.62
N VAL G 118 22.35 -31.56 -24.49
CA VAL G 118 23.12 -32.55 -23.77
C VAL G 118 22.37 -33.85 -23.68
N ASN G 119 23.13 -34.90 -23.94
CA ASN G 119 22.63 -36.25 -24.09
C ASN G 119 23.24 -37.12 -23.03
N VAL G 120 22.37 -37.61 -22.17
CA VAL G 120 22.78 -38.49 -21.08
C VAL G 120 22.61 -39.94 -21.52
N ARG G 121 23.72 -40.49 -22.00
CA ARG G 121 23.76 -41.88 -22.40
C ARG G 121 24.30 -42.73 -21.28
N GLY G 122 24.68 -43.95 -21.65
CA GLY G 122 25.06 -44.97 -20.70
C GLY G 122 26.43 -44.82 -20.08
N ARG G 123 27.44 -45.11 -20.88
CA ARG G 123 28.82 -45.05 -20.42
C ARG G 123 29.29 -43.66 -20.75
N ALA G 124 28.31 -42.81 -21.00
CA ALA G 124 28.64 -41.43 -21.29
C ALA G 124 27.53 -40.48 -21.60
N GLU G 125 28.02 -39.28 -21.83
CA GLU G 125 27.19 -38.13 -22.13
C GLU G 125 27.83 -37.36 -23.26
N LYS G 126 26.98 -36.76 -24.09
CA LYS G 126 27.45 -35.83 -25.09
C LYS G 126 26.77 -34.49 -25.01
N ILE G 127 27.51 -33.51 -25.48
CA ILE G 127 26.97 -32.19 -25.75
C ILE G 127 27.24 -31.82 -27.19
N SER G 128 26.17 -31.36 -27.85
CA SER G 128 26.25 -30.91 -29.23
C SER G 128 25.70 -29.49 -29.39
N ILE G 129 26.39 -28.77 -30.26
CA ILE G 129 25.93 -27.46 -30.72
C ILE G 129 25.39 -27.61 -32.13
N TRP G 130 24.10 -27.34 -32.27
CA TRP G 130 23.45 -27.33 -33.57
C TRP G 130 23.61 -25.99 -34.26
N THR G 131 24.02 -26.07 -35.51
CA THR G 131 24.13 -24.92 -36.37
C THR G 131 23.34 -25.15 -37.63
N LYS G 132 23.22 -24.06 -38.36
CA LYS G 132 22.59 -24.06 -39.68
C LYS G 132 23.66 -23.76 -40.71
N ASN G 133 23.27 -23.78 -41.97
CA ASN G 133 24.18 -23.59 -43.09
C ASN G 133 25.48 -24.36 -42.98
N ALA G 134 25.36 -25.69 -42.94
CA ALA G 134 26.51 -26.60 -42.69
C ALA G 134 27.56 -26.47 -43.76
N SER G 135 27.11 -26.01 -44.93
CA SER G 135 27.94 -26.01 -46.14
C SER G 135 28.93 -24.87 -46.09
N ASN G 136 28.72 -24.00 -45.12
CA ASN G 136 29.57 -22.81 -44.93
C ASN G 136 30.67 -23.14 -43.97
N GLU G 137 31.67 -23.83 -44.51
CA GLU G 137 32.72 -24.50 -43.73
C GLU G 137 33.48 -23.56 -42.80
N ALA G 138 33.85 -22.41 -43.34
CA ALA G 138 34.63 -21.40 -42.58
C ALA G 138 33.87 -20.95 -41.34
N ALA G 139 32.56 -20.98 -41.44
CA ALA G 139 31.69 -20.57 -40.33
C ALA G 139 31.67 -21.63 -39.26
N GLN G 140 31.65 -22.87 -39.71
CA GLN G 140 31.46 -23.98 -38.81
C GLN G 140 32.73 -24.21 -38.06
N VAL G 141 33.80 -24.25 -38.82
CA VAL G 141 35.11 -24.51 -38.24
C VAL G 141 35.42 -23.48 -37.18
N SER G 142 35.05 -22.24 -37.46
CA SER G 142 35.27 -21.11 -36.54
C SER G 142 34.57 -21.37 -35.22
N ILE G 143 33.37 -21.89 -35.33
CA ILE G 143 32.50 -22.13 -34.17
C ILE G 143 33.07 -23.22 -33.34
N GLY G 144 33.36 -24.33 -34.02
CA GLY G 144 33.88 -25.55 -33.39
C GLY G 144 35.14 -25.30 -32.60
N LYS G 145 35.99 -24.46 -33.16
CA LYS G 145 37.32 -24.13 -32.59
C LYS G 145 37.21 -23.29 -31.35
N GLN G 146 36.37 -22.28 -31.48
CA GLN G 146 36.00 -21.39 -30.35
C GLN G 146 35.33 -22.18 -29.26
N TRP G 147 34.41 -23.04 -29.65
CA TRP G 147 33.66 -23.78 -28.63
C TRP G 147 34.68 -24.56 -27.86
N LYS G 148 35.68 -25.03 -28.59
CA LYS G 148 36.71 -25.88 -28.01
C LYS G 148 37.59 -25.09 -27.05
N GLU G 149 37.76 -23.81 -27.32
CA GLU G 149 38.48 -22.92 -26.39
C GLU G 149 37.61 -22.71 -25.16
N PHE G 150 36.33 -22.49 -25.41
CA PHE G 150 35.40 -22.15 -24.35
C PHE G 150 35.32 -23.28 -23.34
N LEU G 151 35.59 -24.47 -23.87
CA LEU G 151 35.40 -25.70 -23.10
C LEU G 151 36.69 -26.14 -22.50
N ASP G 152 37.78 -25.74 -23.14
CA ASP G 152 39.06 -26.35 -22.85
C ASP G 152 38.95 -27.86 -23.14
N TYR G 153 38.46 -28.16 -24.33
CA TYR G 153 38.33 -29.55 -24.80
C TYR G 153 39.53 -29.80 -25.72
N ASN G 154 40.24 -30.90 -25.45
CA ASN G 154 41.52 -31.17 -26.12
C ASN G 154 41.56 -32.53 -26.78
N GLU G 155 40.41 -32.94 -27.27
CA GLU G 155 40.32 -34.07 -28.20
C GLU G 155 39.67 -33.53 -29.47
N THR G 156 39.96 -34.16 -30.60
CA THR G 156 39.41 -33.65 -31.85
C THR G 156 37.90 -33.83 -31.81
N MET G 157 37.19 -32.82 -32.33
CA MET G 157 35.73 -32.91 -32.40
C MET G 157 35.24 -32.74 -33.82
N GLY G 158 34.15 -33.44 -34.09
CA GLY G 158 33.59 -33.57 -35.44
C GLY G 158 32.25 -32.90 -35.68
N PHE G 159 32.16 -32.34 -36.87
CA PHE G 159 30.94 -31.74 -37.36
C PHE G 159 30.23 -32.71 -38.29
N ILE G 160 28.99 -32.99 -37.94
CA ILE G 160 28.12 -33.88 -38.70
C ILE G 160 26.87 -33.17 -39.22
N PHE G 161 26.75 -33.18 -40.54
CA PHE G 161 25.59 -32.61 -41.26
C PHE G 161 24.33 -33.42 -40.94
N HIS G 162 23.22 -32.74 -40.70
CA HIS G 162 21.99 -33.44 -40.31
C HIS G 162 21.61 -34.39 -41.45
N ASP G 163 21.67 -33.88 -42.67
CA ASP G 163 21.36 -34.64 -43.89
C ASP G 163 21.98 -36.00 -43.79
N ASP G 164 23.26 -35.92 -43.46
CA ASP G 164 24.12 -37.11 -43.29
C ASP G 164 23.77 -37.87 -42.01
N ALA G 172 26.80 -41.88 -40.70
CA ALA G 172 27.27 -40.53 -40.98
C ALA G 172 28.68 -40.34 -40.44
N LYS G 173 29.42 -39.49 -41.14
CA LYS G 173 30.82 -39.17 -40.82
C LYS G 173 31.02 -37.67 -40.57
N ASN G 174 32.10 -37.35 -39.88
CA ASN G 174 32.40 -35.95 -39.66
C ASN G 174 32.98 -35.35 -40.92
N LYS G 175 32.27 -34.38 -41.47
CA LYS G 175 32.63 -33.69 -42.72
C LYS G 175 33.56 -32.53 -42.45
N TYR G 176 33.71 -32.23 -41.16
CA TYR G 176 34.74 -31.28 -40.69
C TYR G 176 35.24 -31.74 -39.32
N VAL G 177 36.50 -31.44 -39.04
CA VAL G 177 37.04 -31.61 -37.68
C VAL G 177 37.94 -30.46 -37.22
N VAL G 178 37.88 -30.22 -35.92
CA VAL G 178 38.72 -29.23 -35.23
C VAL G 178 39.34 -29.84 -33.99
N PRO H 2 16.17 3.12 -7.90
CA PRO H 2 17.38 2.38 -7.57
C PRO H 2 18.18 3.00 -6.46
N HIS H 3 18.63 2.13 -5.56
CA HIS H 3 19.57 2.50 -4.49
C HIS H 3 20.99 2.31 -4.99
N LEU H 4 21.64 3.45 -5.18
CA LEU H 4 23.03 3.53 -5.69
C LEU H 4 24.04 2.84 -4.77
N LEU H 5 24.94 2.11 -5.40
CA LEU H 5 26.16 1.60 -4.78
C LEU H 5 27.36 2.48 -5.21
N GLU H 6 28.22 2.81 -4.24
CA GLU H 6 29.33 3.75 -4.50
C GLU H 6 30.30 3.10 -5.47
N ASN H 7 30.36 1.79 -5.36
CA ASN H 7 31.15 0.95 -6.25
C ASN H 7 30.27 0.00 -7.01
N SER H 8 30.69 -0.23 -8.24
CA SER H 8 30.15 -1.32 -9.07
C SER H 8 30.95 -2.61 -8.81
N TRP H 9 30.22 -3.70 -8.65
CA TRP H 9 30.79 -5.00 -8.34
C TRP H 9 30.45 -6.03 -9.41
N THR H 10 31.33 -7.01 -9.49
CA THR H 10 31.20 -8.14 -10.40
C THR H 10 31.41 -9.46 -9.68
N PHE H 11 30.39 -10.31 -9.84
CA PHE H 11 30.41 -11.73 -9.42
C PHE H 11 31.10 -12.58 -10.48
N TRP H 12 31.99 -13.44 -9.99
CA TRP H 12 32.69 -14.44 -10.79
C TRP H 12 32.53 -15.80 -10.16
N PHE H 13 32.77 -16.82 -10.97
CA PHE H 13 32.89 -18.19 -10.46
C PHE H 13 33.95 -19.00 -11.21
N ASP H 14 34.62 -19.85 -10.47
CA ASP H 14 35.47 -20.87 -11.03
C ASP H 14 35.00 -22.20 -10.49
N THR H 15 35.14 -23.23 -11.32
CA THR H 15 34.71 -24.58 -11.00
C THR H 15 35.89 -25.56 -10.83
N PRO H 16 35.68 -26.69 -10.13
CA PRO H 16 36.79 -27.62 -9.88
C PRO H 16 37.20 -28.35 -11.13
N ALA H 17 36.21 -28.59 -11.98
CA ALA H 17 36.43 -29.33 -13.24
C ALA H 17 37.42 -28.57 -14.11
N ALA H 18 37.07 -27.31 -14.33
CA ALA H 18 37.84 -26.37 -15.16
C ALA H 18 39.19 -26.08 -14.54
N LYS H 19 39.20 -26.08 -13.22
CA LYS H 19 40.38 -25.61 -12.49
C LYS H 19 41.46 -26.67 -12.67
N SER H 20 41.01 -27.89 -12.80
CA SER H 20 41.88 -29.06 -12.72
C SER H 20 42.53 -29.24 -14.07
N LYS H 21 41.93 -28.54 -15.01
CA LYS H 21 42.22 -28.69 -16.43
C LYS H 21 42.93 -27.46 -16.97
N GLN H 22 42.67 -26.33 -16.32
CA GLN H 22 43.07 -25.02 -16.83
C GLN H 22 44.55 -24.93 -17.02
N ALA H 23 44.91 -24.33 -18.14
CA ALA H 23 46.31 -24.25 -18.62
C ALA H 23 47.00 -23.12 -17.87
N ALA H 24 46.20 -22.16 -17.48
CA ALA H 24 46.70 -21.00 -16.75
C ALA H 24 45.72 -20.61 -15.66
N TRP H 25 46.26 -20.33 -14.49
CA TRP H 25 45.39 -20.04 -13.36
C TRP H 25 44.36 -19.00 -13.69
N GLY H 26 43.16 -19.32 -13.28
CA GLY H 26 41.99 -18.45 -13.41
C GLY H 26 41.52 -18.30 -14.83
N SER H 27 42.13 -19.07 -15.72
CA SER H 27 41.85 -18.92 -17.15
C SER H 27 40.41 -19.27 -17.43
N SER H 28 39.79 -19.98 -16.49
CA SER H 28 38.46 -20.56 -16.71
C SER H 28 37.42 -19.93 -15.77
N MET H 29 37.86 -18.86 -15.14
CA MET H 29 37.02 -18.07 -14.27
C MET H 29 36.18 -17.16 -15.13
N ARG H 30 34.89 -17.11 -14.81
CA ARG H 30 33.92 -16.32 -15.54
C ARG H 30 33.16 -15.30 -14.73
N PRO H 31 33.10 -14.07 -15.24
CA PRO H 31 32.18 -13.11 -14.67
C PRO H 31 30.73 -13.49 -14.91
N ILE H 32 29.93 -13.35 -13.86
CA ILE H 32 28.49 -13.66 -13.89
C ILE H 32 27.67 -12.42 -14.23
N TYR H 33 28.00 -11.34 -13.53
CA TYR H 33 27.11 -10.20 -13.45
C TYR H 33 27.77 -9.07 -12.71
N THR H 34 27.61 -7.89 -13.28
CA THR H 34 28.10 -6.65 -12.70
C THR H 34 26.90 -5.85 -12.29
N PHE H 35 26.90 -5.49 -11.02
CA PHE H 35 25.79 -4.73 -10.42
C PHE H 35 26.27 -3.44 -9.81
N SER H 36 25.43 -2.42 -9.93
CA SER H 36 25.75 -1.06 -9.49
C SER H 36 24.69 -0.52 -8.54
N THR H 37 23.69 -1.35 -8.25
CA THR H 37 22.64 -0.95 -7.30
C THR H 37 22.25 -2.06 -6.36
N VAL H 38 21.59 -1.66 -5.29
CA VAL H 38 21.14 -2.63 -4.27
C VAL H 38 20.17 -3.62 -4.92
N GLU H 39 19.36 -3.11 -5.83
CA GLU H 39 18.34 -3.89 -6.54
C GLU H 39 18.98 -4.92 -7.46
N GLU H 40 19.98 -4.48 -8.21
CA GLU H 40 20.72 -5.39 -9.09
C GLU H 40 21.41 -6.47 -8.29
N PHE H 41 21.83 -6.09 -7.09
CA PHE H 41 22.56 -7.01 -6.23
C PHE H 41 21.69 -8.21 -5.91
N TRP H 42 20.50 -7.89 -5.46
CA TRP H 42 19.56 -8.92 -5.02
C TRP H 42 19.01 -9.62 -6.25
N SER H 43 18.90 -8.85 -7.31
CA SER H 43 18.38 -9.36 -8.57
C SER H 43 19.15 -10.63 -9.00
N ILE H 44 20.47 -10.52 -9.02
CA ILE H 44 21.34 -11.69 -9.33
C ILE H 44 21.54 -12.59 -8.12
N TYR H 45 21.84 -11.98 -6.99
CA TYR H 45 22.13 -12.76 -5.80
C TYR H 45 21.05 -13.78 -5.46
N ASN H 46 19.81 -13.41 -5.75
CA ASN H 46 18.67 -14.27 -5.40
C ASN H 46 18.64 -15.54 -6.24
N ASN H 47 19.42 -15.52 -7.31
CA ASN H 47 19.19 -16.44 -8.44
C ASN H 47 20.35 -17.33 -8.77
N ILE H 48 21.40 -17.21 -7.98
CA ILE H 48 22.62 -18.05 -8.11
C ILE H 48 22.88 -18.82 -6.81
N HIS H 49 23.66 -19.90 -6.94
CA HIS H 49 24.02 -20.74 -5.80
C HIS H 49 24.92 -20.04 -4.83
N HIS H 50 24.61 -20.25 -3.57
CA HIS H 50 25.41 -19.71 -2.49
C HIS H 50 26.27 -20.88 -2.00
N PRO H 51 27.23 -20.62 -1.10
CA PRO H 51 28.23 -21.60 -0.69
C PRO H 51 27.72 -23.01 -0.35
N GLY H 52 26.54 -23.07 0.27
CA GLY H 52 25.98 -24.33 0.76
C GLY H 52 25.48 -25.21 -0.36
N LYS H 53 25.38 -24.62 -1.55
CA LYS H 53 24.94 -25.35 -2.75
C LYS H 53 26.02 -25.46 -3.80
N LEU H 54 27.14 -24.79 -3.52
CA LEU H 54 28.36 -24.86 -4.36
C LEU H 54 29.07 -26.18 -4.17
N ALA H 55 29.55 -26.72 -5.29
CA ALA H 55 30.31 -27.97 -5.31
C ALA H 55 31.66 -27.81 -4.61
N VAL H 56 32.21 -28.94 -4.22
CA VAL H 56 33.52 -28.99 -3.55
C VAL H 56 34.60 -28.59 -4.54
N GLY H 57 35.40 -27.62 -4.15
CA GLY H 57 36.47 -27.08 -5.02
C GLY H 57 36.06 -25.82 -5.77
N ALA H 58 34.76 -25.55 -5.71
CA ALA H 58 34.17 -24.33 -6.30
C ALA H 58 34.54 -23.06 -5.56
N ASP H 59 34.72 -22.01 -6.36
CA ASP H 59 35.01 -20.65 -5.86
C ASP H 59 34.01 -19.66 -6.40
N PHE H 60 33.69 -18.68 -5.56
CA PHE H 60 32.71 -17.64 -5.89
C PHE H 60 33.23 -16.30 -5.39
N TYR H 61 33.28 -15.32 -6.31
CA TYR H 61 33.92 -14.01 -6.08
C TYR H 61 32.97 -12.84 -6.26
N CYS H 62 33.12 -11.86 -5.40
CA CYS H 62 32.54 -10.53 -5.62
C CYS H 62 33.63 -9.45 -5.48
N PHE H 63 34.06 -8.92 -6.62
CA PHE H 63 35.11 -7.92 -6.67
C PHE H 63 34.68 -6.64 -7.38
N LYS H 64 35.19 -5.51 -6.90
CA LYS H 64 35.04 -4.22 -7.63
C LYS H 64 35.29 -4.40 -9.12
N HIS H 65 34.48 -3.72 -9.90
CA HIS H 65 34.28 -4.15 -11.29
C HIS H 65 35.52 -3.97 -12.16
N LYS H 66 36.49 -3.20 -11.68
CA LYS H 66 37.65 -2.86 -12.53
C LYS H 66 38.78 -3.83 -12.26
N ILE H 67 38.57 -4.69 -11.29
CA ILE H 67 39.58 -5.62 -10.83
C ILE H 67 39.27 -7.04 -11.23
N GLU H 68 40.27 -7.71 -11.79
CA GLU H 68 40.22 -9.17 -11.98
C GLU H 68 40.77 -9.88 -10.74
N PRO H 69 40.06 -10.89 -10.21
CA PRO H 69 40.52 -11.47 -8.96
C PRO H 69 41.65 -12.50 -9.06
N LYS H 70 42.80 -12.02 -9.50
CA LYS H 70 44.06 -12.80 -9.55
C LYS H 70 45.16 -12.04 -8.82
N TRP H 71 46.14 -12.79 -8.33
CA TRP H 71 47.33 -12.22 -7.67
C TRP H 71 48.03 -11.25 -8.62
N GLU H 72 47.95 -11.56 -9.90
CA GLU H 72 48.75 -10.87 -10.92
C GLU H 72 47.96 -9.76 -11.61
N ASP H 73 46.80 -9.46 -11.06
CA ASP H 73 46.05 -8.29 -11.47
C ASP H 73 46.87 -7.12 -10.98
N PRO H 74 46.89 -6.00 -11.73
CA PRO H 74 47.75 -4.86 -11.39
C PRO H 74 47.27 -4.02 -10.18
N ILE H 75 45.98 -4.06 -9.88
CA ILE H 75 45.44 -3.38 -8.68
C ILE H 75 45.65 -4.27 -7.46
N CYS H 76 45.79 -5.55 -7.74
CA CYS H 76 45.83 -6.60 -6.72
C CYS H 76 47.26 -6.90 -6.30
N ALA H 77 48.14 -6.69 -7.24
CA ALA H 77 49.52 -7.20 -7.15
C ALA H 77 50.24 -6.81 -5.87
N ASN H 78 49.94 -5.60 -5.39
CA ASN H 78 50.70 -5.02 -4.27
C ASN H 78 49.93 -5.24 -3.00
N GLY H 79 48.91 -6.07 -3.11
CA GLY H 79 48.02 -6.34 -1.98
C GLY H 79 48.23 -7.67 -1.29
N GLY H 80 47.14 -8.11 -0.68
CA GLY H 80 47.02 -9.44 -0.02
C GLY H 80 45.60 -9.78 0.39
N LYS H 81 45.48 -10.65 1.40
CA LYS H 81 44.18 -11.17 1.84
C LYS H 81 44.05 -11.54 3.32
N TRP H 82 42.90 -11.18 3.89
CA TRP H 82 42.46 -11.75 5.19
C TRP H 82 41.58 -12.96 4.95
N THR H 83 41.71 -13.94 5.82
CA THR H 83 40.99 -15.20 5.68
C THR H 83 40.36 -15.72 6.96
N ALA H 84 39.06 -15.96 6.84
CA ALA H 84 38.24 -16.64 7.85
C ALA H 84 37.85 -18.06 7.40
N ASN H 85 37.89 -18.98 8.36
CA ASN H 85 37.57 -20.41 8.13
C ASN H 85 36.28 -20.87 8.76
N TYR H 86 35.54 -21.65 7.99
CA TYR H 86 34.25 -22.23 8.41
C TYR H 86 34.13 -23.72 8.12
N PRO H 87 33.30 -24.42 8.91
CA PRO H 87 32.91 -25.79 8.66
C PRO H 87 32.07 -25.90 7.41
N LYS H 88 32.19 -27.03 6.76
CA LYS H 88 31.41 -27.31 5.58
C LYS H 88 29.98 -26.96 5.87
N GLY H 89 29.37 -26.27 4.91
CA GLY H 89 27.92 -26.07 4.85
C GLY H 89 27.40 -24.96 5.75
N LYS H 90 28.33 -24.25 6.37
CA LYS H 90 27.97 -23.22 7.36
C LYS H 90 28.61 -21.83 7.17
N SER H 91 28.81 -21.43 5.92
CA SER H 91 29.42 -20.12 5.66
C SER H 91 28.46 -19.14 5.04
N ASP H 92 27.28 -19.62 4.69
CA ASP H 92 26.35 -18.85 3.85
C ASP H 92 26.07 -17.46 4.39
N THR H 93 25.85 -17.39 5.70
CA THR H 93 25.37 -16.16 6.33
C THR H 93 26.54 -15.20 6.52
N SER H 94 27.71 -15.76 6.82
CA SER H 94 28.94 -14.94 6.94
C SER H 94 29.39 -14.38 5.57
N TRP H 95 29.13 -15.16 4.52
CA TRP H 95 29.36 -14.72 3.14
C TRP H 95 28.48 -13.52 2.85
N LEU H 96 27.20 -13.69 3.15
CA LEU H 96 26.22 -12.62 2.96
C LEU H 96 26.68 -11.36 3.67
N TYR H 97 27.11 -11.54 4.90
CA TYR H 97 27.48 -10.40 5.74
C TYR H 97 28.71 -9.69 5.17
N THR H 98 29.53 -10.47 4.48
CA THR H 98 30.78 -9.97 3.96
C THR H 98 30.48 -9.13 2.75
N LEU H 99 29.47 -9.58 2.01
CA LEU H 99 29.04 -8.91 0.77
C LEU H 99 28.36 -7.58 1.07
N LEU H 100 27.54 -7.61 2.10
CA LEU H 100 26.74 -6.43 2.51
C LEU H 100 27.63 -5.31 3.04
N ALA H 101 28.59 -5.77 3.81
CA ALA H 101 29.59 -4.92 4.45
C ALA H 101 30.42 -4.21 3.40
N MET H 102 30.77 -4.92 2.33
CA MET H 102 31.61 -4.36 1.26
C MET H 102 30.84 -3.39 0.40
N ILE H 103 29.72 -3.87 -0.11
CA ILE H 103 28.89 -3.08 -1.04
C ILE H 103 28.25 -1.89 -0.33
N GLY H 104 28.13 -2.04 0.98
CA GLY H 104 27.56 -1.00 1.83
C GLY H 104 28.61 0.00 2.26
N GLU H 105 29.83 -0.26 1.80
CA GLU H 105 31.00 0.60 2.06
C GLU H 105 31.17 0.85 3.56
N GLN H 106 31.15 -0.23 4.34
CA GLN H 106 30.99 -0.13 5.80
C GLN H 106 32.32 -0.14 6.50
N PHE H 107 33.32 -0.56 5.74
CA PHE H 107 34.70 -0.62 6.24
C PHE H 107 35.33 0.78 6.31
N ASP H 108 36.06 0.98 7.40
CA ASP H 108 36.74 2.25 7.65
C ASP H 108 37.73 2.55 6.53
N HIS H 109 38.56 1.57 6.21
CA HIS H 109 39.58 1.76 5.18
C HIS H 109 39.15 1.05 3.92
N GLY H 110 37.86 1.10 3.67
CA GLY H 110 37.23 0.32 2.63
C GLY H 110 37.74 0.56 1.23
N ASP H 111 38.52 1.60 1.06
CA ASP H 111 38.97 1.94 -0.29
C ASP H 111 40.07 0.95 -0.66
N GLU H 112 40.51 0.23 0.35
CA GLU H 112 41.66 -0.69 0.20
C GLU H 112 41.16 -2.04 -0.22
N ILE H 113 39.83 -2.18 -0.20
CA ILE H 113 39.19 -3.47 -0.51
C ILE H 113 39.02 -3.59 -2.00
N CYS H 114 39.34 -4.79 -2.47
CA CYS H 114 39.30 -5.15 -3.88
C CYS H 114 38.05 -5.99 -4.11
N GLY H 115 37.96 -7.01 -3.28
CA GLY H 115 36.75 -7.83 -3.17
C GLY H 115 36.91 -9.02 -2.25
N ALA H 116 35.92 -9.90 -2.31
CA ALA H 116 35.90 -11.08 -1.45
C ALA H 116 35.60 -12.34 -2.26
N VAL H 117 36.03 -13.46 -1.71
CA VAL H 117 35.77 -14.73 -2.33
C VAL H 117 35.39 -15.73 -1.27
N VAL H 118 34.69 -16.76 -1.72
CA VAL H 118 34.32 -17.88 -0.85
C VAL H 118 34.73 -19.13 -1.59
N ASN H 119 35.53 -19.93 -0.88
CA ASN H 119 36.10 -21.16 -1.41
C ASN H 119 35.48 -22.32 -0.66
N VAL H 120 34.71 -23.11 -1.39
CA VAL H 120 34.06 -24.29 -0.85
C VAL H 120 34.91 -25.49 -1.11
N ARG H 121 35.20 -26.20 -0.02
CA ARG H 121 36.03 -27.41 -0.01
C ARG H 121 35.40 -28.58 0.71
N GLY H 122 36.21 -29.63 0.85
CA GLY H 122 35.74 -30.97 1.17
C GLY H 122 35.01 -31.04 2.48
N ARG H 123 35.66 -30.49 3.50
CA ARG H 123 35.12 -30.46 4.86
C ARG H 123 35.31 -29.09 5.52
N ALA H 124 35.34 -28.08 4.67
CA ALA H 124 35.68 -26.73 5.10
C ALA H 124 35.33 -25.67 4.06
N GLU H 125 35.13 -24.46 4.56
CA GLU H 125 34.87 -23.31 3.69
C GLU H 125 35.58 -22.08 4.18
N LYS H 126 36.25 -21.44 3.23
CA LYS H 126 37.01 -20.25 3.51
C LYS H 126 36.28 -19.07 2.93
N ILE H 127 36.38 -17.95 3.61
CA ILE H 127 36.13 -16.66 3.00
C ILE H 127 37.33 -15.76 3.20
N SER H 128 37.74 -15.09 2.14
CA SER H 128 38.82 -14.12 2.20
C SER H 128 38.39 -12.78 1.65
N ILE H 129 38.84 -11.72 2.30
CA ILE H 129 38.73 -10.36 1.72
C ILE H 129 40.09 -10.01 1.18
N TRP H 130 40.10 -9.66 -0.11
CA TRP H 130 41.31 -9.23 -0.81
C TRP H 130 41.42 -7.73 -0.72
N THR H 131 42.63 -7.28 -0.43
CA THR H 131 42.92 -5.85 -0.39
C THR H 131 44.12 -5.46 -1.21
N LYS H 132 44.19 -4.16 -1.38
CA LYS H 132 45.25 -3.49 -2.15
C LYS H 132 46.56 -3.36 -1.39
N ASN H 133 46.76 -2.15 -0.91
CA ASN H 133 48.06 -1.71 -0.38
C ASN H 133 48.51 -2.39 0.91
N ALA H 134 49.10 -3.59 0.73
CA ALA H 134 49.48 -4.48 1.85
C ALA H 134 50.53 -3.89 2.81
N SER H 135 51.37 -2.99 2.30
CA SER H 135 52.44 -2.37 3.10
C SER H 135 51.83 -1.41 4.12
N ASN H 136 50.54 -1.18 3.97
CA ASN H 136 49.81 -0.24 4.85
C ASN H 136 49.18 -0.97 6.01
N GLU H 137 49.99 -1.31 6.99
CA GLU H 137 49.56 -2.22 8.07
C GLU H 137 48.34 -1.70 8.84
N ALA H 138 48.26 -0.38 8.96
CA ALA H 138 47.22 0.24 9.80
C ALA H 138 45.84 0.04 9.18
N ALA H 139 45.85 0.01 7.86
CA ALA H 139 44.61 0.01 7.07
C ALA H 139 44.13 -1.42 6.94
N GLN H 140 45.11 -2.31 6.95
CA GLN H 140 44.88 -3.74 6.75
C GLN H 140 44.33 -4.33 8.03
N VAL H 141 44.99 -3.91 9.08
CA VAL H 141 44.68 -4.32 10.45
C VAL H 141 43.27 -3.85 10.82
N SER H 142 42.97 -2.63 10.41
CA SER H 142 41.64 -2.02 10.62
C SER H 142 40.55 -2.83 9.95
N ILE H 143 40.79 -3.11 8.69
CA ILE H 143 39.86 -3.92 7.91
C ILE H 143 39.61 -5.26 8.57
N GLY H 144 40.67 -5.83 9.10
CA GLY H 144 40.61 -7.21 9.61
C GLY H 144 39.85 -7.28 10.90
N LYS H 145 40.03 -6.24 11.71
CA LYS H 145 39.41 -6.19 13.02
C LYS H 145 37.91 -6.01 12.89
N GLN H 146 37.48 -5.11 12.01
CA GLN H 146 36.05 -4.86 11.88
C GLN H 146 35.35 -5.94 11.06
N TRP H 147 36.07 -6.55 10.14
CA TRP H 147 35.55 -7.74 9.47
C TRP H 147 35.20 -8.79 10.55
N LYS H 148 36.10 -8.94 11.51
CA LYS H 148 35.93 -9.93 12.61
C LYS H 148 34.66 -9.67 13.42
N GLU H 149 34.39 -8.39 13.60
CA GLU H 149 33.18 -7.93 14.29
C GLU H 149 31.95 -8.18 13.43
N PHE H 150 32.01 -7.67 12.22
CA PHE H 150 30.90 -7.92 11.28
C PHE H 150 30.49 -9.41 11.28
N LEU H 151 31.47 -10.31 11.39
CA LEU H 151 31.24 -11.75 11.23
C LEU H 151 30.94 -12.40 12.55
N ASP H 152 31.27 -11.68 13.60
CA ASP H 152 31.29 -12.29 14.93
C ASP H 152 32.25 -13.46 14.86
N TYR H 153 33.37 -13.21 14.19
CA TYR H 153 34.45 -14.20 14.08
C TYR H 153 35.39 -14.18 15.29
N ASN H 154 35.34 -15.23 16.09
CA ASN H 154 36.08 -15.25 17.35
C ASN H 154 37.25 -16.24 17.35
N GLU H 155 37.87 -16.36 16.18
CA GLU H 155 39.22 -16.95 16.08
C GLU H 155 40.16 -15.95 15.50
N THR H 156 41.41 -16.36 15.41
CA THR H 156 42.43 -15.50 14.86
C THR H 156 42.34 -15.63 13.37
N MET H 157 42.63 -14.55 12.66
CA MET H 157 42.75 -14.57 11.22
C MET H 157 43.96 -13.81 10.72
N GLY H 158 44.58 -14.36 9.68
CA GLY H 158 45.84 -13.86 9.14
C GLY H 158 45.74 -13.17 7.82
N PHE H 159 46.72 -12.32 7.56
CA PHE H 159 46.84 -11.58 6.28
C PHE H 159 48.09 -12.01 5.57
N ILE H 160 47.87 -12.61 4.39
CA ILE H 160 48.95 -13.01 3.49
C ILE H 160 49.08 -12.06 2.31
N PHE H 161 50.31 -11.58 2.14
CA PHE H 161 50.69 -10.73 1.02
C PHE H 161 50.57 -11.57 -0.24
N HIS H 162 50.20 -10.94 -1.34
CA HIS H 162 50.01 -11.66 -2.61
C HIS H 162 51.36 -11.87 -3.28
N ASP H 163 52.35 -11.14 -2.78
CA ASP H 163 53.70 -11.20 -3.36
C ASP H 163 54.32 -12.47 -2.83
N ASP H 164 53.95 -12.77 -1.58
CA ASP H 164 54.48 -13.95 -0.88
C ASP H 164 53.78 -15.19 -1.34
N ALA H 165 52.79 -15.00 -2.20
CA ALA H 165 51.93 -16.09 -2.68
C ALA H 165 52.30 -16.56 -4.10
N ALA H 172 54.19 -19.23 1.82
CA ALA H 172 53.64 -17.97 2.32
C ALA H 172 53.04 -18.12 3.71
N LYS H 173 53.41 -17.18 4.58
CA LYS H 173 52.88 -17.09 5.95
C LYS H 173 52.10 -15.79 6.19
N ASN H 174 51.52 -15.69 7.38
CA ASN H 174 50.79 -14.48 7.81
C ASN H 174 51.69 -13.33 8.25
N LYS H 175 51.55 -12.20 7.57
CA LYS H 175 52.27 -10.96 7.93
C LYS H 175 51.56 -10.19 9.05
N TYR H 176 50.24 -10.25 9.03
CA TYR H 176 49.43 -9.64 10.09
C TYR H 176 48.43 -10.66 10.65
N VAL H 177 48.18 -10.51 11.94
CA VAL H 177 47.12 -11.27 12.62
C VAL H 177 46.28 -10.39 13.53
N VAL H 178 45.01 -10.74 13.60
CA VAL H 178 44.04 -10.05 14.46
C VAL H 178 43.04 -11.03 15.07
#